data_8GAC
# 
_entry.id   8GAC 
# 
_audit_conform.dict_name       mmcif_pdbx.dic 
_audit_conform.dict_version    5.397 
_audit_conform.dict_location   http://mmcif.pdb.org/dictionaries/ascii/mmcif_pdbx.dic 
# 
loop_
_database_2.database_id 
_database_2.database_code 
_database_2.pdbx_database_accession 
_database_2.pdbx_DOI 
PDB   8GAC         pdb_00008gac 10.2210/pdb8gac/pdb 
WWPDB D_1000272459 ?            ?                   
# 
loop_
_pdbx_audit_revision_history.ordinal 
_pdbx_audit_revision_history.data_content_type 
_pdbx_audit_revision_history.major_revision 
_pdbx_audit_revision_history.minor_revision 
_pdbx_audit_revision_history.revision_date 
1 'Structure model' 1 0 2024-08-21 
2 'Structure model' 1 1 2024-08-28 
3 'Structure model' 1 2 2024-10-16 
4 'Structure model' 1 3 2024-10-23 
# 
_pdbx_audit_revision_details.ordinal             1 
_pdbx_audit_revision_details.revision_ordinal    1 
_pdbx_audit_revision_details.data_content_type   'Structure model' 
_pdbx_audit_revision_details.provider            repository 
_pdbx_audit_revision_details.type                'Initial release' 
_pdbx_audit_revision_details.description         ? 
_pdbx_audit_revision_details.details             ? 
# 
loop_
_pdbx_audit_revision_group.ordinal 
_pdbx_audit_revision_group.revision_ordinal 
_pdbx_audit_revision_group.data_content_type 
_pdbx_audit_revision_group.group 
1 2 'Structure model' 'Database references' 
2 3 'Structure model' 'Structure summary'   
3 4 'Structure model' 'Structure summary'   
# 
loop_
_pdbx_audit_revision_category.ordinal 
_pdbx_audit_revision_category.revision_ordinal 
_pdbx_audit_revision_category.data_content_type 
_pdbx_audit_revision_category.category 
1 2 'Structure model' citation           
2 2 'Structure model' citation_author    
3 3 'Structure model' audit_author       
4 3 'Structure model' pdbx_entry_details 
5 4 'Structure model' audit_author       
# 
loop_
_pdbx_audit_revision_item.ordinal 
_pdbx_audit_revision_item.revision_ordinal 
_pdbx_audit_revision_item.data_content_type 
_pdbx_audit_revision_item.item 
1  2 'Structure model' '_citation.country'                            
2  2 'Structure model' '_citation.journal_abbrev'                     
3  2 'Structure model' '_citation.journal_id_CSD'                     
4  2 'Structure model' '_citation.journal_id_ISSN'                    
5  2 'Structure model' '_citation.pdbx_database_id_DOI'               
6  2 'Structure model' '_citation.pdbx_database_id_PubMed'            
7  2 'Structure model' '_citation.title'                              
8  2 'Structure model' '_citation.year'                               
9  3 'Structure model' '_pdbx_entry_details.has_protein_modification' 
10 4 'Structure model' '_audit_author.identifier_ORCID'               
11 4 'Structure model' '_audit_author.name'                           
# 
_pdbx_database_status.status_code                     REL 
_pdbx_database_status.status_code_sf                  REL 
_pdbx_database_status.status_code_mr                  ? 
_pdbx_database_status.entry_id                        8GAC 
_pdbx_database_status.recvd_initial_deposition_date   2023-02-22 
_pdbx_database_status.SG_entry                        N 
_pdbx_database_status.deposit_site                    RCSB 
_pdbx_database_status.process_site                    RCSB 
_pdbx_database_status.status_code_cs                  ? 
_pdbx_database_status.status_code_nmr_data            ? 
_pdbx_database_status.methods_development_category    ? 
_pdbx_database_status.pdb_format_compatible           Y 
# 
_pdbx_contact_author.id                 2 
_pdbx_contact_author.email              agnidipta.ghosh@einsteinmed.edu 
_pdbx_contact_author.name_first         Agnidipta 
_pdbx_contact_author.name_last          Ghosh 
_pdbx_contact_author.name_mi            ? 
_pdbx_contact_author.role               'principal investigator/group leader' 
_pdbx_contact_author.identifier_ORCID   0000-0002-7753-0240 
# 
loop_
_audit_author.name 
_audit_author.pdbx_ordinal 
_audit_author.identifier_ORCID 
'Yang, W.'   1 0000-0003-0637-6327 
'Almo, S.C.' 2 0000-0003-2591-5234 
'Baker, D.'  3 0000-0001-7896-6217 
'Ghosh, A.'  4 0000-0002-7753-0240 
# 
_citation.abstract                  ? 
_citation.abstract_id_CAS           ? 
_citation.book_id_ISBN              ? 
_citation.book_publisher            ? 
_citation.book_publisher_city       ? 
_citation.book_title                ? 
_citation.coordinate_linkage        ? 
_citation.country                   US 
_citation.database_id_Medline       ? 
_citation.details                   ? 
_citation.id                        primary 
_citation.journal_abbrev            Biorxiv 
_citation.journal_id_ASTM           ? 
_citation.journal_id_CSD            ? 
_citation.journal_id_ISSN           2692-8205 
_citation.journal_full              ? 
_citation.journal_issue             ? 
_citation.journal_volume            ? 
_citation.language                  ? 
_citation.page_first                ? 
_citation.page_last                 ? 
_citation.title                     'Design of High Affinity Binders to Convex Protein Target Sites.' 
_citation.year                      2024 
_citation.database_id_CSD           ? 
_citation.pdbx_database_id_DOI      10.1101/2024.05.01.592114 
_citation.pdbx_database_id_PubMed   38746206 
_citation.pdbx_database_id_patent   ? 
_citation.unpublished_flag          ? 
# 
loop_
_citation_author.citation_id 
_citation_author.name 
_citation_author.ordinal 
_citation_author.identifier_ORCID 
primary 'Yang, W.'           1  ? 
primary 'Hicks, D.R.'        2  ? 
primary 'Ghosh, A.'          3  ? 
primary 'Schwartze, T.A.'    4  ? 
primary 'Conventry, B.'      5  ? 
primary 'Goreshnik, I.'      6  ? 
primary 'Allen, A.'          7  ? 
primary 'Halabiya, S.F.'     8  ? 
primary 'Kim, C.J.'          9  ? 
primary 'Hinck, C.S.'        10 ? 
primary 'Lee, D.S.'          11 ? 
primary 'Bera, A.K.'         12 ? 
primary 'Li, Z.'             13 ? 
primary 'Wang, Y.'           14 ? 
primary 'Schlichthaerle, T.' 15 ? 
primary 'Cao, L.'            16 ? 
primary 'Huang, B.'          17 ? 
primary 'Garrett, S.'        18 ? 
primary 'Gerben, S.R.'       19 ? 
primary 'Rettie, S.'         20 ? 
primary 'Heine, P.'          21 ? 
primary 'Murray, A.'         22 ? 
primary 'Edman, N.'          23 ? 
primary 'Carter, L.'         24 ? 
primary 'Stewart, L.'        25 ? 
primary 'Almo, S.'           26 ? 
primary 'Hinck, A.P.'        27 ? 
primary 'Baker, D.'          28 ? 
# 
loop_
_entity.id 
_entity.type 
_entity.src_method 
_entity.pdbx_description 
_entity.formula_weight 
_entity.pdbx_number_of_molecules 
_entity.pdbx_ec 
_entity.pdbx_mutation 
_entity.pdbx_fragment 
_entity.details 
1 polymer     man 'CTLA-4 binder' 12636.498 1  ? ? ? ? 
2 non-polymer syn 1,2-ETHANEDIOL  62.068    1  ? ? ? ? 
3 water       nat water           18.015    63 ? ? ? ? 
# 
_entity_poly.entity_id                      1 
_entity_poly.type                           'polypeptide(L)' 
_entity_poly.nstd_linkage                   no 
_entity_poly.nstd_monomer                   no 
_entity_poly.pdbx_seq_one_letter_code       
;SNNLEEEVQKLLYELSEIWHQHDHEASREALHRVLEVLKQLLEHNNLEQAVELISIAVHVAVRVNNEHVIRELHHLLRRL
LKQVKEHNNNKLYIAVMSVIMQLERT
;
_entity_poly.pdbx_seq_one_letter_code_can   
;SNNLEEEVQKLLYELSEIWHQHDHEASREALHRVLEVLKQLLEHNNLEQAVELISIAVHVAVRVNNEHVIRELHHLLRRL
LKQVKEHNNNKLYIAVMSVIMQLERT
;
_entity_poly.pdbx_strand_id                 A 
_entity_poly.pdbx_target_identifier         ? 
# 
loop_
_pdbx_entity_nonpoly.entity_id 
_pdbx_entity_nonpoly.name 
_pdbx_entity_nonpoly.comp_id 
2 1,2-ETHANEDIOL EDO 
3 water          HOH 
# 
loop_
_entity_poly_seq.entity_id 
_entity_poly_seq.num 
_entity_poly_seq.mon_id 
_entity_poly_seq.hetero 
1 1   SER n 
1 2   ASN n 
1 3   ASN n 
1 4   LEU n 
1 5   GLU n 
1 6   GLU n 
1 7   GLU n 
1 8   VAL n 
1 9   GLN n 
1 10  LYS n 
1 11  LEU n 
1 12  LEU n 
1 13  TYR n 
1 14  GLU n 
1 15  LEU n 
1 16  SER n 
1 17  GLU n 
1 18  ILE n 
1 19  TRP n 
1 20  HIS n 
1 21  GLN n 
1 22  HIS n 
1 23  ASP n 
1 24  HIS n 
1 25  GLU n 
1 26  ALA n 
1 27  SER n 
1 28  ARG n 
1 29  GLU n 
1 30  ALA n 
1 31  LEU n 
1 32  HIS n 
1 33  ARG n 
1 34  VAL n 
1 35  LEU n 
1 36  GLU n 
1 37  VAL n 
1 38  LEU n 
1 39  LYS n 
1 40  GLN n 
1 41  LEU n 
1 42  LEU n 
1 43  GLU n 
1 44  HIS n 
1 45  ASN n 
1 46  ASN n 
1 47  LEU n 
1 48  GLU n 
1 49  GLN n 
1 50  ALA n 
1 51  VAL n 
1 52  GLU n 
1 53  LEU n 
1 54  ILE n 
1 55  SER n 
1 56  ILE n 
1 57  ALA n 
1 58  VAL n 
1 59  HIS n 
1 60  VAL n 
1 61  ALA n 
1 62  VAL n 
1 63  ARG n 
1 64  VAL n 
1 65  ASN n 
1 66  ASN n 
1 67  GLU n 
1 68  HIS n 
1 69  VAL n 
1 70  ILE n 
1 71  ARG n 
1 72  GLU n 
1 73  LEU n 
1 74  HIS n 
1 75  HIS n 
1 76  LEU n 
1 77  LEU n 
1 78  ARG n 
1 79  ARG n 
1 80  LEU n 
1 81  LEU n 
1 82  LYS n 
1 83  GLN n 
1 84  VAL n 
1 85  LYS n 
1 86  GLU n 
1 87  HIS n 
1 88  ASN n 
1 89  ASN n 
1 90  ASN n 
1 91  LYS n 
1 92  LEU n 
1 93  TYR n 
1 94  ILE n 
1 95  ALA n 
1 96  VAL n 
1 97  MET n 
1 98  SER n 
1 99  VAL n 
1 100 ILE n 
1 101 MET n 
1 102 GLN n 
1 103 LEU n 
1 104 GLU n 
1 105 ARG n 
1 106 THR n 
# 
_entity_src_gen.entity_id                          1 
_entity_src_gen.pdbx_src_id                        1 
_entity_src_gen.pdbx_alt_source_flag               sample 
_entity_src_gen.pdbx_seq_type                      'Biological sequence' 
_entity_src_gen.pdbx_beg_seq_num                   1 
_entity_src_gen.pdbx_end_seq_num                   106 
_entity_src_gen.gene_src_common_name               ? 
_entity_src_gen.gene_src_genus                     ? 
_entity_src_gen.pdbx_gene_src_gene                 ? 
_entity_src_gen.gene_src_species                   ? 
_entity_src_gen.gene_src_strain                    ? 
_entity_src_gen.gene_src_tissue                    ? 
_entity_src_gen.gene_src_tissue_fraction           ? 
_entity_src_gen.gene_src_details                   ? 
_entity_src_gen.pdbx_gene_src_fragment             ? 
_entity_src_gen.pdbx_gene_src_scientific_name      'synthetic construct' 
_entity_src_gen.pdbx_gene_src_ncbi_taxonomy_id     32630 
_entity_src_gen.pdbx_gene_src_variant              ? 
_entity_src_gen.pdbx_gene_src_cell_line            ? 
_entity_src_gen.pdbx_gene_src_atcc                 ? 
_entity_src_gen.pdbx_gene_src_organ                ? 
_entity_src_gen.pdbx_gene_src_organelle            ? 
_entity_src_gen.pdbx_gene_src_cell                 ? 
_entity_src_gen.pdbx_gene_src_cellular_location    ? 
_entity_src_gen.host_org_common_name               ? 
_entity_src_gen.pdbx_host_org_scientific_name      'Escherichia coli BL21(DE3)' 
_entity_src_gen.pdbx_host_org_ncbi_taxonomy_id     469008 
_entity_src_gen.host_org_genus                     ? 
_entity_src_gen.pdbx_host_org_gene                 ? 
_entity_src_gen.pdbx_host_org_organ                ? 
_entity_src_gen.host_org_species                   ? 
_entity_src_gen.pdbx_host_org_tissue               ? 
_entity_src_gen.pdbx_host_org_tissue_fraction      ? 
_entity_src_gen.pdbx_host_org_strain               ? 
_entity_src_gen.pdbx_host_org_variant              ? 
_entity_src_gen.pdbx_host_org_cell_line            ? 
_entity_src_gen.pdbx_host_org_atcc                 ? 
_entity_src_gen.pdbx_host_org_culture_collection   ? 
_entity_src_gen.pdbx_host_org_cell                 ? 
_entity_src_gen.pdbx_host_org_organelle            ? 
_entity_src_gen.pdbx_host_org_cellular_location    ? 
_entity_src_gen.pdbx_host_org_vector_type          bacterial 
_entity_src_gen.pdbx_host_org_vector               ? 
_entity_src_gen.host_org_details                   ? 
_entity_src_gen.expression_system_id               ? 
_entity_src_gen.plasmid_name                       pET29 
_entity_src_gen.plasmid_details                    ? 
_entity_src_gen.pdbx_description                   ? 
# 
loop_
_chem_comp.id 
_chem_comp.type 
_chem_comp.mon_nstd_flag 
_chem_comp.name 
_chem_comp.pdbx_synonyms 
_chem_comp.formula 
_chem_comp.formula_weight 
ALA 'L-peptide linking' y ALANINE         ?                 'C3 H7 N O2'     89.093  
ARG 'L-peptide linking' y ARGININE        ?                 'C6 H15 N4 O2 1' 175.209 
ASN 'L-peptide linking' y ASPARAGINE      ?                 'C4 H8 N2 O3'    132.118 
ASP 'L-peptide linking' y 'ASPARTIC ACID' ?                 'C4 H7 N O4'     133.103 
EDO non-polymer         . 1,2-ETHANEDIOL  'ETHYLENE GLYCOL' 'C2 H6 O2'       62.068  
GLN 'L-peptide linking' y GLUTAMINE       ?                 'C5 H10 N2 O3'   146.144 
GLU 'L-peptide linking' y 'GLUTAMIC ACID' ?                 'C5 H9 N O4'     147.129 
HIS 'L-peptide linking' y HISTIDINE       ?                 'C6 H10 N3 O2 1' 156.162 
HOH non-polymer         . WATER           ?                 'H2 O'           18.015  
ILE 'L-peptide linking' y ISOLEUCINE      ?                 'C6 H13 N O2'    131.173 
LEU 'L-peptide linking' y LEUCINE         ?                 'C6 H13 N O2'    131.173 
LYS 'L-peptide linking' y LYSINE          ?                 'C6 H15 N2 O2 1' 147.195 
MET 'L-peptide linking' y METHIONINE      ?                 'C5 H11 N O2 S'  149.211 
SER 'L-peptide linking' y SERINE          ?                 'C3 H7 N O3'     105.093 
THR 'L-peptide linking' y THREONINE       ?                 'C4 H9 N O3'     119.119 
TRP 'L-peptide linking' y TRYPTOPHAN      ?                 'C11 H12 N2 O2'  204.225 
TYR 'L-peptide linking' y TYROSINE        ?                 'C9 H11 N O3'    181.189 
VAL 'L-peptide linking' y VALINE          ?                 'C5 H11 N O2'    117.146 
# 
loop_
_pdbx_poly_seq_scheme.asym_id 
_pdbx_poly_seq_scheme.entity_id 
_pdbx_poly_seq_scheme.seq_id 
_pdbx_poly_seq_scheme.mon_id 
_pdbx_poly_seq_scheme.ndb_seq_num 
_pdbx_poly_seq_scheme.pdb_seq_num 
_pdbx_poly_seq_scheme.auth_seq_num 
_pdbx_poly_seq_scheme.pdb_mon_id 
_pdbx_poly_seq_scheme.auth_mon_id 
_pdbx_poly_seq_scheme.pdb_strand_id 
_pdbx_poly_seq_scheme.pdb_ins_code 
_pdbx_poly_seq_scheme.hetero 
A 1 1   SER 1   0   ?   ?   ?   A . n 
A 1 2   ASN 2   1   1   ASN ASN A . n 
A 1 3   ASN 3   2   2   ASN ASN A . n 
A 1 4   LEU 4   3   3   LEU LEU A . n 
A 1 5   GLU 5   4   4   GLU GLU A . n 
A 1 6   GLU 6   5   5   GLU GLU A . n 
A 1 7   GLU 7   6   6   GLU GLU A . n 
A 1 8   VAL 8   7   7   VAL VAL A . n 
A 1 9   GLN 9   8   8   GLN GLN A . n 
A 1 10  LYS 10  9   9   LYS LYS A . n 
A 1 11  LEU 11  10  10  LEU LEU A . n 
A 1 12  LEU 12  11  11  LEU LEU A . n 
A 1 13  TYR 13  12  12  TYR TYR A . n 
A 1 14  GLU 14  13  13  GLU GLU A . n 
A 1 15  LEU 15  14  14  LEU LEU A . n 
A 1 16  SER 16  15  15  SER SER A . n 
A 1 17  GLU 17  16  16  GLU GLU A . n 
A 1 18  ILE 18  17  17  ILE ILE A . n 
A 1 19  TRP 19  18  18  TRP TRP A . n 
A 1 20  HIS 20  19  19  HIS HIS A . n 
A 1 21  GLN 21  20  20  GLN GLN A . n 
A 1 22  HIS 22  21  21  HIS HIS A . n 
A 1 23  ASP 23  22  22  ASP ASP A . n 
A 1 24  HIS 24  23  23  HIS HIS A . n 
A 1 25  GLU 25  24  24  GLU GLU A . n 
A 1 26  ALA 26  25  25  ALA ALA A . n 
A 1 27  SER 27  26  26  SER SER A . n 
A 1 28  ARG 28  27  27  ARG ARG A . n 
A 1 29  GLU 29  28  28  GLU GLU A . n 
A 1 30  ALA 30  29  29  ALA ALA A . n 
A 1 31  LEU 31  30  30  LEU LEU A . n 
A 1 32  HIS 32  31  31  HIS HIS A . n 
A 1 33  ARG 33  32  32  ARG ARG A . n 
A 1 34  VAL 34  33  33  VAL VAL A . n 
A 1 35  LEU 35  34  34  LEU LEU A . n 
A 1 36  GLU 36  35  35  GLU GLU A . n 
A 1 37  VAL 37  36  36  VAL VAL A . n 
A 1 38  LEU 38  37  37  LEU LEU A . n 
A 1 39  LYS 39  38  38  LYS LYS A . n 
A 1 40  GLN 40  39  39  GLN GLN A . n 
A 1 41  LEU 41  40  40  LEU LEU A . n 
A 1 42  LEU 42  41  41  LEU LEU A . n 
A 1 43  GLU 43  42  42  GLU GLU A . n 
A 1 44  HIS 44  43  43  HIS HIS A . n 
A 1 45  ASN 45  44  44  ASN ASN A . n 
A 1 46  ASN 46  45  45  ASN ASN A . n 
A 1 47  LEU 47  46  46  LEU LEU A . n 
A 1 48  GLU 48  47  47  GLU GLU A . n 
A 1 49  GLN 49  48  48  GLN GLN A . n 
A 1 50  ALA 50  49  49  ALA ALA A . n 
A 1 51  VAL 51  50  50  VAL VAL A . n 
A 1 52  GLU 52  51  51  GLU GLU A . n 
A 1 53  LEU 53  52  52  LEU LEU A . n 
A 1 54  ILE 54  53  53  ILE ILE A . n 
A 1 55  SER 55  54  54  SER SER A . n 
A 1 56  ILE 56  55  55  ILE ILE A . n 
A 1 57  ALA 57  56  56  ALA ALA A . n 
A 1 58  VAL 58  57  57  VAL VAL A . n 
A 1 59  HIS 59  58  58  HIS HIS A . n 
A 1 60  VAL 60  59  59  VAL VAL A . n 
A 1 61  ALA 61  60  60  ALA ALA A . n 
A 1 62  VAL 62  61  61  VAL VAL A . n 
A 1 63  ARG 63  62  62  ARG ARG A . n 
A 1 64  VAL 64  63  63  VAL VAL A . n 
A 1 65  ASN 65  64  64  ASN ASN A . n 
A 1 66  ASN 66  65  65  ASN ASN A . n 
A 1 67  GLU 67  66  66  GLU GLU A . n 
A 1 68  HIS 68  67  67  HIS HIS A . n 
A 1 69  VAL 69  68  68  VAL VAL A . n 
A 1 70  ILE 70  69  69  ILE ILE A . n 
A 1 71  ARG 71  70  70  ARG ARG A . n 
A 1 72  GLU 72  71  71  GLU GLU A . n 
A 1 73  LEU 73  72  72  LEU LEU A . n 
A 1 74  HIS 74  73  73  HIS HIS A . n 
A 1 75  HIS 75  74  74  HIS HIS A . n 
A 1 76  LEU 76  75  75  LEU LEU A . n 
A 1 77  LEU 77  76  76  LEU LEU A . n 
A 1 78  ARG 78  77  77  ARG ARG A . n 
A 1 79  ARG 79  78  78  ARG ARG A . n 
A 1 80  LEU 80  79  79  LEU LEU A . n 
A 1 81  LEU 81  80  80  LEU LEU A . n 
A 1 82  LYS 82  81  81  LYS LYS A . n 
A 1 83  GLN 83  82  82  GLN GLN A . n 
A 1 84  VAL 84  83  83  VAL VAL A . n 
A 1 85  LYS 85  84  84  LYS LYS A . n 
A 1 86  GLU 86  85  85  GLU GLU A . n 
A 1 87  HIS 87  86  86  HIS HIS A . n 
A 1 88  ASN 88  87  87  ASN ASN A . n 
A 1 89  ASN 89  88  88  ASN ASN A . n 
A 1 90  ASN 90  89  89  ASN ASN A . n 
A 1 91  LYS 91  90  90  LYS LYS A . n 
A 1 92  LEU 92  91  91  LEU LEU A . n 
A 1 93  TYR 93  92  92  TYR TYR A . n 
A 1 94  ILE 94  93  93  ILE ILE A . n 
A 1 95  ALA 95  94  94  ALA ALA A . n 
A 1 96  VAL 96  95  95  VAL VAL A . n 
A 1 97  MET 97  96  96  MET MET A . n 
A 1 98  SER 98  97  97  SER SER A . n 
A 1 99  VAL 99  98  98  VAL VAL A . n 
A 1 100 ILE 100 99  99  ILE ILE A . n 
A 1 101 MET 101 100 100 MET MET A . n 
A 1 102 GLN 102 101 101 GLN GLN A . n 
A 1 103 LEU 103 102 102 LEU LEU A . n 
A 1 104 GLU 104 103 103 GLU GLU A . n 
A 1 105 ARG 105 104 ?   ?   ?   A . n 
A 1 106 THR 106 105 ?   ?   ?   A . n 
# 
loop_
_pdbx_nonpoly_scheme.asym_id 
_pdbx_nonpoly_scheme.entity_id 
_pdbx_nonpoly_scheme.mon_id 
_pdbx_nonpoly_scheme.ndb_seq_num 
_pdbx_nonpoly_scheme.pdb_seq_num 
_pdbx_nonpoly_scheme.auth_seq_num 
_pdbx_nonpoly_scheme.pdb_mon_id 
_pdbx_nonpoly_scheme.auth_mon_id 
_pdbx_nonpoly_scheme.pdb_strand_id 
_pdbx_nonpoly_scheme.pdb_ins_code 
B 2 EDO 1  201 201 EDO EDO A . 
C 3 HOH 1  301 55  HOH HOH A . 
C 3 HOH 2  302 27  HOH HOH A . 
C 3 HOH 3  303 23  HOH HOH A . 
C 3 HOH 4  304 10  HOH HOH A . 
C 3 HOH 5  305 32  HOH HOH A . 
C 3 HOH 6  306 18  HOH HOH A . 
C 3 HOH 7  307 7   HOH HOH A . 
C 3 HOH 8  308 29  HOH HOH A . 
C 3 HOH 9  309 22  HOH HOH A . 
C 3 HOH 10 310 13  HOH HOH A . 
C 3 HOH 11 311 3   HOH HOH A . 
C 3 HOH 12 312 12  HOH HOH A . 
C 3 HOH 13 313 38  HOH HOH A . 
C 3 HOH 14 314 40  HOH HOH A . 
C 3 HOH 15 315 16  HOH HOH A . 
C 3 HOH 16 316 33  HOH HOH A . 
C 3 HOH 17 317 20  HOH HOH A . 
C 3 HOH 18 318 43  HOH HOH A . 
C 3 HOH 19 319 14  HOH HOH A . 
C 3 HOH 20 320 6   HOH HOH A . 
C 3 HOH 21 321 47  HOH HOH A . 
C 3 HOH 22 322 31  HOH HOH A . 
C 3 HOH 23 323 1   HOH HOH A . 
C 3 HOH 24 324 4   HOH HOH A . 
C 3 HOH 25 325 54  HOH HOH A . 
C 3 HOH 26 326 11  HOH HOH A . 
C 3 HOH 27 327 35  HOH HOH A . 
C 3 HOH 28 328 2   HOH HOH A . 
C 3 HOH 29 329 53  HOH HOH A . 
C 3 HOH 30 330 8   HOH HOH A . 
C 3 HOH 31 331 24  HOH HOH A . 
C 3 HOH 32 332 5   HOH HOH A . 
C 3 HOH 33 333 46  HOH HOH A . 
C 3 HOH 34 334 25  HOH HOH A . 
C 3 HOH 35 335 28  HOH HOH A . 
C 3 HOH 36 336 9   HOH HOH A . 
C 3 HOH 37 337 36  HOH HOH A . 
C 3 HOH 38 338 37  HOH HOH A . 
C 3 HOH 39 339 21  HOH HOH A . 
C 3 HOH 40 340 17  HOH HOH A . 
C 3 HOH 41 341 39  HOH HOH A . 
C 3 HOH 42 342 30  HOH HOH A . 
C 3 HOH 43 343 56  HOH HOH A . 
C 3 HOH 44 344 57  HOH HOH A . 
C 3 HOH 45 345 19  HOH HOH A . 
C 3 HOH 46 346 50  HOH HOH A . 
C 3 HOH 47 347 26  HOH HOH A . 
C 3 HOH 48 348 49  HOH HOH A . 
C 3 HOH 49 349 62  HOH HOH A . 
C 3 HOH 50 350 42  HOH HOH A . 
C 3 HOH 51 351 48  HOH HOH A . 
C 3 HOH 52 352 15  HOH HOH A . 
C 3 HOH 53 353 60  HOH HOH A . 
C 3 HOH 54 354 59  HOH HOH A . 
C 3 HOH 55 355 34  HOH HOH A . 
C 3 HOH 56 356 63  HOH HOH A . 
C 3 HOH 57 357 61  HOH HOH A . 
C 3 HOH 58 358 52  HOH HOH A . 
C 3 HOH 59 359 44  HOH HOH A . 
C 3 HOH 60 360 58  HOH HOH A . 
C 3 HOH 61 361 45  HOH HOH A . 
C 3 HOH 62 362 41  HOH HOH A . 
C 3 HOH 63 363 51  HOH HOH A . 
# 
loop_
_software.citation_id 
_software.classification 
_software.compiler_name 
_software.compiler_version 
_software.contact_author 
_software.contact_author_email 
_software.date 
_software.description 
_software.dependencies 
_software.hardware 
_software.language 
_software.location 
_software.mods 
_software.name 
_software.os 
_software.os_version 
_software.type 
_software.version 
_software.pdbx_ordinal 
? refinement       ? ? ? ? ? ? ? ? ? ? ? PHENIX   ? ? ? 1.20.1_4487 1 
? 'data scaling'   ? ? ? ? ? ? ? ? ? ? ? Aimless  ? ? ? .           2 
? 'data reduction' ? ? ? ? ? ? ? ? ? ? ? autoPROC ? ? ? .           3 
? phasing          ? ? ? ? ? ? ? ? ? ? ? PHASER   ? ? ? 2.8.3       4 
# 
_cell.angle_alpha                  90.00 
_cell.angle_alpha_esd              ? 
_cell.angle_beta                   90.00 
_cell.angle_beta_esd               ? 
_cell.angle_gamma                  90.00 
_cell.angle_gamma_esd              ? 
_cell.entry_id                     8GAC 
_cell.details                      ? 
_cell.formula_units_Z              ? 
_cell.length_a                     39.865 
_cell.length_a_esd                 ? 
_cell.length_b                     52.037 
_cell.length_b_esd                 ? 
_cell.length_c                     53.524 
_cell.length_c_esd                 ? 
_cell.volume                       ? 
_cell.volume_esd                   ? 
_cell.Z_PDB                        4 
_cell.reciprocal_angle_alpha       ? 
_cell.reciprocal_angle_beta        ? 
_cell.reciprocal_angle_gamma       ? 
_cell.reciprocal_angle_alpha_esd   ? 
_cell.reciprocal_angle_beta_esd    ? 
_cell.reciprocal_angle_gamma_esd   ? 
_cell.reciprocal_length_a          ? 
_cell.reciprocal_length_b          ? 
_cell.reciprocal_length_c          ? 
_cell.reciprocal_length_a_esd      ? 
_cell.reciprocal_length_b_esd      ? 
_cell.reciprocal_length_c_esd      ? 
_cell.pdbx_unique_axis             ? 
_cell.pdbx_esd_method              ? 
# 
_symmetry.entry_id                         8GAC 
_symmetry.cell_setting                     ? 
_symmetry.Int_Tables_number                19 
_symmetry.space_group_name_Hall            ? 
_symmetry.space_group_name_H-M             'P 21 21 21' 
_symmetry.pdbx_full_space_group_name_H-M   ? 
# 
_exptl.absorpt_coefficient_mu     ? 
_exptl.absorpt_correction_T_max   ? 
_exptl.absorpt_correction_T_min   ? 
_exptl.absorpt_correction_type    ? 
_exptl.absorpt_process_details    ? 
_exptl.entry_id                   8GAC 
_exptl.crystals_number            1 
_exptl.details                    ? 
_exptl.method                     'X-RAY DIFFRACTION' 
_exptl.method_details             ? 
# 
_exptl_crystal.colour                       ? 
_exptl_crystal.density_diffrn               ? 
_exptl_crystal.density_Matthews             2.20 
_exptl_crystal.density_method               ? 
_exptl_crystal.density_percent_sol          44.01 
_exptl_crystal.description                  'Thin plates' 
_exptl_crystal.F_000                        ? 
_exptl_crystal.id                           1 
_exptl_crystal.preparation                  ? 
_exptl_crystal.size_max                     ? 
_exptl_crystal.size_mid                     ? 
_exptl_crystal.size_min                     ? 
_exptl_crystal.size_rad                     ? 
_exptl_crystal.colour_lustre                ? 
_exptl_crystal.colour_modifier              ? 
_exptl_crystal.colour_primary               ? 
_exptl_crystal.density_meas                 ? 
_exptl_crystal.density_meas_esd             ? 
_exptl_crystal.density_meas_gt              ? 
_exptl_crystal.density_meas_lt              ? 
_exptl_crystal.density_meas_temp            ? 
_exptl_crystal.density_meas_temp_esd        ? 
_exptl_crystal.density_meas_temp_gt         ? 
_exptl_crystal.density_meas_temp_lt         ? 
_exptl_crystal.pdbx_crystal_image_url       ? 
_exptl_crystal.pdbx_crystal_image_format    ? 
_exptl_crystal.pdbx_mosaicity               ? 
_exptl_crystal.pdbx_mosaicity_esd           ? 
_exptl_crystal.pdbx_mosaic_method           ? 
_exptl_crystal.pdbx_mosaic_block_size       ? 
_exptl_crystal.pdbx_mosaic_block_size_esd   ? 
# 
_exptl_crystal_grow.apparatus       ? 
_exptl_crystal_grow.atmosphere      ? 
_exptl_crystal_grow.crystal_id      1 
_exptl_crystal_grow.details         ? 
_exptl_crystal_grow.method          'VAPOR DIFFUSION, SITTING DROP' 
_exptl_crystal_grow.method_ref      ? 
_exptl_crystal_grow.pH              7.5 
_exptl_crystal_grow.pressure        ? 
_exptl_crystal_grow.pressure_esd    ? 
_exptl_crystal_grow.seeding         ? 
_exptl_crystal_grow.seeding_ref     ? 
_exptl_crystal_grow.temp_details    ? 
_exptl_crystal_grow.temp_esd        ? 
_exptl_crystal_grow.time            ? 
_exptl_crystal_grow.pdbx_details    '30 % (w/v) PEG 3350, 0.22 M MgCl2 and 0.0.8 M Bis-Tris pH 5.5 and 0.15 M HEPES' 
_exptl_crystal_grow.pdbx_pH_range   ? 
_exptl_crystal_grow.temp            292 
# 
_diffrn.ambient_environment              ? 
_diffrn.ambient_temp                     100 
_diffrn.ambient_temp_details             ? 
_diffrn.ambient_temp_esd                 ? 
_diffrn.crystal_id                       1 
_diffrn.crystal_support                  ? 
_diffrn.crystal_treatment                ? 
_diffrn.details                          ? 
_diffrn.id                               1 
_diffrn.ambient_pressure                 ? 
_diffrn.ambient_pressure_esd             ? 
_diffrn.ambient_pressure_gt              ? 
_diffrn.ambient_pressure_lt              ? 
_diffrn.ambient_temp_gt                  ? 
_diffrn.ambient_temp_lt                  ? 
_diffrn.pdbx_serial_crystal_experiment   N 
# 
_diffrn_detector.details                      'KB MIRRORS' 
_diffrn_detector.detector                     PIXEL 
_diffrn_detector.diffrn_id                    1 
_diffrn_detector.type                         'DECTRIS PILATUS 6M' 
_diffrn_detector.area_resol_mean              ? 
_diffrn_detector.dtime                        ? 
_diffrn_detector.pdbx_frames_total            ? 
_diffrn_detector.pdbx_collection_time_total   ? 
_diffrn_detector.pdbx_collection_date         2022-09-22 
_diffrn_detector.pdbx_frequency               ? 
_diffrn_detector.id                           ? 
_diffrn_detector.number_of_axes               ? 
# 
_diffrn_radiation.collimation                      ? 
_diffrn_radiation.diffrn_id                        1 
_diffrn_radiation.filter_edge                      ? 
_diffrn_radiation.inhomogeneity                    ? 
_diffrn_radiation.monochromator                    ? 
_diffrn_radiation.polarisn_norm                    ? 
_diffrn_radiation.polarisn_ratio                   ? 
_diffrn_radiation.probe                            ? 
_diffrn_radiation.type                             ? 
_diffrn_radiation.xray_symbol                      ? 
_diffrn_radiation.wavelength_id                    1 
_diffrn_radiation.pdbx_monochromatic_or_laue_m_l   M 
_diffrn_radiation.pdbx_wavelength_list             ? 
_diffrn_radiation.pdbx_wavelength                  ? 
_diffrn_radiation.pdbx_diffrn_protocol             'SINGLE WAVELENGTH' 
_diffrn_radiation.pdbx_analyzer                    ? 
_diffrn_radiation.pdbx_scattering_type             x-ray 
# 
_diffrn_radiation_wavelength.id           1 
_diffrn_radiation_wavelength.wavelength   0.98 
_diffrn_radiation_wavelength.wt           1.0 
# 
_diffrn_source.current                     ? 
_diffrn_source.details                     ? 
_diffrn_source.diffrn_id                   1 
_diffrn_source.power                       ? 
_diffrn_source.size                        ? 
_diffrn_source.source                      SYNCHROTRON 
_diffrn_source.target                      ? 
_diffrn_source.type                        'APS BEAMLINE 31-ID' 
_diffrn_source.voltage                     ? 
_diffrn_source.take-off_angle              ? 
_diffrn_source.pdbx_wavelength_list        0.98 
_diffrn_source.pdbx_wavelength             ? 
_diffrn_source.pdbx_synchrotron_beamline   31-ID 
_diffrn_source.pdbx_synchrotron_site       APS 
# 
_reflns.B_iso_Wilson_estimate                          26.37 
_reflns.entry_id                                       8GAC 
_reflns.data_reduction_details                         ? 
_reflns.data_reduction_method                          ? 
_reflns.d_resolution_high                              1.85 
_reflns.d_resolution_low                               19.85 
_reflns.details                                        ? 
_reflns.limit_h_max                                    ? 
_reflns.limit_h_min                                    ? 
_reflns.limit_k_max                                    ? 
_reflns.limit_k_min                                    ? 
_reflns.limit_l_max                                    ? 
_reflns.limit_l_min                                    ? 
_reflns.number_all                                     ? 
_reflns.number_obs                                     9931 
_reflns.observed_criterion                             ? 
_reflns.observed_criterion_F_max                       ? 
_reflns.observed_criterion_F_min                       ? 
_reflns.observed_criterion_I_max                       ? 
_reflns.observed_criterion_I_min                       ? 
_reflns.observed_criterion_sigma_F                     ? 
_reflns.observed_criterion_sigma_I                     ? 
_reflns.percent_possible_obs                           99.6 
_reflns.R_free_details                                 ? 
_reflns.Rmerge_F_all                                   ? 
_reflns.Rmerge_F_obs                                   ? 
_reflns.Friedel_coverage                               ? 
_reflns.number_gt                                      ? 
_reflns.threshold_expression                           ? 
_reflns.pdbx_redundancy                                10.6 
_reflns.pdbx_netI_over_av_sigmaI                       ? 
_reflns.pdbx_netI_over_sigmaI                          18.4 
_reflns.pdbx_res_netI_over_av_sigmaI_2                 ? 
_reflns.pdbx_res_netI_over_sigmaI_2                    ? 
_reflns.pdbx_chi_squared                               ? 
_reflns.pdbx_scaling_rejects                           ? 
_reflns.pdbx_d_res_high_opt                            ? 
_reflns.pdbx_d_res_low_opt                             ? 
_reflns.pdbx_d_res_opt_method                          ? 
_reflns.phase_calculation_details                      ? 
_reflns.pdbx_Rrim_I_all                                ? 
_reflns.pdbx_Rpim_I_all                                ? 
_reflns.pdbx_d_opt                                     ? 
_reflns.pdbx_number_measured_all                       ? 
_reflns.pdbx_diffrn_id                                 1 
_reflns.pdbx_ordinal                                   1 
_reflns.pdbx_CC_half                                   0.99 
_reflns.pdbx_CC_star                                   1 
_reflns.pdbx_R_split                                   ? 
_reflns.pdbx_Rmerge_I_obs                              0.08 
_reflns.pdbx_Rmerge_I_all                              ? 
_reflns.pdbx_Rsym_value                                ? 
_reflns.pdbx_CC_split_method                           ? 
_reflns.pdbx_aniso_diffraction_limit_axis_1_ortho[1]   ? 
_reflns.pdbx_aniso_diffraction_limit_axis_1_ortho[2]   ? 
_reflns.pdbx_aniso_diffraction_limit_axis_1_ortho[3]   ? 
_reflns.pdbx_aniso_diffraction_limit_axis_2_ortho[1]   ? 
_reflns.pdbx_aniso_diffraction_limit_axis_2_ortho[2]   ? 
_reflns.pdbx_aniso_diffraction_limit_axis_2_ortho[3]   ? 
_reflns.pdbx_aniso_diffraction_limit_axis_3_ortho[1]   ? 
_reflns.pdbx_aniso_diffraction_limit_axis_3_ortho[2]   ? 
_reflns.pdbx_aniso_diffraction_limit_axis_3_ortho[3]   ? 
_reflns.pdbx_aniso_diffraction_limit_1                 ? 
_reflns.pdbx_aniso_diffraction_limit_2                 ? 
_reflns.pdbx_aniso_diffraction_limit_3                 ? 
_reflns.pdbx_aniso_B_tensor_eigenvector_1_ortho[1]     ? 
_reflns.pdbx_aniso_B_tensor_eigenvector_1_ortho[2]     ? 
_reflns.pdbx_aniso_B_tensor_eigenvector_1_ortho[3]     ? 
_reflns.pdbx_aniso_B_tensor_eigenvector_2_ortho[1]     ? 
_reflns.pdbx_aniso_B_tensor_eigenvector_2_ortho[2]     ? 
_reflns.pdbx_aniso_B_tensor_eigenvector_2_ortho[3]     ? 
_reflns.pdbx_aniso_B_tensor_eigenvector_3_ortho[1]     ? 
_reflns.pdbx_aniso_B_tensor_eigenvector_3_ortho[2]     ? 
_reflns.pdbx_aniso_B_tensor_eigenvector_3_ortho[3]     ? 
_reflns.pdbx_aniso_B_tensor_eigenvalue_1               ? 
_reflns.pdbx_aniso_B_tensor_eigenvalue_2               ? 
_reflns.pdbx_aniso_B_tensor_eigenvalue_3               ? 
_reflns.pdbx_orthogonalization_convention              ? 
_reflns.pdbx_percent_possible_ellipsoidal              ? 
_reflns.pdbx_percent_possible_spherical                ? 
_reflns.pdbx_percent_possible_ellipsoidal_anomalous    ? 
_reflns.pdbx_percent_possible_spherical_anomalous      ? 
_reflns.pdbx_redundancy_anomalous                      ? 
_reflns.pdbx_CC_half_anomalous                         ? 
_reflns.pdbx_absDiff_over_sigma_anomalous              ? 
_reflns.pdbx_percent_possible_anomalous                ? 
_reflns.pdbx_observed_signal_threshold                 ? 
_reflns.pdbx_signal_type                               ? 
_reflns.pdbx_signal_details                            ? 
_reflns.pdbx_signal_software_id                        ? 
# 
_reflns_shell.d_res_high                                    1.85 
_reflns_shell.d_res_low                                     1.92 
_reflns_shell.meanI_over_sigI_all                           ? 
_reflns_shell.meanI_over_sigI_obs                           ? 
_reflns_shell.number_measured_all                           ? 
_reflns_shell.number_measured_obs                           ? 
_reflns_shell.number_possible                               ? 
_reflns_shell.number_unique_all                             ? 
_reflns_shell.number_unique_obs                             1170 
_reflns_shell.percent_possible_obs                          ? 
_reflns_shell.Rmerge_F_all                                  ? 
_reflns_shell.Rmerge_F_obs                                  ? 
_reflns_shell.meanI_over_sigI_gt                            ? 
_reflns_shell.meanI_over_uI_all                             ? 
_reflns_shell.meanI_over_uI_gt                              ? 
_reflns_shell.number_measured_gt                            ? 
_reflns_shell.number_unique_gt                              ? 
_reflns_shell.percent_possible_gt                           ? 
_reflns_shell.Rmerge_F_gt                                   ? 
_reflns_shell.Rmerge_I_gt                                   ? 
_reflns_shell.pdbx_redundancy                               ? 
_reflns_shell.pdbx_chi_squared                              ? 
_reflns_shell.pdbx_netI_over_sigmaI_all                     ? 
_reflns_shell.pdbx_netI_over_sigmaI_obs                     ? 
_reflns_shell.pdbx_Rrim_I_all                               ? 
_reflns_shell.pdbx_Rpim_I_all                               ? 
_reflns_shell.pdbx_rejects                                  ? 
_reflns_shell.pdbx_ordinal                                  1 
_reflns_shell.pdbx_diffrn_id                                1 
_reflns_shell.pdbx_CC_half                                  0.43 
_reflns_shell.pdbx_CC_star                                  0.78 
_reflns_shell.pdbx_R_split                                  ? 
_reflns_shell.percent_possible_all                          ? 
_reflns_shell.Rmerge_I_all                                  ? 
_reflns_shell.Rmerge_I_obs                                  ? 
_reflns_shell.pdbx_Rsym_value                               ? 
_reflns_shell.pdbx_percent_possible_ellipsoidal             ? 
_reflns_shell.pdbx_percent_possible_spherical               ? 
_reflns_shell.pdbx_percent_possible_ellipsoidal_anomalous   ? 
_reflns_shell.pdbx_percent_possible_spherical_anomalous     ? 
_reflns_shell.pdbx_redundancy_anomalous                     ? 
_reflns_shell.pdbx_CC_half_anomalous                        ? 
_reflns_shell.pdbx_absDiff_over_sigma_anomalous             ? 
_reflns_shell.pdbx_percent_possible_anomalous               ? 
# 
_refine.aniso_B[1][1]                            ? 
_refine.aniso_B[1][2]                            ? 
_refine.aniso_B[1][3]                            ? 
_refine.aniso_B[2][2]                            ? 
_refine.aniso_B[2][3]                            ? 
_refine.aniso_B[3][3]                            ? 
_refine.B_iso_max                                ? 
_refine.B_iso_mean                               ? 
_refine.B_iso_min                                ? 
_refine.correlation_coeff_Fo_to_Fc               ? 
_refine.correlation_coeff_Fo_to_Fc_free          ? 
_refine.details                                  ? 
_refine.diff_density_max                         ? 
_refine.diff_density_max_esd                     ? 
_refine.diff_density_min                         ? 
_refine.diff_density_min_esd                     ? 
_refine.diff_density_rms                         ? 
_refine.diff_density_rms_esd                     ? 
_refine.entry_id                                 8GAC 
_refine.pdbx_refine_id                           'X-RAY DIFFRACTION' 
_refine.ls_abs_structure_details                 ? 
_refine.ls_abs_structure_Flack                   ? 
_refine.ls_abs_structure_Flack_esd               ? 
_refine.ls_abs_structure_Rogers                  ? 
_refine.ls_abs_structure_Rogers_esd              ? 
_refine.ls_d_res_high                            1.85 
_refine.ls_d_res_low                             19.85 
_refine.ls_extinction_coef                       ? 
_refine.ls_extinction_coef_esd                   ? 
_refine.ls_extinction_expression                 ? 
_refine.ls_extinction_method                     ? 
_refine.ls_goodness_of_fit_all                   ? 
_refine.ls_goodness_of_fit_all_esd               ? 
_refine.ls_goodness_of_fit_obs                   ? 
_refine.ls_goodness_of_fit_obs_esd               ? 
_refine.ls_hydrogen_treatment                    ? 
_refine.ls_matrix_type                           ? 
_refine.ls_number_constraints                    ? 
_refine.ls_number_parameters                     ? 
_refine.ls_number_reflns_all                     ? 
_refine.ls_number_reflns_obs                     9929 
_refine.ls_number_reflns_R_free                  430 
_refine.ls_number_reflns_R_work                  ? 
_refine.ls_number_restraints                     ? 
_refine.ls_percent_reflns_obs                    99.9 
_refine.ls_percent_reflns_R_free                 5.03 
_refine.ls_R_factor_all                          ? 
_refine.ls_R_factor_obs                          ? 
_refine.ls_R_factor_R_free                       0.2186 
_refine.ls_R_factor_R_free_error                 ? 
_refine.ls_R_factor_R_free_error_details         ? 
_refine.ls_R_factor_R_work                       0.1914 
_refine.ls_R_Fsqd_factor_obs                     ? 
_refine.ls_R_I_factor_obs                        ? 
_refine.ls_redundancy_reflns_all                 ? 
_refine.ls_redundancy_reflns_obs                 ? 
_refine.ls_restrained_S_all                      ? 
_refine.ls_restrained_S_obs                      ? 
_refine.ls_shift_over_esd_max                    ? 
_refine.ls_shift_over_esd_mean                   ? 
_refine.ls_structure_factor_coef                 ? 
_refine.ls_weighting_details                     ? 
_refine.ls_weighting_scheme                      ? 
_refine.ls_wR_factor_all                         ? 
_refine.ls_wR_factor_obs                         ? 
_refine.ls_wR_factor_R_free                      ? 
_refine.ls_wR_factor_R_work                      ? 
_refine.occupancy_max                            ? 
_refine.occupancy_min                            ? 
_refine.solvent_model_details                    ? 
_refine.solvent_model_param_bsol                 ? 
_refine.solvent_model_param_ksol                 ? 
_refine.pdbx_R_complete                          ? 
_refine.ls_R_factor_gt                           ? 
_refine.ls_goodness_of_fit_gt                    ? 
_refine.ls_goodness_of_fit_ref                   ? 
_refine.ls_shift_over_su_max                     ? 
_refine.ls_shift_over_su_max_lt                  ? 
_refine.ls_shift_over_su_mean                    ? 
_refine.ls_shift_over_su_mean_lt                 ? 
_refine.pdbx_ls_sigma_I                          ? 
_refine.pdbx_ls_sigma_F                          ? 
_refine.pdbx_ls_sigma_Fsqd                       ? 
_refine.pdbx_data_cutoff_high_absF               ? 
_refine.pdbx_data_cutoff_high_rms_absF           ? 
_refine.pdbx_data_cutoff_low_absF                ? 
_refine.pdbx_isotropic_thermal_model             ? 
_refine.pdbx_ls_cross_valid_method               'FREE R-VALUE' 
_refine.pdbx_method_to_determine_struct          'MOLECULAR REPLACEMENT' 
_refine.pdbx_starting_model                      ? 
_refine.pdbx_stereochemistry_target_values       ? 
_refine.pdbx_R_Free_selection_details            ? 
_refine.pdbx_stereochem_target_val_spec_case     ? 
_refine.pdbx_overall_ESU_R                       ? 
_refine.pdbx_overall_ESU_R_Free                  ? 
_refine.pdbx_solvent_vdw_probe_radii             ? 
_refine.pdbx_solvent_ion_probe_radii             ? 
_refine.pdbx_solvent_shrinkage_radii             ? 
_refine.pdbx_real_space_R                        ? 
_refine.pdbx_density_correlation                 ? 
_refine.pdbx_pd_number_of_powder_patterns        ? 
_refine.pdbx_pd_number_of_points                 ? 
_refine.pdbx_pd_meas_number_of_points            ? 
_refine.pdbx_pd_proc_ls_prof_R_factor            ? 
_refine.pdbx_pd_proc_ls_prof_wR_factor           ? 
_refine.pdbx_pd_Marquardt_correlation_coeff      ? 
_refine.pdbx_pd_Fsqrd_R_factor                   ? 
_refine.pdbx_pd_ls_matrix_band_width             ? 
_refine.pdbx_overall_phase_error                 ? 
_refine.pdbx_overall_SU_R_free_Cruickshank_DPI   ? 
_refine.pdbx_overall_SU_R_free_Blow_DPI          ? 
_refine.pdbx_overall_SU_R_Blow_DPI               ? 
_refine.pdbx_TLS_residual_ADP_flag               ? 
_refine.pdbx_diffrn_id                           1 
_refine.overall_SU_B                             ? 
_refine.overall_SU_ML                            ? 
_refine.overall_SU_R_Cruickshank_DPI             ? 
_refine.overall_SU_R_free                        ? 
_refine.overall_FOM_free_R_set                   ? 
_refine.overall_FOM_work_R_set                   ? 
_refine.pdbx_average_fsc_overall                 ? 
_refine.pdbx_average_fsc_work                    ? 
_refine.pdbx_average_fsc_free                    ? 
# 
_refine_hist.pdbx_refine_id                   'X-RAY DIFFRACTION' 
_refine_hist.cycle_id                         LAST 
_refine_hist.details                          ? 
_refine_hist.d_res_high                       1.85 
_refine_hist.d_res_low                        19.85 
_refine_hist.number_atoms_solvent             63 
_refine_hist.number_atoms_total               931 
_refine_hist.number_reflns_all                ? 
_refine_hist.number_reflns_obs                ? 
_refine_hist.number_reflns_R_free             ? 
_refine_hist.number_reflns_R_work             ? 
_refine_hist.R_factor_all                     ? 
_refine_hist.R_factor_obs                     ? 
_refine_hist.R_factor_R_free                  ? 
_refine_hist.R_factor_R_work                  ? 
_refine_hist.pdbx_number_residues_total       ? 
_refine_hist.pdbx_B_iso_mean_ligand           ? 
_refine_hist.pdbx_B_iso_mean_solvent          ? 
_refine_hist.pdbx_number_atoms_protein        868 
_refine_hist.pdbx_number_atoms_nucleic_acid   0 
_refine_hist.pdbx_number_atoms_ligand         0 
_refine_hist.pdbx_number_atoms_lipid          ? 
_refine_hist.pdbx_number_atoms_carb           ? 
_refine_hist.pdbx_pseudo_atom_details         ? 
# 
_struct.entry_id                     8GAC 
_struct.title                        'Crystal structure of a high affinity CTLA-4 binder' 
_struct.pdbx_model_details           ? 
_struct.pdbx_formula_weight          ? 
_struct.pdbx_formula_weight_method   ? 
_struct.pdbx_model_type_details      ? 
_struct.pdbx_CASP_flag               N 
# 
_struct_keywords.entry_id        8GAC 
_struct_keywords.text            'De novo protein design, high affinity binder, CTLA-4, PROTEIN BINDING' 
_struct_keywords.pdbx_keywords   'PROTEIN BINDING' 
# 
loop_
_struct_asym.id 
_struct_asym.pdbx_blank_PDB_chainid_flag 
_struct_asym.pdbx_modified 
_struct_asym.entity_id 
_struct_asym.details 
A N N 1 ? 
B N N 2 ? 
C N N 3 ? 
# 
_struct_ref.id                         1 
_struct_ref.db_name                    PDB 
_struct_ref.db_code                    8GAC 
_struct_ref.pdbx_db_accession          8GAC 
_struct_ref.pdbx_db_isoform            ? 
_struct_ref.entity_id                  1 
_struct_ref.pdbx_seq_one_letter_code   ? 
_struct_ref.pdbx_align_begin           1 
# 
_struct_ref_seq.align_id                      1 
_struct_ref_seq.ref_id                        1 
_struct_ref_seq.pdbx_PDB_id_code              8GAC 
_struct_ref_seq.pdbx_strand_id                A 
_struct_ref_seq.seq_align_beg                 1 
_struct_ref_seq.pdbx_seq_align_beg_ins_code   ? 
_struct_ref_seq.seq_align_end                 106 
_struct_ref_seq.pdbx_seq_align_end_ins_code   ? 
_struct_ref_seq.pdbx_db_accession             8GAC 
_struct_ref_seq.db_align_beg                  0 
_struct_ref_seq.pdbx_db_align_beg_ins_code    ? 
_struct_ref_seq.db_align_end                  105 
_struct_ref_seq.pdbx_db_align_end_ins_code    ? 
_struct_ref_seq.pdbx_auth_seq_align_beg       0 
_struct_ref_seq.pdbx_auth_seq_align_end       105 
# 
_pdbx_struct_assembly.id                   1 
_pdbx_struct_assembly.details              author_defined_assembly 
_pdbx_struct_assembly.method_details       ? 
_pdbx_struct_assembly.oligomeric_details   monomeric 
_pdbx_struct_assembly.oligomeric_count     1 
# 
_pdbx_struct_assembly_gen.assembly_id       1 
_pdbx_struct_assembly_gen.oper_expression   1 
_pdbx_struct_assembly_gen.asym_id_list      A,B,C 
# 
_pdbx_struct_assembly_auth_evidence.id                     1 
_pdbx_struct_assembly_auth_evidence.assembly_id            1 
_pdbx_struct_assembly_auth_evidence.experimental_support   'gel filtration' 
_pdbx_struct_assembly_auth_evidence.details                'Superdex S200' 
# 
_pdbx_struct_oper_list.id                   1 
_pdbx_struct_oper_list.type                 'identity operation' 
_pdbx_struct_oper_list.name                 1_555 
_pdbx_struct_oper_list.symmetry_operation   x,y,z 
_pdbx_struct_oper_list.matrix[1][1]         1.0000000000 
_pdbx_struct_oper_list.matrix[1][2]         0.0000000000 
_pdbx_struct_oper_list.matrix[1][3]         0.0000000000 
_pdbx_struct_oper_list.vector[1]            0.0000000000 
_pdbx_struct_oper_list.matrix[2][1]         0.0000000000 
_pdbx_struct_oper_list.matrix[2][2]         1.0000000000 
_pdbx_struct_oper_list.matrix[2][3]         0.0000000000 
_pdbx_struct_oper_list.vector[2]            0.0000000000 
_pdbx_struct_oper_list.matrix[3][1]         0.0000000000 
_pdbx_struct_oper_list.matrix[3][2]         0.0000000000 
_pdbx_struct_oper_list.matrix[3][3]         1.0000000000 
_pdbx_struct_oper_list.vector[3]            0.0000000000 
# 
loop_
_struct_conf.conf_type_id 
_struct_conf.id 
_struct_conf.pdbx_PDB_helix_id 
_struct_conf.beg_label_comp_id 
_struct_conf.beg_label_asym_id 
_struct_conf.beg_label_seq_id 
_struct_conf.pdbx_beg_PDB_ins_code 
_struct_conf.end_label_comp_id 
_struct_conf.end_label_asym_id 
_struct_conf.end_label_seq_id 
_struct_conf.pdbx_end_PDB_ins_code 
_struct_conf.beg_auth_comp_id 
_struct_conf.beg_auth_asym_id 
_struct_conf.beg_auth_seq_id 
_struct_conf.end_auth_comp_id 
_struct_conf.end_auth_asym_id 
_struct_conf.end_auth_seq_id 
_struct_conf.pdbx_PDB_helix_class 
_struct_conf.details 
_struct_conf.pdbx_PDB_helix_length 
HELX_P HELX_P1 AA1 ASN A 2  ? HIS A 22  ? ASN A 1  HIS A 21  1 ? 21 
HELX_P HELX_P2 AA2 ASP A 23 ? HIS A 44  ? ASP A 22 HIS A 43  1 ? 22 
HELX_P HELX_P3 AA3 ASN A 46 ? ASN A 65  ? ASN A 45 ASN A 64  1 ? 20 
HELX_P HELX_P4 AA4 ASN A 66 ? HIS A 87  ? ASN A 65 HIS A 86  1 ? 22 
HELX_P HELX_P5 AA5 ASN A 89 ? GLU A 104 ? ASN A 88 GLU A 103 1 ? 16 
# 
_struct_conf_type.id          HELX_P 
_struct_conf_type.criteria    ? 
_struct_conf_type.reference   ? 
# 
_pdbx_entry_details.entry_id                   8GAC 
_pdbx_entry_details.has_ligand_of_interest     N 
_pdbx_entry_details.compound_details           ? 
_pdbx_entry_details.source_details             ? 
_pdbx_entry_details.nonpolymer_details         ? 
_pdbx_entry_details.sequence_details           ? 
_pdbx_entry_details.has_protein_modification   N 
# 
loop_
_pdbx_unobs_or_zero_occ_residues.id 
_pdbx_unobs_or_zero_occ_residues.PDB_model_num 
_pdbx_unobs_or_zero_occ_residues.polymer_flag 
_pdbx_unobs_or_zero_occ_residues.occupancy_flag 
_pdbx_unobs_or_zero_occ_residues.auth_asym_id 
_pdbx_unobs_or_zero_occ_residues.auth_comp_id 
_pdbx_unobs_or_zero_occ_residues.auth_seq_id 
_pdbx_unobs_or_zero_occ_residues.PDB_ins_code 
_pdbx_unobs_or_zero_occ_residues.label_asym_id 
_pdbx_unobs_or_zero_occ_residues.label_comp_id 
_pdbx_unobs_or_zero_occ_residues.label_seq_id 
1 1 Y 1 A SER 0   ? A SER 1   
2 1 Y 1 A ARG 104 ? A ARG 105 
3 1 Y 1 A THR 105 ? A THR 106 
# 
loop_
_chem_comp_atom.comp_id 
_chem_comp_atom.atom_id 
_chem_comp_atom.type_symbol 
_chem_comp_atom.pdbx_aromatic_flag 
_chem_comp_atom.pdbx_stereo_config 
_chem_comp_atom.pdbx_ordinal 
ALA N    N N N 1   
ALA CA   C N S 2   
ALA C    C N N 3   
ALA O    O N N 4   
ALA CB   C N N 5   
ALA OXT  O N N 6   
ALA H    H N N 7   
ALA H2   H N N 8   
ALA HA   H N N 9   
ALA HB1  H N N 10  
ALA HB2  H N N 11  
ALA HB3  H N N 12  
ALA HXT  H N N 13  
ARG N    N N N 14  
ARG CA   C N S 15  
ARG C    C N N 16  
ARG O    O N N 17  
ARG CB   C N N 18  
ARG CG   C N N 19  
ARG CD   C N N 20  
ARG NE   N N N 21  
ARG CZ   C N N 22  
ARG NH1  N N N 23  
ARG NH2  N N N 24  
ARG OXT  O N N 25  
ARG H    H N N 26  
ARG H2   H N N 27  
ARG HA   H N N 28  
ARG HB2  H N N 29  
ARG HB3  H N N 30  
ARG HG2  H N N 31  
ARG HG3  H N N 32  
ARG HD2  H N N 33  
ARG HD3  H N N 34  
ARG HE   H N N 35  
ARG HH11 H N N 36  
ARG HH12 H N N 37  
ARG HH21 H N N 38  
ARG HH22 H N N 39  
ARG HXT  H N N 40  
ASN N    N N N 41  
ASN CA   C N S 42  
ASN C    C N N 43  
ASN O    O N N 44  
ASN CB   C N N 45  
ASN CG   C N N 46  
ASN OD1  O N N 47  
ASN ND2  N N N 48  
ASN OXT  O N N 49  
ASN H    H N N 50  
ASN H2   H N N 51  
ASN HA   H N N 52  
ASN HB2  H N N 53  
ASN HB3  H N N 54  
ASN HD21 H N N 55  
ASN HD22 H N N 56  
ASN HXT  H N N 57  
ASP N    N N N 58  
ASP CA   C N S 59  
ASP C    C N N 60  
ASP O    O N N 61  
ASP CB   C N N 62  
ASP CG   C N N 63  
ASP OD1  O N N 64  
ASP OD2  O N N 65  
ASP OXT  O N N 66  
ASP H    H N N 67  
ASP H2   H N N 68  
ASP HA   H N N 69  
ASP HB2  H N N 70  
ASP HB3  H N N 71  
ASP HD2  H N N 72  
ASP HXT  H N N 73  
EDO C1   C N N 74  
EDO O1   O N N 75  
EDO C2   C N N 76  
EDO O2   O N N 77  
EDO H11  H N N 78  
EDO H12  H N N 79  
EDO HO1  H N N 80  
EDO H21  H N N 81  
EDO H22  H N N 82  
EDO HO2  H N N 83  
GLN N    N N N 84  
GLN CA   C N S 85  
GLN C    C N N 86  
GLN O    O N N 87  
GLN CB   C N N 88  
GLN CG   C N N 89  
GLN CD   C N N 90  
GLN OE1  O N N 91  
GLN NE2  N N N 92  
GLN OXT  O N N 93  
GLN H    H N N 94  
GLN H2   H N N 95  
GLN HA   H N N 96  
GLN HB2  H N N 97  
GLN HB3  H N N 98  
GLN HG2  H N N 99  
GLN HG3  H N N 100 
GLN HE21 H N N 101 
GLN HE22 H N N 102 
GLN HXT  H N N 103 
GLU N    N N N 104 
GLU CA   C N S 105 
GLU C    C N N 106 
GLU O    O N N 107 
GLU CB   C N N 108 
GLU CG   C N N 109 
GLU CD   C N N 110 
GLU OE1  O N N 111 
GLU OE2  O N N 112 
GLU OXT  O N N 113 
GLU H    H N N 114 
GLU H2   H N N 115 
GLU HA   H N N 116 
GLU HB2  H N N 117 
GLU HB3  H N N 118 
GLU HG2  H N N 119 
GLU HG3  H N N 120 
GLU HE2  H N N 121 
GLU HXT  H N N 122 
HIS N    N N N 123 
HIS CA   C N S 124 
HIS C    C N N 125 
HIS O    O N N 126 
HIS CB   C N N 127 
HIS CG   C Y N 128 
HIS ND1  N Y N 129 
HIS CD2  C Y N 130 
HIS CE1  C Y N 131 
HIS NE2  N Y N 132 
HIS OXT  O N N 133 
HIS H    H N N 134 
HIS H2   H N N 135 
HIS HA   H N N 136 
HIS HB2  H N N 137 
HIS HB3  H N N 138 
HIS HD1  H N N 139 
HIS HD2  H N N 140 
HIS HE1  H N N 141 
HIS HE2  H N N 142 
HIS HXT  H N N 143 
HOH O    O N N 144 
HOH H1   H N N 145 
HOH H2   H N N 146 
ILE N    N N N 147 
ILE CA   C N S 148 
ILE C    C N N 149 
ILE O    O N N 150 
ILE CB   C N S 151 
ILE CG1  C N N 152 
ILE CG2  C N N 153 
ILE CD1  C N N 154 
ILE OXT  O N N 155 
ILE H    H N N 156 
ILE H2   H N N 157 
ILE HA   H N N 158 
ILE HB   H N N 159 
ILE HG12 H N N 160 
ILE HG13 H N N 161 
ILE HG21 H N N 162 
ILE HG22 H N N 163 
ILE HG23 H N N 164 
ILE HD11 H N N 165 
ILE HD12 H N N 166 
ILE HD13 H N N 167 
ILE HXT  H N N 168 
LEU N    N N N 169 
LEU CA   C N S 170 
LEU C    C N N 171 
LEU O    O N N 172 
LEU CB   C N N 173 
LEU CG   C N N 174 
LEU CD1  C N N 175 
LEU CD2  C N N 176 
LEU OXT  O N N 177 
LEU H    H N N 178 
LEU H2   H N N 179 
LEU HA   H N N 180 
LEU HB2  H N N 181 
LEU HB3  H N N 182 
LEU HG   H N N 183 
LEU HD11 H N N 184 
LEU HD12 H N N 185 
LEU HD13 H N N 186 
LEU HD21 H N N 187 
LEU HD22 H N N 188 
LEU HD23 H N N 189 
LEU HXT  H N N 190 
LYS N    N N N 191 
LYS CA   C N S 192 
LYS C    C N N 193 
LYS O    O N N 194 
LYS CB   C N N 195 
LYS CG   C N N 196 
LYS CD   C N N 197 
LYS CE   C N N 198 
LYS NZ   N N N 199 
LYS OXT  O N N 200 
LYS H    H N N 201 
LYS H2   H N N 202 
LYS HA   H N N 203 
LYS HB2  H N N 204 
LYS HB3  H N N 205 
LYS HG2  H N N 206 
LYS HG3  H N N 207 
LYS HD2  H N N 208 
LYS HD3  H N N 209 
LYS HE2  H N N 210 
LYS HE3  H N N 211 
LYS HZ1  H N N 212 
LYS HZ2  H N N 213 
LYS HZ3  H N N 214 
LYS HXT  H N N 215 
MET N    N N N 216 
MET CA   C N S 217 
MET C    C N N 218 
MET O    O N N 219 
MET CB   C N N 220 
MET CG   C N N 221 
MET SD   S N N 222 
MET CE   C N N 223 
MET OXT  O N N 224 
MET H    H N N 225 
MET H2   H N N 226 
MET HA   H N N 227 
MET HB2  H N N 228 
MET HB3  H N N 229 
MET HG2  H N N 230 
MET HG3  H N N 231 
MET HE1  H N N 232 
MET HE2  H N N 233 
MET HE3  H N N 234 
MET HXT  H N N 235 
SER N    N N N 236 
SER CA   C N S 237 
SER C    C N N 238 
SER O    O N N 239 
SER CB   C N N 240 
SER OG   O N N 241 
SER OXT  O N N 242 
SER H    H N N 243 
SER H2   H N N 244 
SER HA   H N N 245 
SER HB2  H N N 246 
SER HB3  H N N 247 
SER HG   H N N 248 
SER HXT  H N N 249 
THR N    N N N 250 
THR CA   C N S 251 
THR C    C N N 252 
THR O    O N N 253 
THR CB   C N R 254 
THR OG1  O N N 255 
THR CG2  C N N 256 
THR OXT  O N N 257 
THR H    H N N 258 
THR H2   H N N 259 
THR HA   H N N 260 
THR HB   H N N 261 
THR HG1  H N N 262 
THR HG21 H N N 263 
THR HG22 H N N 264 
THR HG23 H N N 265 
THR HXT  H N N 266 
TRP N    N N N 267 
TRP CA   C N S 268 
TRP C    C N N 269 
TRP O    O N N 270 
TRP CB   C N N 271 
TRP CG   C Y N 272 
TRP CD1  C Y N 273 
TRP CD2  C Y N 274 
TRP NE1  N Y N 275 
TRP CE2  C Y N 276 
TRP CE3  C Y N 277 
TRP CZ2  C Y N 278 
TRP CZ3  C Y N 279 
TRP CH2  C Y N 280 
TRP OXT  O N N 281 
TRP H    H N N 282 
TRP H2   H N N 283 
TRP HA   H N N 284 
TRP HB2  H N N 285 
TRP HB3  H N N 286 
TRP HD1  H N N 287 
TRP HE1  H N N 288 
TRP HE3  H N N 289 
TRP HZ2  H N N 290 
TRP HZ3  H N N 291 
TRP HH2  H N N 292 
TRP HXT  H N N 293 
TYR N    N N N 294 
TYR CA   C N S 295 
TYR C    C N N 296 
TYR O    O N N 297 
TYR CB   C N N 298 
TYR CG   C Y N 299 
TYR CD1  C Y N 300 
TYR CD2  C Y N 301 
TYR CE1  C Y N 302 
TYR CE2  C Y N 303 
TYR CZ   C Y N 304 
TYR OH   O N N 305 
TYR OXT  O N N 306 
TYR H    H N N 307 
TYR H2   H N N 308 
TYR HA   H N N 309 
TYR HB2  H N N 310 
TYR HB3  H N N 311 
TYR HD1  H N N 312 
TYR HD2  H N N 313 
TYR HE1  H N N 314 
TYR HE2  H N N 315 
TYR HH   H N N 316 
TYR HXT  H N N 317 
VAL N    N N N 318 
VAL CA   C N S 319 
VAL C    C N N 320 
VAL O    O N N 321 
VAL CB   C N N 322 
VAL CG1  C N N 323 
VAL CG2  C N N 324 
VAL OXT  O N N 325 
VAL H    H N N 326 
VAL H2   H N N 327 
VAL HA   H N N 328 
VAL HB   H N N 329 
VAL HG11 H N N 330 
VAL HG12 H N N 331 
VAL HG13 H N N 332 
VAL HG21 H N N 333 
VAL HG22 H N N 334 
VAL HG23 H N N 335 
VAL HXT  H N N 336 
# 
loop_
_chem_comp_bond.comp_id 
_chem_comp_bond.atom_id_1 
_chem_comp_bond.atom_id_2 
_chem_comp_bond.value_order 
_chem_comp_bond.pdbx_aromatic_flag 
_chem_comp_bond.pdbx_stereo_config 
_chem_comp_bond.pdbx_ordinal 
ALA N   CA   sing N N 1   
ALA N   H    sing N N 2   
ALA N   H2   sing N N 3   
ALA CA  C    sing N N 4   
ALA CA  CB   sing N N 5   
ALA CA  HA   sing N N 6   
ALA C   O    doub N N 7   
ALA C   OXT  sing N N 8   
ALA CB  HB1  sing N N 9   
ALA CB  HB2  sing N N 10  
ALA CB  HB3  sing N N 11  
ALA OXT HXT  sing N N 12  
ARG N   CA   sing N N 13  
ARG N   H    sing N N 14  
ARG N   H2   sing N N 15  
ARG CA  C    sing N N 16  
ARG CA  CB   sing N N 17  
ARG CA  HA   sing N N 18  
ARG C   O    doub N N 19  
ARG C   OXT  sing N N 20  
ARG CB  CG   sing N N 21  
ARG CB  HB2  sing N N 22  
ARG CB  HB3  sing N N 23  
ARG CG  CD   sing N N 24  
ARG CG  HG2  sing N N 25  
ARG CG  HG3  sing N N 26  
ARG CD  NE   sing N N 27  
ARG CD  HD2  sing N N 28  
ARG CD  HD3  sing N N 29  
ARG NE  CZ   sing N N 30  
ARG NE  HE   sing N N 31  
ARG CZ  NH1  sing N N 32  
ARG CZ  NH2  doub N N 33  
ARG NH1 HH11 sing N N 34  
ARG NH1 HH12 sing N N 35  
ARG NH2 HH21 sing N N 36  
ARG NH2 HH22 sing N N 37  
ARG OXT HXT  sing N N 38  
ASN N   CA   sing N N 39  
ASN N   H    sing N N 40  
ASN N   H2   sing N N 41  
ASN CA  C    sing N N 42  
ASN CA  CB   sing N N 43  
ASN CA  HA   sing N N 44  
ASN C   O    doub N N 45  
ASN C   OXT  sing N N 46  
ASN CB  CG   sing N N 47  
ASN CB  HB2  sing N N 48  
ASN CB  HB3  sing N N 49  
ASN CG  OD1  doub N N 50  
ASN CG  ND2  sing N N 51  
ASN ND2 HD21 sing N N 52  
ASN ND2 HD22 sing N N 53  
ASN OXT HXT  sing N N 54  
ASP N   CA   sing N N 55  
ASP N   H    sing N N 56  
ASP N   H2   sing N N 57  
ASP CA  C    sing N N 58  
ASP CA  CB   sing N N 59  
ASP CA  HA   sing N N 60  
ASP C   O    doub N N 61  
ASP C   OXT  sing N N 62  
ASP CB  CG   sing N N 63  
ASP CB  HB2  sing N N 64  
ASP CB  HB3  sing N N 65  
ASP CG  OD1  doub N N 66  
ASP CG  OD2  sing N N 67  
ASP OD2 HD2  sing N N 68  
ASP OXT HXT  sing N N 69  
EDO C1  O1   sing N N 70  
EDO C1  C2   sing N N 71  
EDO C1  H11  sing N N 72  
EDO C1  H12  sing N N 73  
EDO O1  HO1  sing N N 74  
EDO C2  O2   sing N N 75  
EDO C2  H21  sing N N 76  
EDO C2  H22  sing N N 77  
EDO O2  HO2  sing N N 78  
GLN N   CA   sing N N 79  
GLN N   H    sing N N 80  
GLN N   H2   sing N N 81  
GLN CA  C    sing N N 82  
GLN CA  CB   sing N N 83  
GLN CA  HA   sing N N 84  
GLN C   O    doub N N 85  
GLN C   OXT  sing N N 86  
GLN CB  CG   sing N N 87  
GLN CB  HB2  sing N N 88  
GLN CB  HB3  sing N N 89  
GLN CG  CD   sing N N 90  
GLN CG  HG2  sing N N 91  
GLN CG  HG3  sing N N 92  
GLN CD  OE1  doub N N 93  
GLN CD  NE2  sing N N 94  
GLN NE2 HE21 sing N N 95  
GLN NE2 HE22 sing N N 96  
GLN OXT HXT  sing N N 97  
GLU N   CA   sing N N 98  
GLU N   H    sing N N 99  
GLU N   H2   sing N N 100 
GLU CA  C    sing N N 101 
GLU CA  CB   sing N N 102 
GLU CA  HA   sing N N 103 
GLU C   O    doub N N 104 
GLU C   OXT  sing N N 105 
GLU CB  CG   sing N N 106 
GLU CB  HB2  sing N N 107 
GLU CB  HB3  sing N N 108 
GLU CG  CD   sing N N 109 
GLU CG  HG2  sing N N 110 
GLU CG  HG3  sing N N 111 
GLU CD  OE1  doub N N 112 
GLU CD  OE2  sing N N 113 
GLU OE2 HE2  sing N N 114 
GLU OXT HXT  sing N N 115 
HIS N   CA   sing N N 116 
HIS N   H    sing N N 117 
HIS N   H2   sing N N 118 
HIS CA  C    sing N N 119 
HIS CA  CB   sing N N 120 
HIS CA  HA   sing N N 121 
HIS C   O    doub N N 122 
HIS C   OXT  sing N N 123 
HIS CB  CG   sing N N 124 
HIS CB  HB2  sing N N 125 
HIS CB  HB3  sing N N 126 
HIS CG  ND1  sing Y N 127 
HIS CG  CD2  doub Y N 128 
HIS ND1 CE1  doub Y N 129 
HIS ND1 HD1  sing N N 130 
HIS CD2 NE2  sing Y N 131 
HIS CD2 HD2  sing N N 132 
HIS CE1 NE2  sing Y N 133 
HIS CE1 HE1  sing N N 134 
HIS NE2 HE2  sing N N 135 
HIS OXT HXT  sing N N 136 
HOH O   H1   sing N N 137 
HOH O   H2   sing N N 138 
ILE N   CA   sing N N 139 
ILE N   H    sing N N 140 
ILE N   H2   sing N N 141 
ILE CA  C    sing N N 142 
ILE CA  CB   sing N N 143 
ILE CA  HA   sing N N 144 
ILE C   O    doub N N 145 
ILE C   OXT  sing N N 146 
ILE CB  CG1  sing N N 147 
ILE CB  CG2  sing N N 148 
ILE CB  HB   sing N N 149 
ILE CG1 CD1  sing N N 150 
ILE CG1 HG12 sing N N 151 
ILE CG1 HG13 sing N N 152 
ILE CG2 HG21 sing N N 153 
ILE CG2 HG22 sing N N 154 
ILE CG2 HG23 sing N N 155 
ILE CD1 HD11 sing N N 156 
ILE CD1 HD12 sing N N 157 
ILE CD1 HD13 sing N N 158 
ILE OXT HXT  sing N N 159 
LEU N   CA   sing N N 160 
LEU N   H    sing N N 161 
LEU N   H2   sing N N 162 
LEU CA  C    sing N N 163 
LEU CA  CB   sing N N 164 
LEU CA  HA   sing N N 165 
LEU C   O    doub N N 166 
LEU C   OXT  sing N N 167 
LEU CB  CG   sing N N 168 
LEU CB  HB2  sing N N 169 
LEU CB  HB3  sing N N 170 
LEU CG  CD1  sing N N 171 
LEU CG  CD2  sing N N 172 
LEU CG  HG   sing N N 173 
LEU CD1 HD11 sing N N 174 
LEU CD1 HD12 sing N N 175 
LEU CD1 HD13 sing N N 176 
LEU CD2 HD21 sing N N 177 
LEU CD2 HD22 sing N N 178 
LEU CD2 HD23 sing N N 179 
LEU OXT HXT  sing N N 180 
LYS N   CA   sing N N 181 
LYS N   H    sing N N 182 
LYS N   H2   sing N N 183 
LYS CA  C    sing N N 184 
LYS CA  CB   sing N N 185 
LYS CA  HA   sing N N 186 
LYS C   O    doub N N 187 
LYS C   OXT  sing N N 188 
LYS CB  CG   sing N N 189 
LYS CB  HB2  sing N N 190 
LYS CB  HB3  sing N N 191 
LYS CG  CD   sing N N 192 
LYS CG  HG2  sing N N 193 
LYS CG  HG3  sing N N 194 
LYS CD  CE   sing N N 195 
LYS CD  HD2  sing N N 196 
LYS CD  HD3  sing N N 197 
LYS CE  NZ   sing N N 198 
LYS CE  HE2  sing N N 199 
LYS CE  HE3  sing N N 200 
LYS NZ  HZ1  sing N N 201 
LYS NZ  HZ2  sing N N 202 
LYS NZ  HZ3  sing N N 203 
LYS OXT HXT  sing N N 204 
MET N   CA   sing N N 205 
MET N   H    sing N N 206 
MET N   H2   sing N N 207 
MET CA  C    sing N N 208 
MET CA  CB   sing N N 209 
MET CA  HA   sing N N 210 
MET C   O    doub N N 211 
MET C   OXT  sing N N 212 
MET CB  CG   sing N N 213 
MET CB  HB2  sing N N 214 
MET CB  HB3  sing N N 215 
MET CG  SD   sing N N 216 
MET CG  HG2  sing N N 217 
MET CG  HG3  sing N N 218 
MET SD  CE   sing N N 219 
MET CE  HE1  sing N N 220 
MET CE  HE2  sing N N 221 
MET CE  HE3  sing N N 222 
MET OXT HXT  sing N N 223 
SER N   CA   sing N N 224 
SER N   H    sing N N 225 
SER N   H2   sing N N 226 
SER CA  C    sing N N 227 
SER CA  CB   sing N N 228 
SER CA  HA   sing N N 229 
SER C   O    doub N N 230 
SER C   OXT  sing N N 231 
SER CB  OG   sing N N 232 
SER CB  HB2  sing N N 233 
SER CB  HB3  sing N N 234 
SER OG  HG   sing N N 235 
SER OXT HXT  sing N N 236 
THR N   CA   sing N N 237 
THR N   H    sing N N 238 
THR N   H2   sing N N 239 
THR CA  C    sing N N 240 
THR CA  CB   sing N N 241 
THR CA  HA   sing N N 242 
THR C   O    doub N N 243 
THR C   OXT  sing N N 244 
THR CB  OG1  sing N N 245 
THR CB  CG2  sing N N 246 
THR CB  HB   sing N N 247 
THR OG1 HG1  sing N N 248 
THR CG2 HG21 sing N N 249 
THR CG2 HG22 sing N N 250 
THR CG2 HG23 sing N N 251 
THR OXT HXT  sing N N 252 
TRP N   CA   sing N N 253 
TRP N   H    sing N N 254 
TRP N   H2   sing N N 255 
TRP CA  C    sing N N 256 
TRP CA  CB   sing N N 257 
TRP CA  HA   sing N N 258 
TRP C   O    doub N N 259 
TRP C   OXT  sing N N 260 
TRP CB  CG   sing N N 261 
TRP CB  HB2  sing N N 262 
TRP CB  HB3  sing N N 263 
TRP CG  CD1  doub Y N 264 
TRP CG  CD2  sing Y N 265 
TRP CD1 NE1  sing Y N 266 
TRP CD1 HD1  sing N N 267 
TRP CD2 CE2  doub Y N 268 
TRP CD2 CE3  sing Y N 269 
TRP NE1 CE2  sing Y N 270 
TRP NE1 HE1  sing N N 271 
TRP CE2 CZ2  sing Y N 272 
TRP CE3 CZ3  doub Y N 273 
TRP CE3 HE3  sing N N 274 
TRP CZ2 CH2  doub Y N 275 
TRP CZ2 HZ2  sing N N 276 
TRP CZ3 CH2  sing Y N 277 
TRP CZ3 HZ3  sing N N 278 
TRP CH2 HH2  sing N N 279 
TRP OXT HXT  sing N N 280 
TYR N   CA   sing N N 281 
TYR N   H    sing N N 282 
TYR N   H2   sing N N 283 
TYR CA  C    sing N N 284 
TYR CA  CB   sing N N 285 
TYR CA  HA   sing N N 286 
TYR C   O    doub N N 287 
TYR C   OXT  sing N N 288 
TYR CB  CG   sing N N 289 
TYR CB  HB2  sing N N 290 
TYR CB  HB3  sing N N 291 
TYR CG  CD1  doub Y N 292 
TYR CG  CD2  sing Y N 293 
TYR CD1 CE1  sing Y N 294 
TYR CD1 HD1  sing N N 295 
TYR CD2 CE2  doub Y N 296 
TYR CD2 HD2  sing N N 297 
TYR CE1 CZ   doub Y N 298 
TYR CE1 HE1  sing N N 299 
TYR CE2 CZ   sing Y N 300 
TYR CE2 HE2  sing N N 301 
TYR CZ  OH   sing N N 302 
TYR OH  HH   sing N N 303 
TYR OXT HXT  sing N N 304 
VAL N   CA   sing N N 305 
VAL N   H    sing N N 306 
VAL N   H2   sing N N 307 
VAL CA  C    sing N N 308 
VAL CA  CB   sing N N 309 
VAL CA  HA   sing N N 310 
VAL C   O    doub N N 311 
VAL C   OXT  sing N N 312 
VAL CB  CG1  sing N N 313 
VAL CB  CG2  sing N N 314 
VAL CB  HB   sing N N 315 
VAL CG1 HG11 sing N N 316 
VAL CG1 HG12 sing N N 317 
VAL CG1 HG13 sing N N 318 
VAL CG2 HG21 sing N N 319 
VAL CG2 HG22 sing N N 320 
VAL CG2 HG23 sing N N 321 
VAL OXT HXT  sing N N 322 
# 
_pdbx_audit_support.funding_organization   
'National Institutes of Health/National Institute of General Medical Sciences (NIH/NIGMS)' 
_pdbx_audit_support.country                'United States' 
_pdbx_audit_support.grant_number           'S10 OD020068' 
_pdbx_audit_support.ordinal                1 
# 
_pdbx_initial_refinement_model.id               1 
_pdbx_initial_refinement_model.entity_id_list   ? 
_pdbx_initial_refinement_model.type             'in silico model' 
_pdbx_initial_refinement_model.source_name      Other 
_pdbx_initial_refinement_model.accession_code   ? 
_pdbx_initial_refinement_model.details          'de novo design' 
# 
_atom_sites.entry_id                    8GAC 
_atom_sites.Cartn_transf_matrix[1][1]   ? 
_atom_sites.Cartn_transf_matrix[1][2]   ? 
_atom_sites.Cartn_transf_matrix[1][3]   ? 
_atom_sites.Cartn_transf_matrix[2][1]   ? 
_atom_sites.Cartn_transf_matrix[2][2]   ? 
_atom_sites.Cartn_transf_matrix[2][3]   ? 
_atom_sites.Cartn_transf_matrix[3][1]   ? 
_atom_sites.Cartn_transf_matrix[3][2]   ? 
_atom_sites.Cartn_transf_matrix[3][3]   ? 
_atom_sites.Cartn_transf_vector[1]      ? 
_atom_sites.Cartn_transf_vector[2]      ? 
_atom_sites.Cartn_transf_vector[3]      ? 
_atom_sites.fract_transf_matrix[1][1]   0.01751378 
_atom_sites.fract_transf_matrix[1][2]   0.00381037 
_atom_sites.fract_transf_matrix[1][3]   0.01755009 
_atom_sites.fract_transf_matrix[2][1]   0.00549125 
_atom_sites.fract_transf_matrix[2][2]   -0.01835497 
_atom_sites.fract_transf_matrix[2][3]   -0.00149477 
_atom_sites.fract_transf_matrix[3][1]   0.01226401 
_atom_sites.fract_transf_matrix[3][2]   0.00474967 
_atom_sites.fract_transf_matrix[3][3]   -0.01326986 
_atom_sites.fract_transf_vector[1]      -0.123971 
_atom_sites.fract_transf_vector[2]      -0.000078 
_atom_sites.fract_transf_vector[3]      0.269392 
_atom_sites.solution_primary            ? 
_atom_sites.solution_secondary          ? 
_atom_sites.solution_hydrogens          ? 
_atom_sites.special_details             ? 
# 
loop_
_atom_type.symbol 
C 
N 
O 
S 
# 
loop_
_atom_site.group_PDB 
_atom_site.id 
_atom_site.type_symbol 
_atom_site.label_atom_id 
_atom_site.label_alt_id 
_atom_site.label_comp_id 
_atom_site.label_asym_id 
_atom_site.label_entity_id 
_atom_site.label_seq_id 
_atom_site.pdbx_PDB_ins_code 
_atom_site.Cartn_x 
_atom_site.Cartn_y 
_atom_site.Cartn_z 
_atom_site.occupancy 
_atom_site.B_iso_or_equiv 
_atom_site.pdbx_formal_charge 
_atom_site.auth_seq_id 
_atom_site.auth_comp_id 
_atom_site.auth_asym_id 
_atom_site.auth_atom_id 
_atom_site.pdbx_PDB_model_num 
ATOM   1   N N   . ASN A 1 2   ? 7.981   -10.119 -16.629 1.00 56.22 ? 1   ASN A N   1 
ATOM   2   C CA  . ASN A 1 2   ? 7.026   -9.008  -16.708 1.00 44.56 ? 1   ASN A CA  1 
ATOM   3   C C   . ASN A 1 2   ? 7.467   -7.867  -15.785 1.00 42.14 ? 1   ASN A C   1 
ATOM   4   O O   . ASN A 1 2   ? 7.543   -8.037  -14.567 1.00 36.59 ? 1   ASN A O   1 
ATOM   5   C CB  . ASN A 1 2   ? 5.621   -9.460  -16.319 1.00 44.54 ? 1   ASN A CB  1 
ATOM   6   C CG  . ASN A 1 2   ? 4.595   -8.354  -16.486 1.00 50.48 ? 1   ASN A CG  1 
ATOM   7   O OD1 . ASN A 1 2   ? 4.027   -7.830  -15.510 1.00 45.50 ? 1   ASN A OD1 1 
ATOM   8   N ND2 . ASN A 1 2   ? 4.317   -8.023  -17.738 1.00 55.30 ? 1   ASN A ND2 1 
ATOM   9   N N   . ASN A 1 3   ? 7.721   -6.692  -16.362 1.00 37.92 ? 2   ASN A N   1 
ATOM   10  C CA  . ASN A 1 3   ? 8.371   -5.635  -15.601 1.00 36.01 ? 2   ASN A CA  1 
ATOM   11  C C   . ASN A 1 3   ? 7.529   -5.187  -14.422 1.00 32.24 ? 2   ASN A C   1 
ATOM   12  O O   . ASN A 1 3   ? 8.074   -4.896  -13.349 1.00 30.55 ? 2   ASN A O   1 
ATOM   13  C CB  . ASN A 1 3   ? 8.684   -4.440  -16.500 1.00 37.52 ? 2   ASN A CB  1 
ATOM   14  C CG  . ASN A 1 3   ? 9.833   -4.720  -17.446 1.00 41.50 ? 2   ASN A CG  1 
ATOM   15  O OD1 . ASN A 1 3   ? 10.845  -5.283  -17.027 1.00 42.56 ? 2   ASN A OD1 1 
ATOM   16  N ND2 . ASN A 1 3   ? 9.706   -4.303  -18.707 1.00 44.13 ? 2   ASN A ND2 1 
ATOM   17  N N   . LEU A 1 4   ? 6.213   -5.082  -14.603 1.00 31.30 ? 3   LEU A N   1 
ATOM   18  C CA  . LEU A 1 4   ? 5.391   -4.564  -13.507 1.00 28.21 ? 3   LEU A CA  1 
ATOM   19  C C   . LEU A 1 4   ? 5.333   -5.545  -12.341 1.00 29.78 ? 3   LEU A C   1 
ATOM   20  O O   . LEU A 1 4   ? 5.532   -5.147  -11.185 1.00 24.63 ? 3   LEU A O   1 
ATOM   21  C CB  . LEU A 1 4   ? 3.977   -4.215  -13.974 1.00 28.10 ? 3   LEU A CB  1 
ATOM   22  C CG  . LEU A 1 4   ? 3.066   -3.568  -12.902 1.00 28.22 ? 3   LEU A CG  1 
ATOM   23  C CD1 . LEU A 1 4   ? 3.683   -2.363  -12.177 1.00 28.46 ? 3   LEU A CD1 1 
ATOM   24  C CD2 . LEU A 1 4   ? 1.756   -3.156  -13.548 1.00 35.41 ? 3   LEU A CD2 1 
ATOM   25  N N   . GLU A 1 5   ? 5.040   -6.822  -12.606 1.00 28.08 ? 4   GLU A N   1 
ATOM   26  C CA  . GLU A 1 5   ? 5.012   -7.757  -11.476 1.00 33.86 ? 4   GLU A CA  1 
ATOM   27  C C   . GLU A 1 5   ? 6.365   -7.806  -10.781 1.00 28.27 ? 4   GLU A C   1 
ATOM   28  O O   . GLU A 1 5   ? 6.429   -7.766  -9.545  1.00 29.80 ? 4   GLU A O   1 
ATOM   29  C CB  . GLU A 1 5   ? 4.579   -9.190  -11.850 1.00 38.81 ? 4   GLU A CB  1 
ATOM   30  C CG  . GLU A 1 5   ? 3.318   -9.423  -12.667 1.00 49.72 ? 4   GLU A CG  1 
ATOM   31  C CD  . GLU A 1 5   ? 3.537   -10.432 -13.807 1.00 58.04 ? 4   GLU A CD  1 
ATOM   32  O OE1 . GLU A 1 5   ? 4.334   -11.386 -13.600 1.00 58.07 ? 4   GLU A OE1 1 
ATOM   33  O OE2 . GLU A 1 5   ? 2.917   -10.289 -14.891 1.00 58.25 ? 4   GLU A OE2 1 
ATOM   34  N N   . GLU A 1 6   ? 7.461   -7.883  -11.550 1.00 29.20 ? 5   GLU A N   1 
ATOM   35  C CA  . GLU A 1 6   ? 8.787   -7.950  -10.934 1.00 29.96 ? 5   GLU A CA  1 
ATOM   36  C C   . GLU A 1 6   ? 9.035   -6.757  -10.025 1.00 28.54 ? 5   GLU A C   1 
ATOM   37  O O   . GLU A 1 6   ? 9.538   -6.916  -8.906  1.00 26.55 ? 5   GLU A O   1 
ATOM   38  C CB  . GLU A 1 6   ? 9.893   -8.056  -11.987 1.00 38.28 ? 5   GLU A CB  1 
ATOM   39  C CG  . GLU A 1 6   ? 10.115  -9.467  -12.473 1.00 41.06 ? 5   GLU A CG  1 
ATOM   40  C CD  . GLU A 1 6   ? 11.083  -9.548  -13.643 1.00 57.81 ? 5   GLU A CD  1 
ATOM   41  O OE1 . GLU A 1 6   ? 11.019  -10.551 -14.394 1.00 63.84 ? 5   GLU A OE1 1 
ATOM   42  O OE2 . GLU A 1 6   ? 11.902  -8.611  -13.816 1.00 58.14 ? 5   GLU A OE2 1 
ATOM   43  N N   . GLU A 1 7   ? 8.664   -5.554  -10.470 1.00 26.72 ? 6   GLU A N   1 
ATOM   44  C CA  . GLU A 1 7   ? 8.919   -4.378  -9.651  1.00 25.17 ? 6   GLU A CA  1 
ATOM   45  C C   . GLU A 1 7   ? 8.018   -4.365  -8.414  1.00 26.01 ? 6   GLU A C   1 
ATOM   46  O O   . GLU A 1 7   ? 8.478   -4.051  -7.311  1.00 26.49 ? 6   GLU A O   1 
ATOM   47  C CB  . GLU A 1 7   ? 8.746   -3.104  -10.485 1.00 28.08 ? 6   GLU A CB  1 
ATOM   48  C CG  . GLU A 1 7   ? 9.028   -1.828  -9.680  1.00 30.22 ? 6   GLU A CG  1 
ATOM   49  C CD  . GLU A 1 7   ? 10.477  -1.670  -9.182  1.00 36.06 ? 6   GLU A CD  1 
ATOM   50  O OE1 . GLU A 1 7   ? 11.408  -2.422  -9.609  1.00 34.39 ? 6   GLU A OE1 1 
ATOM   51  O OE2 . GLU A 1 7   ? 10.662  -0.802  -8.294  1.00 34.53 ? 6   GLU A OE2 1 
ATOM   52  N N   . VAL A 1 8   ? 6.743   -4.724  -8.566  1.00 21.55 ? 7   VAL A N   1 
ATOM   53  C CA  . VAL A 1 8   ? 5.861   -4.778  -7.392  1.00 21.94 ? 7   VAL A CA  1 
ATOM   54  C C   . VAL A 1 8   ? 6.425   -5.776  -6.387  1.00 24.15 ? 7   VAL A C   1 
ATOM   55  O O   . VAL A 1 8   ? 6.523   -5.492  -5.184  1.00 21.73 ? 7   VAL A O   1 
ATOM   56  C CB  . VAL A 1 8   ? 4.439   -5.160  -7.841  1.00 22.60 ? 7   VAL A CB  1 
ATOM   57  C CG1 . VAL A 1 8   ? 3.636   -5.752  -6.688  1.00 27.52 ? 7   VAL A CG1 1 
ATOM   58  C CG2 . VAL A 1 8   ? 3.763   -3.968  -8.533  1.00 23.28 ? 7   VAL A CG2 1 
ATOM   59  N N   . GLN A 1 9   ? 6.906   -6.921  -6.880  1.00 22.62 ? 8   GLN A N   1 
ATOM   60  C CA  . GLN A 1 9   ? 7.482   -7.918  -5.966  1.00 22.38 ? 8   GLN A CA  1 
ATOM   61  C C   . GLN A 1 9   ? 8.719   -7.374  -5.249  1.00 26.42 ? 8   GLN A C   1 
ATOM   62  O O   . GLN A 1 9   ? 8.933   -7.657  -4.062  1.00 21.11 ? 8   GLN A O   1 
ATOM   63  C CB  . GLN A 1 9   ? 7.784   -9.218  -6.720  1.00 25.20 ? 8   GLN A CB  1 
ATOM   64  C CG  . GLN A 1 9   ? 6.468   -9.888  -7.122  1.00 30.79 ? 8   GLN A CG  1 
ATOM   65  C CD  . GLN A 1 9   ? 5.592   -10.228 -5.901  1.00 28.67 ? 8   GLN A CD  1 
ATOM   66  O OE1 . GLN A 1 9   ? 4.382   -10.008 -5.915  1.00 35.67 ? 8   GLN A OE1 1 
ATOM   67  N NE2 . GLN A 1 9   ? 6.193   -10.808 -4.877  1.00 27.72 ? 8   GLN A NE2 1 
ATOM   68  N N   . LYS A 1 10  ? 9.529   -6.564  -5.933  1.00 22.64 ? 9   LYS A N   1 
ATOM   69  C CA  . LYS A 1 10  ? 10.686  -5.961  -5.270  1.00 23.23 ? 9   LYS A CA  1 
ATOM   70  C C   . LYS A 1 10  ? 10.243  -4.936  -4.236  1.00 23.07 ? 9   LYS A C   1 
ATOM   71  O O   . LYS A 1 10  ? 10.860  -4.809  -3.173  1.00 21.34 ? 9   LYS A O   1 
ATOM   72  C CB  . LYS A 1 10  ? 11.594  -5.285  -6.290  1.00 25.35 ? 9   LYS A CB  1 
ATOM   73  C CG  . LYS A 1 10  ? 12.290  -6.262  -7.246  1.00 28.22 ? 9   LYS A CG  1 
ATOM   74  C CD  . LYS A 1 10  ? 13.108  -5.487  -8.269  1.00 31.46 ? 9   LYS A CD  1 
ATOM   75  C CE  . LYS A 1 10  ? 13.810  -6.443  -9.203  1.00 33.92 ? 9   LYS A CE  1 
ATOM   76  N NZ  . LYS A 1 10  ? 14.556  -5.650  -10.215 1.00 41.04 ? 9   LYS A NZ  1 
ATOM   77  N N   . LEU A 1 11  ? 9.221   -4.151  -4.563  1.00 20.86 ? 10  LEU A N   1 
ATOM   78  C CA  . LEU A 1 11  ? 8.740   -3.157  -3.603  1.00 22.20 ? 10  LEU A CA  1 
ATOM   79  C C   . LEU A 1 11  ? 8.179   -3.843  -2.362  1.00 22.92 ? 10  LEU A C   1 
ATOM   80  O O   . LEU A 1 11  ? 8.375   -3.369  -1.230  1.00 19.53 ? 10  LEU A O   1 
ATOM   81  C CB  . LEU A 1 11  ? 7.672   -2.289  -4.249  1.00 22.60 ? 10  LEU A CB  1 
ATOM   82  C CG  . LEU A 1 11  ? 8.199   -1.273  -5.260  1.00 26.01 ? 10  LEU A CG  1 
ATOM   83  C CD1 . LEU A 1 11  ? 7.015   -0.741  -6.063  1.00 26.68 ? 10  LEU A CD1 1 
ATOM   84  C CD2 . LEU A 1 11  ? 8.972   -0.149  -4.593  1.00 26.94 ? 10  LEU A CD2 1 
ATOM   85  N N   . LEU A 1 12  ? 7.455   -4.948  -2.560  1.00 18.76 ? 11  LEU A N   1 
ATOM   86  C CA  . LEU A 1 12  ? 6.916   -5.689  -1.413  1.00 21.00 ? 11  LEU A CA  1 
ATOM   87  C C   . LEU A 1 12  ? 8.044   -6.230  -0.548  1.00 20.80 ? 11  LEU A C   1 
ATOM   88  O O   . LEU A 1 12  ? 7.994   -6.162  0.691   1.00 23.28 ? 11  LEU A O   1 
ATOM   89  C CB  . LEU A 1 12  ? 6.040   -6.853  -1.882  1.00 18.52 ? 11  LEU A CB  1 
ATOM   90  C CG  . LEU A 1 12  ? 4.745   -6.458  -2.573  1.00 22.22 ? 11  LEU A CG  1 
ATOM   91  C CD1 . LEU A 1 12  ? 4.161   -7.714  -3.248  1.00 26.37 ? 11  LEU A CD1 1 
ATOM   92  C CD2 . LEU A 1 12  ? 3.766   -5.794  -1.587  1.00 24.94 ? 11  LEU A CD2 1 
ATOM   93  N N   . TYR A 1 13  ? 9.071   -6.776  -1.186  1.00 18.79 ? 12  TYR A N   1 
ATOM   94  C CA  . TYR A 1 13  ? 10.224  -7.263  -0.434  1.00 20.93 ? 12  TYR A CA  1 
ATOM   95  C C   . TYR A 1 13  ? 10.907  -6.139  0.339   1.00 22.74 ? 12  TYR A C   1 
ATOM   96  O O   . TYR A 1 13  ? 11.256  -6.305  1.513   1.00 21.61 ? 12  TYR A O   1 
ATOM   97  C CB  . TYR A 1 13  ? 11.204  -7.940  -1.378  1.00 22.66 ? 12  TYR A CB  1 
ATOM   98  C CG  . TYR A 1 13  ? 12.518  -8.211  -0.706  1.00 29.44 ? 12  TYR A CG  1 
ATOM   99  C CD1 . TYR A 1 13  ? 13.608  -7.355  -0.866  1.00 35.49 ? 12  TYR A CD1 1 
ATOM   100 C CD2 . TYR A 1 13  ? 12.639  -9.269  0.178   1.00 33.51 ? 12  TYR A CD2 1 
ATOM   101 C CE1 . TYR A 1 13  ? 14.820  -7.607  -0.226  1.00 41.04 ? 12  TYR A CE1 1 
ATOM   102 C CE2 . TYR A 1 13  ? 13.845  -9.530  0.832   1.00 42.37 ? 12  TYR A CE2 1 
ATOM   103 C CZ  . TYR A 1 13  ? 14.928  -8.695  0.626   1.00 45.47 ? 12  TYR A CZ  1 
ATOM   104 O OH  . TYR A 1 13  ? 16.119  -8.955  1.273   1.00 50.36 ? 12  TYR A OH  1 
ATOM   105 N N   . GLU A 1 14  ? 11.105  -4.980  -0.299  1.00 20.31 ? 13  GLU A N   1 
ATOM   106 C CA  . GLU A 1 14  ? 11.792  -3.889  0.380   1.00 21.03 ? 13  GLU A CA  1 
ATOM   107 C C   . GLU A 1 14  ? 11.034  -3.507  1.638   1.00 19.64 ? 13  GLU A C   1 
ATOM   108 O O   . GLU A 1 14  ? 11.625  -3.315  2.709   1.00 20.71 ? 13  GLU A O   1 
ATOM   109 C CB  . GLU A 1 14  ? 11.883  -2.659  -0.527  1.00 25.57 ? 13  GLU A CB  1 
ATOM   110 C CG  . GLU A 1 14  ? 12.487  -1.460  0.158   1.00 24.28 ? 13  GLU A CG  1 
ATOM   111 C CD  . GLU A 1 14  ? 12.843  -0.383  -0.828  1.00 32.78 ? 13  GLU A CD  1 
ATOM   112 O OE1 . GLU A 1 14  ? 13.750  0.420   -0.533  1.00 36.24 ? 13  GLU A OE1 1 
ATOM   113 O OE2 . GLU A 1 14  ? 12.158  -0.315  -1.881  1.00 33.56 ? 13  GLU A OE2 1 
ATOM   114 N N   . LEU A 1 15  ? 9.716   -3.352  1.502   1.00 17.77 ? 14  LEU A N   1 
ATOM   115 C CA  . LEU A 1 15  ? 8.901   -2.893  2.628   1.00 22.34 ? 14  LEU A CA  1 
ATOM   116 C C   . LEU A 1 15  ? 8.832   -3.947  3.713   1.00 19.87 ? 14  LEU A C   1 
ATOM   117 O O   . LEU A 1 15  ? 8.780   -3.613  4.907   1.00 22.69 ? 14  LEU A O   1 
ATOM   118 C CB  . LEU A 1 15  ? 7.491   -2.540  2.162   1.00 18.36 ? 14  LEU A CB  1 
ATOM   119 C CG  . LEU A 1 15  ? 7.367   -1.218  1.384   1.00 21.94 ? 14  LEU A CG  1 
ATOM   120 C CD1 . LEU A 1 15  ? 5.947   -1.061  0.897   1.00 26.65 ? 14  LEU A CD1 1 
ATOM   121 C CD2 . LEU A 1 15  ? 7.713   -0.060  2.299   1.00 23.64 ? 14  LEU A CD2 1 
ATOM   122 N N   . SER A 1 16  ? 8.781   -5.220  3.306   1.00 18.05 ? 15  SER A N   1 
ATOM   123 C CA  . SER A 1 16  ? 8.784   -6.328  4.251   1.00 19.70 ? 15  SER A CA  1 
ATOM   124 C C   . SER A 1 16  ? 10.040  -6.308  5.111   1.00 20.45 ? 15  SER A C   1 
ATOM   125 O O   . SER A 1 16  ? 9.980   -6.535  6.331   1.00 26.05 ? 15  SER A O   1 
ATOM   126 C CB  . SER A 1 16  ? 8.696   -7.660  3.478   1.00 23.59 ? 15  SER A CB  1 
ATOM   127 O OG  . SER A 1 16  ? 8.898   -8.773  4.329   1.00 29.08 ? 15  SER A OG  1 
ATOM   128 N N   . GLU A 1 17  ? 11.201  -6.058  4.484   1.00 23.97 ? 16  GLU A N   1 
ATOM   129 C CA  . GLU A 1 17  ? 12.456  -6.037  5.222   1.00 22.84 ? 16  GLU A CA  1 
ATOM   130 C C   . GLU A 1 17  ? 12.524  -4.813  6.132   1.00 24.82 ? 16  GLU A C   1 
ATOM   131 O O   . GLU A 1 17  ? 13.017  -4.893  7.264   1.00 24.56 ? 16  GLU A O   1 
ATOM   132 C CB  . GLU A 1 17  ? 13.631  -6.103  4.230   1.00 33.03 ? 16  GLU A CB  1 
ATOM   133 C CG  . GLU A 1 17  ? 14.941  -5.491  4.680   1.00 40.10 ? 16  GLU A CG  1 
ATOM   134 C CD  . GLU A 1 17  ? 16.116  -5.786  3.710   1.00 54.50 ? 16  GLU A CD  1 
ATOM   135 O OE1 . GLU A 1 17  ? 17.291  -5.670  4.134   1.00 54.91 ? 16  GLU A OE1 1 
ATOM   136 O OE2 . GLU A 1 17  ? 15.870  -6.132  2.526   1.00 56.08 ? 16  GLU A OE2 1 
ATOM   137 N N   . ILE A 1 18  ? 12.002  -3.677  5.668   1.00 24.12 ? 17  ILE A N   1 
ATOM   138 C CA  . ILE A 1 18  ? 11.907  -2.513  6.536   1.00 24.10 ? 17  ILE A CA  1 
ATOM   139 C C   . ILE A 1 18  ? 11.033  -2.818  7.754   1.00 21.81 ? 17  ILE A C   1 
ATOM   140 O O   . ILE A 1 18  ? 11.367  -2.457  8.888   1.00 24.33 ? 17  ILE A O   1 
ATOM   141 C CB  . ILE A 1 18  ? 11.380  -1.318  5.726   1.00 21.64 ? 17  ILE A CB  1 
ATOM   142 C CG1 . ILE A 1 18  ? 12.450  -0.866  4.747   1.00 23.21 ? 17  ILE A CG1 1 
ATOM   143 C CG2 . ILE A 1 18  ? 11.054  -0.165  6.627   1.00 26.47 ? 17  ILE A CG2 1 
ATOM   144 C CD1 . ILE A 1 18  ? 11.979  0.304   3.895   1.00 28.95 ? 17  ILE A CD1 1 
ATOM   145 N N   . TRP A 1 19  ? 9.912   -3.478  7.541   1.00 20.39 ? 18  TRP A N   1 
ATOM   146 C CA  . TRP A 1 19  ? 9.053   -3.830  8.667   1.00 22.12 ? 18  TRP A CA  1 
ATOM   147 C C   . TRP A 1 19  ? 9.779   -4.762  9.638   1.00 27.11 ? 18  TRP A C   1 
ATOM   148 O O   . TRP A 1 19  ? 9.840   -4.491  10.845  1.00 25.78 ? 18  TRP A O   1 
ATOM   149 C CB  . TRP A 1 19  ? 7.759   -4.448  8.133   1.00 23.77 ? 18  TRP A CB  1 
ATOM   150 C CG  . TRP A 1 19  ? 6.722   -4.671  9.199   1.00 27.42 ? 18  TRP A CG  1 
ATOM   151 C CD1 . TRP A 1 19  ? 5.815   -3.750  9.682   1.00 25.83 ? 18  TRP A CD1 1 
ATOM   152 C CD2 . TRP A 1 19  ? 6.496   -5.882  9.920   1.00 27.66 ? 18  TRP A CD2 1 
ATOM   153 N NE1 . TRP A 1 19  ? 5.041   -4.331  10.669  1.00 24.42 ? 18  TRP A NE1 1 
ATOM   154 C CE2 . TRP A 1 19  ? 5.432   -5.643  10.823  1.00 31.47 ? 18  TRP A CE2 1 
ATOM   155 C CE3 . TRP A 1 19  ? 7.090   -7.149  9.896   1.00 29.67 ? 18  TRP A CE3 1 
ATOM   156 C CZ2 . TRP A 1 19  ? 4.962   -6.631  11.692  1.00 34.43 ? 18  TRP A CZ2 1 
ATOM   157 C CZ3 . TRP A 1 19  ? 6.619   -8.127  10.751  1.00 31.87 ? 18  TRP A CZ3 1 
ATOM   158 C CH2 . TRP A 1 19  ? 5.561   -7.868  11.634  1.00 39.83 ? 18  TRP A CH2 1 
ATOM   159 N N   . HIS A 1 20  ? 10.370  -5.856  9.138   1.00 27.32 ? 19  HIS A N   1 
ATOM   160 C CA  . HIS A 1 20  ? 11.015  -6.803  10.050  1.00 23.74 ? 19  HIS A CA  1 
ATOM   161 C C   . HIS A 1 20  ? 12.175  -6.178  10.808  1.00 29.63 ? 19  HIS A C   1 
ATOM   162 O O   . HIS A 1 20  ? 12.404  -6.509  11.978  1.00 33.86 ? 19  HIS A O   1 
ATOM   163 C CB  . HIS A 1 20  ? 11.500  -8.063  9.326   1.00 27.56 ? 19  HIS A CB  1 
ATOM   164 C CG  . HIS A 1 20  ? 10.401  -9.009  8.970   1.00 26.40 ? 19  HIS A CG  1 
ATOM   165 N ND1 . HIS A 1 20  ? 9.909   -9.927  9.873   1.00 33.64 ? 19  HIS A ND1 1 
ATOM   166 C CD2 . HIS A 1 20  ? 9.757   -9.246  7.805   1.00 25.46 ? 19  HIS A CD2 1 
ATOM   167 C CE1 . HIS A 1 20  ? 8.963   -10.645 9.294   1.00 32.64 ? 19  HIS A CE1 1 
ATOM   168 N NE2 . HIS A 1 20  ? 8.848   -10.249 8.042   1.00 25.41 ? 19  HIS A NE2 1 
ATOM   169 N N   . GLN A 1 21  ? 12.919  -5.282  10.169  1.00 26.63 ? 20  GLN A N   1 
ATOM   170 C CA  . GLN A 1 21  ? 14.115  -4.734  10.790  1.00 29.48 ? 20  GLN A CA  1 
ATOM   171 C C   . GLN A 1 21  ? 13.866  -3.446  11.568  1.00 30.06 ? 20  GLN A C   1 
ATOM   172 O O   . GLN A 1 21  ? 14.801  -2.941  12.203  1.00 33.13 ? 20  GLN A O   1 
ATOM   173 C CB  . GLN A 1 21  ? 15.179  -4.496  9.724   1.00 33.43 ? 20  GLN A CB  1 
ATOM   174 C CG  . GLN A 1 21  ? 15.455  -5.716  8.885   1.00 30.66 ? 20  GLN A CG  1 
ATOM   175 C CD  . GLN A 1 21  ? 16.502  -5.475  7.813   1.00 42.33 ? 20  GLN A CD  1 
ATOM   176 O OE1 . GLN A 1 21  ? 17.053  -4.377  7.683   1.00 49.75 ? 20  GLN A OE1 1 
ATOM   177 N NE2 . GLN A 1 21  ? 16.728  -6.481  6.993   1.00 49.48 ? 20  GLN A NE2 1 
ATOM   178 N N   . HIS A 1 22  ? 12.636  -2.938  11.577  1.00 28.14 ? 21  HIS A N   1 
ATOM   179 C CA  . HIS A 1 22  ? 12.308  -1.644  12.190  1.00 34.44 ? 21  HIS A CA  1 
ATOM   180 C C   . HIS A 1 22  ? 13.225  -0.562  11.645  1.00 35.50 ? 21  HIS A C   1 
ATOM   181 O O   . HIS A 1 22  ? 13.816  0.221   12.386  1.00 33.12 ? 21  HIS A O   1 
ATOM   182 C CB  . HIS A 1 22  ? 12.399  -1.669  13.716  1.00 35.78 ? 21  HIS A CB  1 
ATOM   183 C CG  . HIS A 1 22  ? 11.508  -2.666  14.390  1.00 38.91 ? 21  HIS A CG  1 
ATOM   184 N ND1 . HIS A 1 22  ? 10.309  -2.308  14.971  1.00 37.77 ? 21  HIS A ND1 1 
ATOM   185 C CD2 . HIS A 1 22  ? 11.681  -3.983  14.659  1.00 43.93 ? 21  HIS A CD2 1 
ATOM   186 C CE1 . HIS A 1 22  ? 9.760   -3.375  15.531  1.00 36.45 ? 21  HIS A CE1 1 
ATOM   187 N NE2 . HIS A 1 22  ? 10.570  -4.403  15.352  1.00 42.45 ? 21  HIS A NE2 1 
ATOM   188 N N   . ASP A 1 23  ? 13.354  -0.540  10.325  1.00 30.47 ? 22  ASP A N   1 
ATOM   189 C CA  . ASP A 1 23  ? 14.368  0.287   9.681   1.00 35.41 ? 22  ASP A CA  1 
ATOM   190 C C   . ASP A 1 23  ? 13.773  1.676   9.474   1.00 31.02 ? 22  ASP A C   1 
ATOM   191 O O   . ASP A 1 23  ? 13.288  2.024   8.397   1.00 30.65 ? 22  ASP A O   1 
ATOM   192 C CB  . ASP A 1 23  ? 14.822  -0.372  8.383   1.00 32.85 ? 22  ASP A CB  1 
ATOM   193 C CG  . ASP A 1 23  ? 15.973  0.360   7.717   1.00 41.16 ? 22  ASP A CG  1 
ATOM   194 O OD1 . ASP A 1 23  ? 16.426  1.413   8.229   1.00 39.62 ? 22  ASP A OD1 1 
ATOM   195 O OD2 . ASP A 1 23  ? 16.486  -0.176  6.716   1.00 42.69 ? 22  ASP A OD2 1 
ATOM   196 N N   . HIS A 1 24  ? 13.815  2.487   10.543  1.00 33.17 ? 23  HIS A N   1 
ATOM   197 C CA  . HIS A 1 24  ? 13.212  3.820   10.469  1.00 32.34 ? 23  HIS A CA  1 
ATOM   198 C C   . HIS A 1 24  ? 13.911  4.684   9.428   1.00 32.76 ? 23  HIS A C   1 
ATOM   199 O O   . HIS A 1 24  ? 13.262  5.457   8.716   1.00 33.34 ? 23  HIS A O   1 
ATOM   200 C CB  . HIS A 1 24  ? 13.254  4.531   11.825  1.00 37.48 ? 23  HIS A CB  1 
ATOM   201 C CG  . HIS A 1 24  ? 12.260  4.024   12.830  1.00 41.46 ? 23  HIS A CG  1 
ATOM   202 N ND1 . HIS A 1 24  ? 12.131  2.689   13.154  1.00 43.07 ? 23  HIS A ND1 1 
ATOM   203 C CD2 . HIS A 1 24  ? 11.346  4.683   13.584  1.00 42.32 ? 23  HIS A CD2 1 
ATOM   204 C CE1 . HIS A 1 24  ? 11.186  2.549   14.069  1.00 36.54 ? 23  HIS A CE1 1 
ATOM   205 N NE2 . HIS A 1 24  ? 10.688  3.741   14.340  1.00 36.39 ? 23  HIS A NE2 1 
ATOM   206 N N   . GLU A 1 25  ? 15.231  4.548   9.307   1.00 35.09 ? 24  GLU A N   1 
ATOM   207 C CA  . GLU A 1 25  ? 15.974  5.384   8.371   1.00 35.44 ? 24  GLU A CA  1 
ATOM   208 C C   . GLU A 1 25  ? 15.518  5.132   6.937   1.00 38.42 ? 24  GLU A C   1 
ATOM   209 O O   . GLU A 1 25  ? 15.254  6.071   6.180   1.00 40.00 ? 24  GLU A O   1 
ATOM   210 C CB  . GLU A 1 25  ? 17.473  5.131   8.544   1.00 41.36 ? 24  GLU A CB  1 
ATOM   211 C CG  . GLU A 1 25  ? 18.396  6.103   7.813   1.00 49.97 ? 24  GLU A CG  1 
ATOM   212 C CD  . GLU A 1 25  ? 19.692  6.386   8.591   1.00 65.11 ? 24  GLU A CD  1 
ATOM   213 O OE1 . GLU A 1 25  ? 20.329  5.425   9.083   1.00 69.31 ? 24  GLU A OE1 1 
ATOM   214 O OE2 . GLU A 1 25  ? 20.090  7.572   8.697   1.00 68.01 ? 24  GLU A OE2 1 
ATOM   215 N N   . ALA A 1 26  ? 15.375  3.861   6.557   1.00 31.96 ? 25  ALA A N   1 
ATOM   216 C CA  . ALA A 1 26  ? 15.005  3.530   5.190   1.00 30.21 ? 25  ALA A CA  1 
ATOM   217 C C   . ALA A 1 26  ? 13.560  3.858   4.879   1.00 30.85 ? 25  ALA A C   1 
ATOM   218 O O   . ALA A 1 26  ? 13.211  3.981   3.699   1.00 24.24 ? 25  ALA A O   1 
ATOM   219 C CB  . ALA A 1 26  ? 15.232  2.041   4.920   1.00 29.59 ? 25  ALA A CB  1 
ATOM   220 N N   . SER A 1 27  ? 12.713  3.973   5.907   1.00 25.52 ? 26  SER A N   1 
ATOM   221 C CA  . SER A 1 27  ? 11.269  3.945   5.696   1.00 25.30 ? 26  SER A CA  1 
ATOM   222 C C   . SER A 1 27  ? 10.762  5.191   4.973   1.00 24.63 ? 26  SER A C   1 
ATOM   223 O O   . SER A 1 27  ? 9.846   5.098   4.155   1.00 23.30 ? 26  SER A O   1 
ATOM   224 C CB  . SER A 1 27  ? 10.555  3.770   7.045   1.00 21.98 ? 26  SER A CB  1 
ATOM   225 O OG  . SER A 1 27  ? 10.756  4.903   7.888   1.00 24.48 ? 26  SER A OG  1 
ATOM   226 N N   . ARG A 1 28  ? 11.320  6.372   5.261   1.00 28.63 ? 27  ARG A N   1 
ATOM   227 C CA  . ARG A 1 28  ? 10.692  7.580   4.733   1.00 28.15 ? 27  ARG A CA  1 
ATOM   228 C C   . ARG A 1 28  ? 10.810  7.626   3.207   1.00 26.77 ? 27  ARG A C   1 
ATOM   229 O O   . ARG A 1 28  ? 9.815   7.807   2.496   1.00 25.70 ? 27  ARG A O   1 
ATOM   230 C CB  . ARG A 1 28  ? 11.299  8.821   5.390   1.00 33.07 ? 27  ARG A CB  1 
ATOM   231 C CG  . ARG A 1 28  ? 10.689  10.101  4.872   1.00 39.01 ? 27  ARG A CG  1 
ATOM   232 C CD  . ARG A 1 28  ? 11.086  11.285  5.721   1.00 43.00 ? 27  ARG A CD  1 
ATOM   233 N NE  . ARG A 1 28  ? 10.307  12.465  5.377   1.00 53.80 ? 27  ARG A NE  1 
ATOM   234 C CZ  . ARG A 1 28  ? 10.546  13.246  4.330   1.00 58.20 ? 27  ARG A CZ  1 
ATOM   235 N NH1 . ARG A 1 28  ? 11.494  12.955  3.446   1.00 56.95 ? 27  ARG A NH1 1 
ATOM   236 N NH2 . ARG A 1 28  ? 9.831   14.360  4.172   1.00 65.40 ? 27  ARG A NH2 1 
ATOM   237 N N   . GLU A 1 29  ? 12.006  7.362   2.688   1.00 27.86 ? 28  GLU A N   1 
ATOM   238 C CA  . GLU A 1 29  ? 12.190  7.281   1.246   1.00 28.25 ? 28  GLU A CA  1 
ATOM   239 C C   . GLU A 1 29  ? 11.350  6.176   0.618   1.00 27.21 ? 28  GLU A C   1 
ATOM   240 O O   . GLU A 1 29  ? 10.685  6.408   -0.402  1.00 28.53 ? 28  GLU A O   1 
ATOM   241 C CB  . GLU A 1 29  ? 13.684  7.117   0.958   1.00 35.18 ? 28  GLU A CB  1 
ATOM   242 C CG  . GLU A 1 29  ? 14.104  7.373   -0.433  1.00 42.53 ? 28  GLU A CG  1 
ATOM   243 C CD  . GLU A 1 29  ? 13.879  6.134   -1.276  1.00 47.65 ? 28  GLU A CD  1 
ATOM   244 O OE1 . GLU A 1 29  ? 13.685  5.046   -0.669  1.00 45.91 ? 28  GLU A OE1 1 
ATOM   245 O OE2 . GLU A 1 29  ? 13.939  6.206   -2.536  1.00 50.54 ? 28  GLU A OE2 1 
ATOM   246 N N   . ALA A 1 30  ? 11.344  4.974   1.218   1.00 24.19 ? 29  ALA A N   1 
ATOM   247 C CA  . ALA A 1 30  ? 10.561  3.874   0.662   1.00 22.82 ? 29  ALA A CA  1 
ATOM   248 C C   . ALA A 1 30  ? 9.062   4.181   0.688   1.00 25.01 ? 29  ALA A C   1 
ATOM   249 O O   . ALA A 1 30  ? 8.343   3.859   -0.269  1.00 19.51 ? 29  ALA A O   1 
ATOM   250 C CB  . ALA A 1 30  ? 10.841  2.569   1.417   1.00 26.20 ? 29  ALA A CB  1 
ATOM   251 N N   . LEU A 1 31  ? 8.555   4.774   1.785   1.00 20.13 ? 30  LEU A N   1 
ATOM   252 C CA  . LEU A 1 31  ? 7.119   5.014   1.844   1.00 18.64 ? 30  LEU A CA  1 
ATOM   253 C C   . LEU A 1 31  ? 6.698   6.077   0.831   1.00 21.91 ? 30  LEU A C   1 
ATOM   254 O O   . LEU A 1 31  ? 5.657   5.939   0.174   1.00 20.94 ? 30  LEU A O   1 
ATOM   255 C CB  . LEU A 1 31  ? 6.704   5.434   3.254   1.00 20.99 ? 30  LEU A CB  1 
ATOM   256 C CG  . LEU A 1 31  ? 6.701   4.301   4.274   1.00 21.49 ? 30  LEU A CG  1 
ATOM   257 C CD1 . LEU A 1 31  ? 6.604   4.917   5.658   1.00 22.81 ? 30  LEU A CD1 1 
ATOM   258 C CD2 . LEU A 1 31  ? 5.574   3.364   4.036   1.00 24.71 ? 30  LEU A CD2 1 
ATOM   259 N N   . HIS A 1 32  ? 7.497   7.135   0.673   1.00 22.18 ? 31  HIS A N   1 
ATOM   260 C CA  . HIS A 1 32  ? 7.119   8.145   -0.305  1.00 25.40 ? 31  HIS A CA  1 
ATOM   261 C C   . HIS A 1 32  ? 7.097   7.545   -1.709  1.00 25.80 ? 31  HIS A C   1 
ATOM   262 O O   . HIS A 1 32  ? 6.224   7.880   -2.523  1.00 24.27 ? 31  HIS A O   1 
ATOM   263 C CB  . HIS A 1 32  ? 8.045   9.357   -0.197  1.00 29.79 ? 31  HIS A CB  1 
ATOM   264 C CG  . HIS A 1 32  ? 7.664   10.301  0.908   1.00 33.97 ? 31  HIS A CG  1 
ATOM   265 N ND1 . HIS A 1 32  ? 7.868   10.012  2.239   1.00 36.11 ? 31  HIS A ND1 1 
ATOM   266 C CD2 . HIS A 1 32  ? 7.113   11.540  0.875   1.00 43.50 ? 31  HIS A CD2 1 
ATOM   267 C CE1 . HIS A 1 32  ? 7.457   11.028  2.981   1.00 33.19 ? 31  HIS A CE1 1 
ATOM   268 N NE2 . HIS A 1 32  ? 6.992   11.967  2.177   1.00 45.70 ? 31  HIS A NE2 1 
ATOM   269 N N   A ARG A 1 33  ? 8.051   6.658   -2.015  0.58 24.61 ? 32  ARG A N   1 
ATOM   270 N N   B ARG A 1 33  ? 8.035   6.638   -2.009  0.42 24.94 ? 32  ARG A N   1 
ATOM   271 C CA  A ARG A 1 33  ? 8.049   6.020   -3.327  0.58 24.42 ? 32  ARG A CA  1 
ATOM   272 C CA  B ARG A 1 33  ? 8.058   6.019   -3.334  0.42 24.93 ? 32  ARG A CA  1 
ATOM   273 C C   A ARG A 1 33  ? 6.791   5.191   -3.503  0.58 23.71 ? 32  ARG A C   1 
ATOM   274 C C   B ARG A 1 33  ? 6.850   5.119   -3.536  0.42 22.62 ? 32  ARG A C   1 
ATOM   275 O O   A ARG A 1 33  ? 6.114   5.273   -4.527  0.58 22.15 ? 32  ARG A O   1 
ATOM   276 O O   B ARG A 1 33  ? 6.268   5.084   -4.623  0.42 22.10 ? 32  ARG A O   1 
ATOM   277 C CB  A ARG A 1 33  ? 9.267   5.114   -3.515  0.58 27.12 ? 32  ARG A CB  1 
ATOM   278 C CB  B ARG A 1 33  ? 9.349   5.215   -3.526  0.42 27.32 ? 32  ARG A CB  1 
ATOM   279 C CG  A ARG A 1 33  ? 9.524   4.774   -4.981  0.58 29.84 ? 32  ARG A CG  1 
ATOM   280 C CG  B ARG A 1 33  ? 9.427   4.403   -4.832  0.42 29.18 ? 32  ARG A CG  1 
ATOM   281 C CD  A ARG A 1 33  ? 10.974  4.343   -5.284  0.58 30.49 ? 32  ARG A CD  1 
ATOM   282 C CD  B ARG A 1 33  ? 10.885  3.997   -5.109  0.42 31.09 ? 32  ARG A CD  1 
ATOM   283 N NE  A ARG A 1 33  ? 11.328  3.184   -4.464  0.58 36.88 ? 32  ARG A NE  1 
ATOM   284 N NE  B ARG A 1 33  ? 11.793  5.090   -4.801  0.42 33.98 ? 32  ARG A NE  1 
ATOM   285 C CZ  A ARG A 1 33  ? 12.050  3.248   -3.355  0.58 34.62 ? 32  ARG A CZ  1 
ATOM   286 C CZ  B ARG A 1 33  ? 12.592  5.699   -5.666  0.42 34.41 ? 32  ARG A CZ  1 
ATOM   287 N NH1 A ARG A 1 33  ? 12.593  4.376   -2.962  0.58 35.65 ? 32  ARG A NH1 1 
ATOM   288 N NH1 B ARG A 1 33  ? 12.828  5.199   -6.868  0.42 35.03 ? 32  ARG A NH1 1 
ATOM   289 N NH2 A ARG A 1 33  ? 12.226  2.152   -2.627  0.58 26.76 ? 32  ARG A NH2 1 
ATOM   290 N NH2 B ARG A 1 33  ? 13.211  6.817   -5.297  0.42 40.18 ? 32  ARG A NH2 1 
ATOM   291 N N   . VAL A 1 34  ? 6.471   4.369   -2.502  1.00 21.89 ? 33  VAL A N   1 
ATOM   292 C CA  . VAL A 1 34  ? 5.322   3.486   -2.627  1.00 19.59 ? 33  VAL A CA  1 
ATOM   293 C C   . VAL A 1 34  ? 4.042   4.286   -2.770  1.00 21.78 ? 33  VAL A C   1 
ATOM   294 O O   . VAL A 1 34  ? 3.120   3.864   -3.489  1.00 19.75 ? 33  VAL A O   1 
ATOM   295 C CB  . VAL A 1 34  ? 5.289   2.524   -1.430  1.00 24.61 ? 33  VAL A CB  1 
ATOM   296 C CG1 . VAL A 1 34  ? 4.000   1.740   -1.452  1.00 28.40 ? 33  VAL A CG1 1 
ATOM   297 C CG2 . VAL A 1 34  ? 6.436   1.590   -1.550  1.00 28.30 ? 33  VAL A CG2 1 
ATOM   298 N N   . LEU A 1 35  ? 3.975   5.466   -2.142  1.00 19.62 ? 34  LEU A N   1 
ATOM   299 C CA  . LEU A 1 35  ? 2.780   6.291   -2.273  1.00 20.26 ? 34  LEU A CA  1 
ATOM   300 C C   . LEU A 1 35  ? 2.595   6.729   -3.714  1.00 24.19 ? 34  LEU A C   1 
ATOM   301 O O   . LEU A 1 35  ? 1.469   6.778   -4.223  1.00 23.34 ? 34  LEU A O   1 
ATOM   302 C CB  . LEU A 1 35  ? 2.852   7.525   -1.354  1.00 23.79 ? 34  LEU A CB  1 
ATOM   303 C CG  . LEU A 1 35  ? 2.672   7.308   0.155   1.00 22.76 ? 34  LEU A CG  1 
ATOM   304 C CD1 . LEU A 1 35  ? 2.955   8.620   0.862   1.00 23.55 ? 34  LEU A CD1 1 
ATOM   305 C CD2 . LEU A 1 35  ? 1.246   6.831   0.498   1.00 19.15 ? 34  LEU A CD2 1 
ATOM   306 N N   . GLU A 1 36  ? 3.692   7.080   -4.379  1.00 22.84 ? 35  GLU A N   1 
ATOM   307 C CA  . GLU A 1 36  ? 3.606   7.447   -5.779  1.00 21.87 ? 35  GLU A CA  1 
ATOM   308 C C   . GLU A 1 36  ? 3.265   6.242   -6.649  1.00 19.49 ? 35  GLU A C   1 
ATOM   309 O O   . GLU A 1 36  ? 2.520   6.375   -7.622  1.00 21.50 ? 35  GLU A O   1 
ATOM   310 C CB  . GLU A 1 36  ? 4.918   8.087   -6.205  1.00 25.71 ? 35  GLU A CB  1 
ATOM   311 C CG  . GLU A 1 36  ? 5.111   9.432   -5.608  1.00 27.38 ? 35  GLU A CG  1 
ATOM   312 C CD  . GLU A 1 36  ? 4.428   10.470  -6.459  1.00 42.72 ? 35  GLU A CD  1 
ATOM   313 O OE1 . GLU A 1 36  ? 5.030   10.904  -7.475  1.00 47.92 ? 35  GLU A OE1 1 
ATOM   314 O OE2 . GLU A 1 36  ? 3.277   10.810  -6.137  1.00 41.99 ? 35  GLU A OE2 1 
ATOM   315 N N   . VAL A 1 37  ? 3.794   5.063   -6.318  1.00 21.96 ? 36  VAL A N   1 
ATOM   316 C CA  . VAL A 1 37  ? 3.456   3.876   -7.109  1.00 23.17 ? 36  VAL A CA  1 
ATOM   317 C C   . VAL A 1 37  ? 1.984   3.516   -6.921  1.00 19.67 ? 36  VAL A C   1 
ATOM   318 O O   . VAL A 1 37  ? 1.286   3.157   -7.878  1.00 21.16 ? 36  VAL A O   1 
ATOM   319 C CB  . VAL A 1 37  ? 4.374   2.699   -6.760  1.00 17.30 ? 36  VAL A CB  1 
ATOM   320 C CG1 . VAL A 1 37  ? 3.903   1.431   -7.476  1.00 21.96 ? 36  VAL A CG1 1 
ATOM   321 C CG2 . VAL A 1 37  ? 5.840   2.989   -7.170  1.00 20.48 ? 36  VAL A CG2 1 
ATOM   322 N N   . LEU A 1 38  ? 1.479   3.632   -5.693  1.00 19.43 ? 37  LEU A N   1 
ATOM   323 C CA  . LEU A 1 38  ? 0.068   3.331   -5.469  1.00 22.72 ? 37  LEU A CA  1 
ATOM   324 C C   . LEU A 1 38  ? -0.826  4.226   -6.315  1.00 18.96 ? 37  LEU A C   1 
ATOM   325 O O   . LEU A 1 38  ? -1.831  3.769   -6.876  1.00 21.60 ? 37  LEU A O   1 
ATOM   326 C CB  . LEU A 1 38  ? -0.256  3.468   -3.984  1.00 17.75 ? 37  LEU A CB  1 
ATOM   327 C CG  . LEU A 1 38  ? 0.325   2.328   -3.151  1.00 20.56 ? 37  LEU A CG  1 
ATOM   328 C CD1 . LEU A 1 38  ? 0.218   2.727   -1.678  1.00 22.27 ? 37  LEU A CD1 1 
ATOM   329 C CD2 . LEU A 1 38  ? -0.411  1.010   -3.440  1.00 24.51 ? 37  LEU A CD2 1 
ATOM   330 N N   . LYS A 1 39  ? -0.473  5.502   -6.445  1.00 21.02 ? 38  LYS A N   1 
ATOM   331 C CA  . LYS A 1 39  ? -1.331  6.392   -7.216  1.00 20.16 ? 38  LYS A CA  1 
ATOM   332 C C   . LYS A 1 39  ? -1.352  5.986   -8.682  1.00 22.97 ? 38  LYS A C   1 
ATOM   333 O O   . LYS A 1 39  ? -2.396  6.066   -9.345  1.00 24.32 ? 38  LYS A O   1 
ATOM   334 C CB  . LYS A 1 39  ? -0.845  7.834   -7.084  1.00 23.56 ? 38  LYS A CB  1 
ATOM   335 C CG  . LYS A 1 39  ? -1.081  8.408   -5.722  1.00 25.27 ? 38  LYS A CG  1 
ATOM   336 C CD  . LYS A 1 39  ? -0.808  9.871   -5.770  1.00 35.07 ? 38  LYS A CD  1 
ATOM   337 C CE  . LYS A 1 39  ? 0.481   10.147  -5.061  1.00 38.66 ? 38  LYS A CE  1 
ATOM   338 N NZ  . LYS A 1 39  ? 0.384   11.032  -3.861  1.00 44.86 ? 38  LYS A NZ  1 
ATOM   339 N N   . GLN A 1 40  ? -0.186  5.614   -9.225  1.00 23.96 ? 39  GLN A N   1 
ATOM   340 C CA  . GLN A 1 40  ? -0.134  5.095   -10.582 1.00 24.69 ? 39  GLN A CA  1 
ATOM   341 C C   . GLN A 1 40  ? -0.948  3.825   -10.715 1.00 24.82 ? 39  GLN A C   1 
ATOM   342 O O   . GLN A 1 40  ? -1.674  3.641   -11.706 1.00 24.32 ? 39  GLN A O   1 
ATOM   343 C CB  . GLN A 1 40  ? 1.317   4.834   -11.007 1.00 26.29 ? 39  GLN A CB  1 
ATOM   344 C CG  . GLN A 1 40  ? 2.135   6.126   -11.061 1.00 24.70 ? 39  GLN A CG  1 
ATOM   345 C CD  . GLN A 1 40  ? 1.655   7.036   -12.149 1.00 35.31 ? 39  GLN A CD  1 
ATOM   346 O OE1 . GLN A 1 40  ? 1.211   6.587   -13.215 1.00 38.16 ? 39  GLN A OE1 1 
ATOM   347 N NE2 . GLN A 1 40  ? 1.685   8.338   -11.875 1.00 44.12 ? 39  GLN A NE2 1 
ATOM   348 N N   . LEU A 1 41  ? -0.776  2.900   -9.771  1.00 20.94 ? 40  LEU A N   1 
ATOM   349 C CA  . LEU A 1 41  ? -1.516  1.651   -9.859  1.00 24.41 ? 40  LEU A CA  1 
ATOM   350 C C   . LEU A 1 41  ? -3.011  1.918   -9.888  1.00 24.22 ? 40  LEU A C   1 
ATOM   351 O O   . LEU A 1 41  ? -3.760  1.238   -10.604 1.00 25.16 ? 40  LEU A O   1 
ATOM   352 C CB  . LEU A 1 41  ? -1.178  0.728   -8.682  1.00 23.79 ? 40  LEU A CB  1 
ATOM   353 C CG  . LEU A 1 41  ? 0.203   0.074   -8.667  1.00 18.81 ? 40  LEU A CG  1 
ATOM   354 C CD1 . LEU A 1 41  ? 0.480   -0.608  -7.305  1.00 18.08 ? 40  LEU A CD1 1 
ATOM   355 C CD2 . LEU A 1 41  ? 0.381   -0.931  -9.835  1.00 24.72 ? 40  LEU A CD2 1 
ATOM   356 N N   . LEU A 1 42  ? -3.470  2.889   -9.092  1.00 27.13 ? 41  LEU A N   1 
ATOM   357 C CA  . LEU A 1 42  ? -4.894  3.214   -9.086  1.00 23.45 ? 41  LEU A CA  1 
ATOM   358 C C   . LEU A 1 42  ? -5.315  3.821   -10.408 1.00 29.44 ? 41  LEU A C   1 
ATOM   359 O O   . LEU A 1 42  ? -6.376  3.482   -10.956 1.00 31.76 ? 41  LEU A O   1 
ATOM   360 C CB  . LEU A 1 42  ? -5.216  4.198   -7.964  1.00 23.93 ? 41  LEU A CB  1 
ATOM   361 C CG  . LEU A 1 42  ? -5.269  3.580   -6.575  1.00 25.31 ? 41  LEU A CG  1 
ATOM   362 C CD1 . LEU A 1 42  ? -5.417  4.682   -5.553  1.00 23.24 ? 41  LEU A CD1 1 
ATOM   363 C CD2 . LEU A 1 42  ? -6.387  2.578   -6.499  1.00 31.31 ? 41  LEU A CD2 1 
ATOM   364 N N   . GLU A 1 43  ? -4.492  4.729   -10.935 1.00 23.85 ? 42  GLU A N   1 
ATOM   365 C CA  . GLU A 1 43  ? -4.807  5.334   -12.224 1.00 27.56 ? 42  GLU A CA  1 
ATOM   366 C C   . GLU A 1 43  ? -4.986  4.272   -13.295 1.00 30.55 ? 42  GLU A C   1 
ATOM   367 O O   . GLU A 1 43  ? -5.919  4.349   -14.100 1.00 30.63 ? 42  GLU A O   1 
ATOM   368 C CB  . GLU A 1 43  ? -3.709  6.307   -12.633 1.00 35.97 ? 42  GLU A CB  1 
ATOM   369 C CG  . GLU A 1 43  ? -3.666  7.567   -11.808 1.00 41.96 ? 42  GLU A CG  1 
ATOM   370 C CD  . GLU A 1 43  ? -2.681  8.565   -12.377 1.00 52.34 ? 42  GLU A CD  1 
ATOM   371 O OE1 . GLU A 1 43  ? -2.410  8.491   -13.605 1.00 56.42 ? 42  GLU A OE1 1 
ATOM   372 O OE2 . GLU A 1 43  ? -2.159  9.395   -11.595 1.00 57.08 ? 42  GLU A OE2 1 
ATOM   373 N N   . HIS A 1 44  ? -4.120  3.260   -13.310 1.00 29.53 ? 43  HIS A N   1 
ATOM   374 C CA  . HIS A 1 44  ? -4.192  2.256   -14.361 1.00 27.93 ? 43  HIS A CA  1 
ATOM   375 C C   . HIS A 1 44  ? -5.030  1.043   -13.963 1.00 32.38 ? 43  HIS A C   1 
ATOM   376 O O   . HIS A 1 44  ? -4.941  0.001   -14.628 1.00 35.15 ? 43  HIS A O   1 
ATOM   377 C CB  . HIS A 1 44  ? -2.791  1.802   -14.813 1.00 30.25 ? 43  HIS A CB  1 
ATOM   378 C CG  . HIS A 1 44  ? -1.937  2.910   -15.364 1.00 28.89 ? 43  HIS A CG  1 
ATOM   379 N ND1 . HIS A 1 44  ? -1.435  3.927   -14.583 1.00 34.01 ? 43  HIS A ND1 1 
ATOM   380 C CD2 . HIS A 1 44  ? -1.681  3.268   -16.638 1.00 32.61 ? 43  HIS A CD2 1 
ATOM   381 C CE1 . HIS A 1 44  ? -0.797  4.798   -15.343 1.00 33.62 ? 43  HIS A CE1 1 
ATOM   382 N NE2 . HIS A 1 44  ? -0.939  4.427   -16.597 1.00 35.23 ? 43  HIS A NE2 1 
ATOM   383 N N   . ASN A 1 45  ? -5.820  1.157   -12.893 1.00 31.27 ? 44  ASN A N   1 
ATOM   384 C CA  . ASN A 1 45  ? -6.760  0.117   -12.467 1.00 35.02 ? 44  ASN A CA  1 
ATOM   385 C C   . ASN A 1 45  ? -6.055  -1.210  -12.221 1.00 33.96 ? 44  ASN A C   1 
ATOM   386 O O   . ASN A 1 45  ? -6.569  -2.282  -12.546 1.00 35.91 ? 44  ASN A O   1 
ATOM   387 C CB  . ASN A 1 45  ? -7.880  -0.034  -13.491 1.00 40.05 ? 44  ASN A CB  1 
ATOM   388 C CG  . ASN A 1 45  ? -8.413  1.309   -13.931 1.00 47.32 ? 44  ASN A CG  1 
ATOM   389 O OD1 . ASN A 1 45  ? -7.945  1.882   -14.921 1.00 53.43 ? 44  ASN A OD1 1 
ATOM   390 N ND2 . ASN A 1 45  ? -9.338  1.872   -13.138 1.00 50.30 ? 44  ASN A ND2 1 
ATOM   391 N N   . ASN A 1 46  ? -4.861  -1.137  -11.649 1.00 24.95 ? 45  ASN A N   1 
ATOM   392 C CA  . ASN A 1 46  ? -4.153  -2.338  -11.223 1.00 27.17 ? 45  ASN A CA  1 
ATOM   393 C C   . ASN A 1 46  ? -4.467  -2.599  -9.751  1.00 26.69 ? 45  ASN A C   1 
ATOM   394 O O   . ASN A 1 46  ? -3.643  -2.413  -8.857  1.00 23.54 ? 45  ASN A O   1 
ATOM   395 C CB  . ASN A 1 46  ? -2.656  -2.202  -11.483 1.00 27.86 ? 45  ASN A CB  1 
ATOM   396 C CG  . ASN A 1 46  ? -2.333  -2.167  -12.955 1.00 30.97 ? 45  ASN A CG  1 
ATOM   397 O OD1 . ASN A 1 46  ? -1.781  -1.191  -13.491 1.00 35.67 ? 45  ASN A OD1 1 
ATOM   398 N ND2 . ASN A 1 46  ? -2.745  -3.207  -13.643 1.00 31.65 ? 45  ASN A ND2 1 
ATOM   399 N N   . LEU A 1 47  ? -5.704  -3.050  -9.506  1.00 23.15 ? 46  LEU A N   1 
ATOM   400 C CA  . LEU A 1 47  ? -6.189  -3.005  -8.128  1.00 25.15 ? 46  LEU A CA  1 
ATOM   401 C C   . LEU A 1 47  ? -5.646  -4.159  -7.284  1.00 26.24 ? 46  LEU A C   1 
ATOM   402 O O   . LEU A 1 47  ? -5.384  -3.984  -6.090  1.00 22.55 ? 46  LEU A O   1 
ATOM   403 C CB  . LEU A 1 47  ? -7.714  -2.973  -8.134  1.00 26.14 ? 46  LEU A CB  1 
ATOM   404 C CG  . LEU A 1 47  ? -8.353  -1.798  -8.899  1.00 27.87 ? 46  LEU A CG  1 
ATOM   405 C CD1 . LEU A 1 47  ? -9.879  -1.755  -8.712  1.00 28.83 ? 46  LEU A CD1 1 
ATOM   406 C CD2 . LEU A 1 47  ? -7.736  -0.459  -8.522  1.00 30.75 ? 46  LEU A CD2 1 
ATOM   407 N N   . GLU A 1 48  ? -5.472  -5.336  -7.879  1.00 26.72 ? 47  GLU A N   1 
ATOM   408 C CA  . GLU A 1 48  ? -4.877  -6.458  -7.161  1.00 27.45 ? 47  GLU A CA  1 
ATOM   409 C C   . GLU A 1 48  ? -3.531  -6.090  -6.578  1.00 24.30 ? 47  GLU A C   1 
ATOM   410 O O   . GLU A 1 48  ? -3.256  -6.322  -5.388  1.00 22.89 ? 47  GLU A O   1 
ATOM   411 C CB  . GLU A 1 48  ? -4.697  -7.639  -8.104  1.00 36.26 ? 47  GLU A CB  1 
ATOM   412 C CG  . GLU A 1 48  ? -4.177  -8.842  -7.379  1.00 39.45 ? 47  GLU A CG  1 
ATOM   413 C CD  . GLU A 1 48  ? -5.058  -10.043 -7.589  1.00 56.53 ? 47  GLU A CD  1 
ATOM   414 O OE1 . GLU A 1 48  ? -6.108  -9.877  -8.254  1.00 64.09 ? 47  GLU A OE1 1 
ATOM   415 O OE2 . GLU A 1 48  ? -4.723  -11.135 -7.067  1.00 61.82 ? 47  GLU A OE2 1 
ATOM   416 N N   . GLN A 1 49  ? -2.671  -5.529  -7.420  1.00 22.47 ? 48  GLN A N   1 
ATOM   417 C CA  . GLN A 1 49  ? -1.330  -5.154  -6.983  1.00 23.60 ? 48  GLN A CA  1 
ATOM   418 C C   . GLN A 1 49  ? -1.369  -3.999  -5.987  1.00 21.85 ? 48  GLN A C   1 
ATOM   419 O O   . GLN A 1 49  ? -0.598  -3.984  -5.019  1.00 19.63 ? 48  GLN A O   1 
ATOM   420 C CB  . GLN A 1 49  ? -0.484  -4.801  -8.206  1.00 23.22 ? 48  GLN A CB  1 
ATOM   421 C CG  . GLN A 1 49  ? 0.142   -6.036  -8.908  1.00 26.82 ? 48  GLN A CG  1 
ATOM   422 C CD  . GLN A 1 49  ? 0.329   -5.854  -10.410 1.00 32.36 ? 48  GLN A CD  1 
ATOM   423 O OE1 . GLN A 1 49  ? -0.429  -5.140  -11.076 1.00 35.72 ? 48  GLN A OE1 1 
ATOM   424 N NE2 . GLN A 1 49  ? 1.337   -6.534  -10.961 1.00 32.96 ? 48  GLN A NE2 1 
ATOM   425 N N   . ALA A 1 50  ? -2.267  -3.025  -6.195  1.00 20.71 ? 49  ALA A N   1 
ATOM   426 C CA  . ALA A 1 50  ? -2.415  -1.936  -5.232  1.00 17.62 ? 49  ALA A CA  1 
ATOM   427 C C   . ALA A 1 50  ? -2.797  -2.466  -3.849  1.00 20.49 ? 49  ALA A C   1 
ATOM   428 O O   . ALA A 1 50  ? -2.262  -2.004  -2.835  1.00 20.20 ? 49  ALA A O   1 
ATOM   429 C CB  . ALA A 1 50  ? -3.460  -0.929  -5.725  1.00 21.86 ? 49  ALA A CB  1 
ATOM   430 N N   . VAL A 1 51  ? -3.685  -3.463  -3.795  1.00 21.22 ? 50  VAL A N   1 
ATOM   431 C CA  . VAL A 1 51  ? -4.081  -4.047  -2.506  1.00 22.15 ? 50  VAL A CA  1 
ATOM   432 C C   . VAL A 1 51  ? -2.879  -4.702  -1.825  1.00 20.55 ? 50  VAL A C   1 
ATOM   433 O O   . VAL A 1 51  ? -2.652  -4.501  -0.626  1.00 21.53 ? 50  VAL A O   1 
ATOM   434 C CB  . VAL A 1 51  ? -5.251  -5.036  -2.680  1.00 25.38 ? 50  VAL A CB  1 
ATOM   435 C CG1 . VAL A 1 51  ? -5.556  -5.762  -1.387  1.00 24.20 ? 50  VAL A CG1 1 
ATOM   436 C CG2 . VAL A 1 51  ? -6.498  -4.312  -3.124  1.00 19.75 ? 50  VAL A CG2 1 
ATOM   437 N N   . GLU A 1 52  ? -2.077  -5.487  -2.564  1.00 17.64 ? 51  GLU A N   1 
ATOM   438 C CA  . GLU A 1 52  ? -0.982  -6.153  -1.857  1.00 21.44 ? 51  GLU A CA  1 
ATOM   439 C C   . GLU A 1 52  ? 0.055   -5.129  -1.393  1.00 21.45 ? 51  GLU A C   1 
ATOM   440 O O   . GLU A 1 52  ? 0.581   -5.227  -0.278  1.00 23.54 ? 51  GLU A O   1 
ATOM   441 C CB  . GLU A 1 52  ? -0.330  -7.271  -2.697  1.00 27.12 ? 51  GLU A CB  1 
ATOM   442 C CG  . GLU A 1 52  ? -0.226  -7.091  -4.205  1.00 39.22 ? 51  GLU A CG  1 
ATOM   443 C CD  . GLU A 1 52  ? 0.344   -8.355  -4.913  1.00 38.74 ? 51  GLU A CD  1 
ATOM   444 O OE1 . GLU A 1 52  ? 0.610   -9.363  -4.201  1.00 46.36 ? 51  GLU A OE1 1 
ATOM   445 O OE2 . GLU A 1 52  ? 0.563   -8.326  -6.162  1.00 43.79 ? 51  GLU A OE2 1 
ATOM   446 N N   . LEU A 1 53  ? 0.318   -4.104  -2.200  1.00 18.53 ? 52  LEU A N   1 
ATOM   447 C CA  . LEU A 1 53  ? 1.306   -3.104  -1.814  1.00 16.63 ? 52  LEU A CA  1 
ATOM   448 C C   . LEU A 1 53  ? 0.801   -2.204  -0.698  1.00 20.87 ? 52  LEU A C   1 
ATOM   449 O O   . LEU A 1 53  ? 1.569   -1.842  0.204   1.00 18.51 ? 52  LEU A O   1 
ATOM   450 C CB  . LEU A 1 53  ? 1.679   -2.288  -3.054  1.00 18.77 ? 52  LEU A CB  1 
ATOM   451 C CG  . LEU A 1 53  ? 2.890   -1.378  -2.946  1.00 25.54 ? 52  LEU A CG  1 
ATOM   452 C CD1 . LEU A 1 53  ? 4.130   -2.225  -2.760  1.00 23.41 ? 52  LEU A CD1 1 
ATOM   453 C CD2 . LEU A 1 53  ? 3.017   -0.588  -4.280  1.00 25.68 ? 52  LEU A CD2 1 
ATOM   454 N N   . ILE A 1 54  ? -0.479  -1.804  -0.737  1.00 17.95 ? 53  ILE A N   1 
ATOM   455 C CA  . ILE A 1 54  ? -0.945  -0.885  0.309   1.00 16.05 ? 53  ILE A CA  1 
ATOM   456 C C   . ILE A 1 54  ? -0.980  -1.594  1.669   1.00 18.99 ? 53  ILE A C   1 
ATOM   457 O O   . ILE A 1 54  ? -0.780  -0.961  2.710   1.00 17.41 ? 53  ILE A O   1 
ATOM   458 C CB  . ILE A 1 54  ? -2.305  -0.256  -0.070  1.00 18.79 ? 53  ILE A CB  1 
ATOM   459 C CG1 . ILE A 1 54  ? -2.493  1.107   0.638   1.00 18.97 ? 53  ILE A CG1 1 
ATOM   460 C CG2 . ILE A 1 54  ? -3.447  -1.165  0.317   1.00 17.82 ? 53  ILE A CG2 1 
ATOM   461 C CD1 . ILE A 1 54  ? -3.545  2.024   0.025   1.00 17.42 ? 53  ILE A CD1 1 
ATOM   462 N N   . SER A 1 55  ? -1.162  -2.922  1.693   1.00 16.93 ? 54  SER A N   1 
ATOM   463 C CA  . SER A 1 55  ? -1.196  -3.615  2.976   1.00 18.94 ? 54  SER A CA  1 
ATOM   464 C C   . SER A 1 55  ? 0.158   -3.529  3.667   1.00 22.04 ? 54  SER A C   1 
ATOM   465 O O   . SER A 1 55  ? 0.237   -3.206  4.860   1.00 20.76 ? 54  SER A O   1 
ATOM   466 C CB  . SER A 1 55  ? -1.597  -5.081  2.794   1.00 23.42 ? 54  SER A CB  1 
ATOM   467 O OG  . SER A 1 55  ? -1.398  -5.804  4.019   1.00 25.40 ? 54  SER A OG  1 
ATOM   468 N N   . ILE A 1 56  ? 1.238   -3.869  2.947   1.00 18.50 ? 55  ILE A N   1 
ATOM   469 C CA  . ILE A 1 56  ? 2.558   -3.778  3.569   1.00 18.59 ? 55  ILE A CA  1 
ATOM   470 C C   . ILE A 1 56  ? 2.960   -2.329  3.796   1.00 17.86 ? 55  ILE A C   1 
ATOM   471 O O   . ILE A 1 56  ? 3.643   -2.027  4.784   1.00 22.12 ? 55  ILE A O   1 
ATOM   472 C CB  . ILE A 1 56  ? 3.621   -4.550  2.763   1.00 19.87 ? 55  ILE A CB  1 
ATOM   473 C CG1 . ILE A 1 56  ? 4.912   -4.673  3.561   1.00 24.83 ? 55  ILE A CG1 1 
ATOM   474 C CG2 . ILE A 1 56  ? 3.873   -3.899  1.428   1.00 21.57 ? 55  ILE A CG2 1 
ATOM   475 C CD1 . ILE A 1 56  ? 4.746   -5.285  4.886   1.00 27.79 ? 55  ILE A CD1 1 
ATOM   476 N N   . ALA A 1 57  ? 2.511   -1.400  2.949   1.00 18.24 ? 56  ALA A N   1 
ATOM   477 C CA  . ALA A 1 57  ? 2.774   0.017   3.219   1.00 15.71 ? 56  ALA A CA  1 
ATOM   478 C C   . ALA A 1 57  ? 2.120   0.453   4.531   1.00 20.46 ? 56  ALA A C   1 
ATOM   479 O O   . ALA A 1 57  ? 2.723   1.191   5.328   1.00 21.18 ? 56  ALA A O   1 
ATOM   480 C CB  . ALA A 1 57  ? 2.272   0.897   2.062   1.00 18.43 ? 56  ALA A CB  1 
ATOM   481 N N   . VAL A 1 58  ? 0.903   -0.028  4.801   1.00 17.80 ? 57  VAL A N   1 
ATOM   482 C CA  . VAL A 1 58  ? 0.234   0.298   6.070   1.00 18.91 ? 57  VAL A CA  1 
ATOM   483 C C   . VAL A 1 58  ? 1.013   -0.277  7.260   1.00 21.57 ? 57  VAL A C   1 
ATOM   484 O O   . VAL A 1 58  ? 1.211   0.397   8.288   1.00 19.49 ? 57  VAL A O   1 
ATOM   485 C CB  . VAL A 1 58  ? -1.227  -0.198  6.036   1.00 16.51 ? 57  VAL A CB  1 
ATOM   486 C CG1 . VAL A 1 58  ? -1.792  -0.397  7.426   1.00 19.41 ? 57  VAL A CG1 1 
ATOM   487 C CG2 . VAL A 1 58  ? -2.086  0.780   5.246   1.00 16.84 ? 57  VAL A CG2 1 
ATOM   488 N N   . HIS A 1 59  ? 1.409   -1.555  7.173   1.00 21.48 ? 58  HIS A N   1 
ATOM   489 C CA  . HIS A 1 59  ? 2.222   -2.144  8.236   1.00 21.27 ? 58  HIS A CA  1 
ATOM   490 C C   . HIS A 1 59  ? 3.447   -1.303  8.551   1.00 22.75 ? 58  HIS A C   1 
ATOM   491 O O   . HIS A 1 59  ? 3.767   -1.072  9.722   1.00 20.66 ? 58  HIS A O   1 
ATOM   492 C CB  . HIS A 1 59  ? 2.641   -3.570  7.871   1.00 23.29 ? 58  HIS A CB  1 
ATOM   493 C CG  . HIS A 1 59  ? 1.521   -4.554  7.845   1.00 29.79 ? 58  HIS A CG  1 
ATOM   494 N ND1 . HIS A 1 59  ? 0.498   -4.513  8.768   1.00 39.55 ? 58  HIS A ND1 1 
ATOM   495 C CD2 . HIS A 1 59  ? 1.248   -5.591  7.015   1.00 32.48 ? 58  HIS A CD2 1 
ATOM   496 C CE1 . HIS A 1 59  ? -0.320  -5.530  8.556   1.00 38.18 ? 58  HIS A CE1 1 
ATOM   497 N NE2 . HIS A 1 59  ? 0.080   -6.167  7.469   1.00 39.41 ? 58  HIS A NE2 1 
ATOM   498 N N   . VAL A 1 60  ? 4.194   -0.905  7.521   1.00 18.95 ? 59  VAL A N   1 
ATOM   499 C CA  . VAL A 1 60  ? 5.413   -0.134  7.754   1.00 21.92 ? 59  VAL A CA  1 
ATOM   500 C C   . VAL A 1 60  ? 5.075   1.233   8.343   1.00 19.63 ? 59  VAL A C   1 
ATOM   501 O O   . VAL A 1 60  ? 5.664   1.662   9.345   1.00 23.53 ? 59  VAL A O   1 
ATOM   502 C CB  . VAL A 1 60  ? 6.211   0.001   6.451   1.00 17.86 ? 59  VAL A CB  1 
ATOM   503 C CG1 . VAL A 1 60  ? 7.353   1.039   6.616   1.00 20.81 ? 59  VAL A CG1 1 
ATOM   504 C CG2 . VAL A 1 60  ? 6.769   -1.371  6.025   1.00 21.71 ? 59  VAL A CG2 1 
ATOM   505 N N   . ALA A 1 61  ? 4.118   1.930   7.742   1.00 18.26 ? 60  ALA A N   1 
ATOM   506 C CA  . ALA A 1 61  ? 3.802   3.283   8.209   1.00 19.37 ? 60  ALA A CA  1 
ATOM   507 C C   . ALA A 1 61  ? 3.372   3.274   9.670   1.00 19.69 ? 60  ALA A C   1 
ATOM   508 O O   . ALA A 1 61  ? 3.716   4.181   10.438  1.00 19.49 ? 60  ALA A O   1 
ATOM   509 C CB  . ALA A 1 61  ? 2.711   3.888   7.329   1.00 21.52 ? 60  ALA A CB  1 
ATOM   510 N N   . VAL A 1 62  ? 2.618   2.252   10.084  1.00 19.19 ? 61  VAL A N   1 
ATOM   511 C CA  . VAL A 1 62  ? 2.184   2.206   11.478  1.00 20.58 ? 61  VAL A CA  1 
ATOM   512 C C   . VAL A 1 62  ? 3.360   1.867   12.387  1.00 27.28 ? 61  VAL A C   1 
ATOM   513 O O   . VAL A 1 62  ? 3.540   2.474   13.457  1.00 24.40 ? 61  VAL A O   1 
ATOM   514 C CB  . VAL A 1 62  ? 1.026   1.204   11.643  1.00 22.65 ? 61  VAL A CB  1 
ATOM   515 C CG1 . VAL A 1 62  ? 0.745   0.965   13.114  1.00 25.98 ? 61  VAL A CG1 1 
ATOM   516 C CG2 . VAL A 1 62  ? -0.201  1.749   10.944  1.00 20.82 ? 61  VAL A CG2 1 
ATOM   517 N N   . ARG A 1 63  ? 4.183   0.905   11.977  1.00 21.64 ? 62  ARG A N   1 
ATOM   518 C CA  . ARG A 1 63  ? 5.337   0.500   12.781  1.00 23.63 ? 62  ARG A CA  1 
ATOM   519 C C   . ARG A 1 63  ? 6.310   1.656   13.022  1.00 25.16 ? 62  ARG A C   1 
ATOM   520 O O   . ARG A 1 63  ? 6.774   1.854   14.150  1.00 25.62 ? 62  ARG A O   1 
ATOM   521 C CB  . ARG A 1 63  ? 6.075   -0.652  12.116  1.00 25.53 ? 62  ARG A CB  1 
ATOM   522 C CG  . ARG A 1 63  ? 7.348   -1.025  12.891  1.00 23.40 ? 62  ARG A CG  1 
ATOM   523 C CD  . ARG A 1 63  ? 7.713   -2.488  12.695  1.00 28.62 ? 62  ARG A CD  1 
ATOM   524 N NE  . ARG A 1 63  ? 6.926   -3.358  13.561  1.00 32.52 ? 62  ARG A NE  1 
ATOM   525 C CZ  . ARG A 1 63  ? 7.155   -4.653  13.734  1.00 29.59 ? 62  ARG A CZ  1 
ATOM   526 N NH1 . ARG A 1 63  ? 8.111   -5.287  13.062  1.00 30.99 ? 62  ARG A NH1 1 
ATOM   527 N NH2 . ARG A 1 63  ? 6.396   -5.335  14.588  1.00 33.26 ? 62  ARG A NH2 1 
ATOM   528 N N   . VAL A 1 64  ? 6.644   2.423   11.978  1.00 25.04 ? 63  VAL A N   1 
ATOM   529 C CA  . VAL A 1 64  ? 7.552   3.560   12.151  1.00 25.24 ? 63  VAL A CA  1 
ATOM   530 C C   . VAL A 1 64  ? 6.821   4.844   12.543  1.00 28.97 ? 63  VAL A C   1 
ATOM   531 O O   . VAL A 1 64  ? 7.474   5.881   12.717  1.00 29.17 ? 63  VAL A O   1 
ATOM   532 C CB  . VAL A 1 64  ? 8.393   3.824   10.882  1.00 24.99 ? 63  VAL A CB  1 
ATOM   533 C CG1 . VAL A 1 64  ? 9.232   2.609   10.508  1.00 26.42 ? 63  VAL A CG1 1 
ATOM   534 C CG2 . VAL A 1 64  ? 7.494   4.236   9.722   1.00 23.58 ? 63  VAL A CG2 1 
ATOM   535 N N   . ASN A 1 65  ? 5.494   4.805   12.691  1.00 24.96 ? 64  ASN A N   1 
ATOM   536 C CA  . ASN A 1 65  ? 4.688   5.973   13.050  1.00 26.54 ? 64  ASN A CA  1 
ATOM   537 C C   . ASN A 1 65  ? 4.951   7.199   12.176  1.00 24.74 ? 64  ASN A C   1 
ATOM   538 O O   . ASN A 1 65  ? 5.157   8.307   12.674  1.00 26.56 ? 64  ASN A O   1 
ATOM   539 C CB  . ASN A 1 65  ? 4.863   6.328   14.523  1.00 28.59 ? 64  ASN A CB  1 
ATOM   540 C CG  . ASN A 1 65  ? 3.759   7.228   15.010  1.00 33.06 ? 64  ASN A CG  1 
ATOM   541 O OD1 . ASN A 1 65  ? 2.592   6.999   14.696  1.00 35.35 ? 64  ASN A OD1 1 
ATOM   542 N ND2 . ASN A 1 65  ? 4.114   8.260   15.783  1.00 38.95 ? 64  ASN A ND2 1 
ATOM   543 N N   . ASN A 1 66  ? 4.891   7.015   10.857  1.00 21.19 ? 65  ASN A N   1 
ATOM   544 C CA  . ASN A 1 66  ? 5.001   8.143   9.929   1.00 22.72 ? 65  ASN A CA  1 
ATOM   545 C C   . ASN A 1 66  ? 3.599   8.673   9.702   1.00 20.70 ? 65  ASN A C   1 
ATOM   546 O O   . ASN A 1 66  ? 2.832   8.135   8.902   1.00 19.53 ? 65  ASN A O   1 
ATOM   547 C CB  . ASN A 1 66  ? 5.750   7.749   8.654   1.00 21.05 ? 65  ASN A CB  1 
ATOM   548 C CG  . ASN A 1 66  ? 5.945   8.919   7.665   1.00 21.94 ? 65  ASN A CG  1 
ATOM   549 O OD1 . ASN A 1 66  ? 5.162   9.857   7.628   1.00 22.66 ? 65  ASN A OD1 1 
ATOM   550 N ND2 . ASN A 1 66  ? 7.082   8.915   6.961   1.00 26.54 ? 65  ASN A ND2 1 
ATOM   551 N N   . GLU A 1 67  ? 3.284   9.746   10.436  1.00 22.09 ? 66  GLU A N   1 
ATOM   552 C CA  . GLU A 1 67  ? 1.924   10.278  10.505  1.00 22.20 ? 66  GLU A CA  1 
ATOM   553 C C   . GLU A 1 67  ? 1.503   10.906  9.180   1.00 23.86 ? 66  GLU A C   1 
ATOM   554 O O   . GLU A 1 67  ? 0.324   10.834  8.796   1.00 22.87 ? 66  GLU A O   1 
ATOM   555 C CB  . GLU A 1 67  ? 1.854   11.281  11.645  1.00 26.24 ? 66  GLU A CB  1 
ATOM   556 C CG  . GLU A 1 67  ? 2.105   10.588  12.999  1.00 28.99 ? 66  GLU A CG  1 
ATOM   557 C CD  . GLU A 1 67  ? 2.304   11.566  14.126  1.00 36.93 ? 66  GLU A CD  1 
ATOM   558 O OE1 . GLU A 1 67  ? 2.975   12.595  13.878  1.00 38.79 ? 66  GLU A OE1 1 
ATOM   559 O OE2 . GLU A 1 67  ? 1.816   11.301  15.262  1.00 33.09 ? 66  GLU A OE2 1 
ATOM   560 N N   . HIS A 1 68  ? 2.446   11.528  8.465   1.00 18.49 ? 67  HIS A N   1 
ATOM   561 C CA  . HIS A 1 68  ? 2.124   12.034  7.134   1.00 20.79 ? 67  HIS A CA  1 
ATOM   562 C C   . HIS A 1 68  ? 1.709   10.909  6.195   1.00 19.00 ? 67  HIS A C   1 
ATOM   563 O O   . HIS A 1 68  ? 0.712   11.014  5.467   1.00 16.93 ? 67  HIS A O   1 
ATOM   564 C CB  . HIS A 1 68  ? 3.306   12.758  6.526   1.00 24.65 ? 67  HIS A CB  1 
ATOM   565 C CG  . HIS A 1 68  ? 3.039   13.188  5.114   1.00 26.68 ? 67  HIS A CG  1 
ATOM   566 N ND1 . HIS A 1 68  ? 2.094   14.145  4.799   1.00 29.04 ? 67  HIS A ND1 1 
ATOM   567 C CD2 . HIS A 1 68  ? 3.515   12.726  3.930   1.00 29.15 ? 67  HIS A CD2 1 
ATOM   568 C CE1 . HIS A 1 68  ? 2.041   14.291  3.485   1.00 34.07 ? 67  HIS A CE1 1 
ATOM   569 N NE2 . HIS A 1 68  ? 2.899   13.448  2.936   1.00 33.36 ? 67  HIS A NE2 1 
ATOM   570 N N   . VAL A 1 69  ? 2.488   9.833   6.164   1.00 17.05 ? 68  VAL A N   1 
ATOM   571 C CA  . VAL A 1 69  ? 2.173   8.752   5.237   1.00 14.94 ? 68  VAL A CA  1 
ATOM   572 C C   . VAL A 1 69  ? 0.859   8.083   5.641   1.00 18.76 ? 68  VAL A C   1 
ATOM   573 O O   . VAL A 1 69  ? 0.040   7.702   4.786   1.00 18.93 ? 68  VAL A O   1 
ATOM   574 C CB  . VAL A 1 69  ? 3.355   7.766   5.165   1.00 18.63 ? 68  VAL A CB  1 
ATOM   575 C CG1 . VAL A 1 69  ? 2.981   6.476   4.366   1.00 17.41 ? 68  VAL A CG1 1 
ATOM   576 C CG2 . VAL A 1 69  ? 4.554   8.438   4.521   1.00 22.44 ? 68  VAL A CG2 1 
ATOM   577 N N   . ILE A 1 70  ? 0.617   7.955   6.950   1.00 18.26 ? 69  ILE A N   1 
ATOM   578 C CA  . ILE A 1 70  ? -0.660  7.390   7.408   1.00 18.80 ? 69  ILE A CA  1 
ATOM   579 C C   . ILE A 1 70  ? -1.821  8.189   6.842   1.00 18.66 ? 69  ILE A C   1 
ATOM   580 O O   . ILE A 1 70  ? -2.765  7.622   6.285   1.00 18.14 ? 69  ILE A O   1 
ATOM   581 C CB  . ILE A 1 70  ? -0.717  7.335   8.940   1.00 19.04 ? 69  ILE A CB  1 
ATOM   582 C CG1 . ILE A 1 70  ? 0.196   6.209   9.425   1.00 18.09 ? 69  ILE A CG1 1 
ATOM   583 C CG2 . ILE A 1 70  ? -2.174  7.142   9.396   1.00 19.74 ? 69  ILE A CG2 1 
ATOM   584 C CD1 . ILE A 1 70  ? 0.510   6.354   10.931  1.00 20.78 ? 69  ILE A CD1 1 
ATOM   585 N N   . ARG A 1 71  ? -1.750  9.524   6.936   1.00 18.07 ? 70  ARG A N   1 
ATOM   586 C CA  . ARG A 1 71  ? -2.797  10.366  6.366   1.00 17.24 ? 70  ARG A CA  1 
ATOM   587 C C   . ARG A 1 71  ? -2.930  10.129  4.860   1.00 21.29 ? 70  ARG A C   1 
ATOM   588 O O   . ARG A 1 71  ? -4.042  10.014  4.329   1.00 21.19 ? 70  ARG A O   1 
ATOM   589 C CB  . ARG A 1 71  ? -2.504  11.824  6.704   1.00 17.92 ? 70  ARG A CB  1 
ATOM   590 C CG  . ARG A 1 71  ? -2.885  12.186  8.122   1.00 19.29 ? 70  ARG A CG  1 
ATOM   591 C CD  . ARG A 1 71  ? -2.759  13.701  8.365   1.00 22.31 ? 70  ARG A CD  1 
ATOM   592 N NE  . ARG A 1 71  ? -1.352  14.124  8.380   1.00 21.95 ? 70  ARG A NE  1 
ATOM   593 C CZ  . ARG A 1 71  ? -0.576  14.055  9.456   1.00 27.34 ? 70  ARG A CZ  1 
ATOM   594 N NH1 . ARG A 1 71  ? -1.024  13.548  10.591  1.00 24.37 ? 70  ARG A NH1 1 
ATOM   595 N NH2 . ARG A 1 71  ? 0.673   14.527  9.401   1.00 24.68 ? 70  ARG A NH2 1 
ATOM   596 N N   . GLU A 1 72  ? -1.809  10.067  4.141   1.00 19.15 ? 71  GLU A N   1 
ATOM   597 C CA  . GLU A 1 72  ? -1.888  9.777   2.712   1.00 15.74 ? 71  GLU A CA  1 
ATOM   598 C C   . GLU A 1 72  ? -2.492  8.394   2.439   1.00 18.21 ? 71  GLU A C   1 
ATOM   599 O O   . GLU A 1 72  ? -3.249  8.222   1.473   1.00 18.38 ? 71  GLU A O   1 
ATOM   600 C CB  . GLU A 1 72  ? -0.494  9.892   2.090   1.00 18.06 ? 71  GLU A CB  1 
ATOM   601 C CG  . GLU A 1 72  ? -0.016  11.321  2.135   1.00 21.17 ? 71  GLU A CG  1 
ATOM   602 C CD  . GLU A 1 72  ? -0.928  12.210  1.325   1.00 32.58 ? 71  GLU A CD  1 
ATOM   603 O OE1 . GLU A 1 72  ? -0.943  12.028  0.079   1.00 29.71 ? 71  GLU A OE1 1 
ATOM   604 O OE2 . GLU A 1 72  ? -1.644  13.058  1.902   1.00 34.85 ? 71  GLU A OE2 1 
ATOM   605 N N   . LEU A 1 73  ? -2.171  7.412   3.271   1.00 17.47 ? 72  LEU A N   1 
ATOM   606 C CA  . LEU A 1 73  ? -2.711  6.058   3.072   1.00 17.43 ? 72  LEU A CA  1 
ATOM   607 C C   . LEU A 1 73  ? -4.224  6.027   3.343   1.00 19.39 ? 72  LEU A C   1 
ATOM   608 O O   . LEU A 1 73  ? -4.980  5.319   2.660   1.00 18.55 ? 72  LEU A O   1 
ATOM   609 C CB  . LEU A 1 73  ? -1.957  5.092   3.983   1.00 13.58 ? 72  LEU A CB  1 
ATOM   610 C CG  . LEU A 1 73  ? -0.522  4.803   3.498   1.00 15.89 ? 72  LEU A CG  1 
ATOM   611 C CD1 . LEU A 1 73  ? 0.181   4.014   4.574   1.00 21.03 ? 72  LEU A CD1 1 
ATOM   612 C CD2 . LEU A 1 73  ? -0.594  3.969   2.225   1.00 20.97 ? 72  LEU A CD2 1 
ATOM   613 N N   . HIS A 1 74  ? -4.699  6.798   4.319   1.00 16.51 ? 73  HIS A N   1 
ATOM   614 C CA  . HIS A 1 74  ? -6.153  6.923   4.473   1.00 16.60 ? 73  HIS A CA  1 
ATOM   615 C C   . HIS A 1 74  ? -6.825  7.376   3.184   1.00 18.39 ? 73  HIS A C   1 
ATOM   616 O O   . HIS A 1 74  ? -7.851  6.815   2.775   1.00 19.18 ? 73  HIS A O   1 
ATOM   617 C CB  . HIS A 1 74  ? -6.548  7.869   5.612   1.00 21.22 ? 73  HIS A CB  1 
ATOM   618 C CG  . HIS A 1 74  ? -6.261  7.339   6.986   1.00 25.54 ? 73  HIS A CG  1 
ATOM   619 N ND1 . HIS A 1 74  ? -6.964  6.271   7.514   1.00 30.84 ? 73  HIS A ND1 1 
ATOM   620 C CD2 . HIS A 1 74  ? -5.494  7.814   7.999   1.00 28.08 ? 73  HIS A CD2 1 
ATOM   621 C CE1 . HIS A 1 74  ? -6.562  6.047   8.756   1.00 34.80 ? 73  HIS A CE1 1 
ATOM   622 N NE2 . HIS A 1 74  ? -5.677  6.973   9.081   1.00 31.91 ? 73  HIS A NE2 1 
ATOM   623 N N   . HIS A 1 75  ? -6.263  8.393   2.522   1.00 16.95 ? 74  HIS A N   1 
ATOM   624 C CA  . HIS A 1 75  ? -6.887  8.835   1.278   1.00 19.10 ? 74  HIS A CA  1 
ATOM   625 C C   . HIS A 1 75  ? -6.777  7.768   0.204   1.00 21.73 ? 74  HIS A C   1 
ATOM   626 O O   . HIS A 1 75  ? -7.715  7.586   -0.583  1.00 19.81 ? 74  HIS A O   1 
ATOM   627 C CB  . HIS A 1 75  ? -6.278  10.139  0.766   1.00 20.60 ? 74  HIS A CB  1 
ATOM   628 C CG  . HIS A 1 75  ? -6.959  10.673  -0.460  1.00 26.11 ? 74  HIS A CG  1 
ATOM   629 N ND1 . HIS A 1 75  ? -8.324  10.872  -0.533  1.00 34.78 ? 74  HIS A ND1 1 
ATOM   630 C CD2 . HIS A 1 75  ? -6.470  10.973  -1.690  1.00 33.44 ? 74  HIS A CD2 1 
ATOM   631 C CE1 . HIS A 1 75  ? -8.638  11.319  -1.738  1.00 34.77 ? 74  HIS A CE1 1 
ATOM   632 N NE2 . HIS A 1 75  ? -7.529  11.393  -2.460  1.00 37.63 ? 74  HIS A NE2 1 
ATOM   633 N N   . LEU A 1 76  ? -5.611  7.107   0.087   1.00 17.45 ? 75  LEU A N   1 
ATOM   634 C CA  . LEU A 1 76  ? -5.491  6.120   -0.986  1.00 17.51 ? 75  LEU A CA  1 
ATOM   635 C C   . LEU A 1 76  ? -6.418  4.941   -0.746  1.00 19.04 ? 75  LEU A C   1 
ATOM   636 O O   . LEU A 1 76  ? -6.941  4.367   -1.709  1.00 18.44 ? 75  LEU A O   1 
ATOM   637 C CB  . LEU A 1 76  ? -4.054  5.638   -1.143  1.00 19.01 ? 75  LEU A CB  1 
ATOM   638 C CG  . LEU A 1 76  ? -3.127  6.642   -1.842  1.00 17.15 ? 75  LEU A CG  1 
ATOM   639 C CD1 . LEU A 1 76  ? -1.669  6.213   -1.719  1.00 21.91 ? 75  LEU A CD1 1 
ATOM   640 C CD2 . LEU A 1 76  ? -3.467  6.773   -3.321  1.00 22.48 ? 75  LEU A CD2 1 
ATOM   641 N N   . LEU A 1 77  ? -6.629  4.577   0.526   1.00 16.84 ? 76  LEU A N   1 
ATOM   642 C CA  . LEU A 1 77  ? -7.564  3.499   0.877   1.00 21.65 ? 76  LEU A CA  1 
ATOM   643 C C   . LEU A 1 77  ? -9.001  3.880   0.532   1.00 21.93 ? 76  LEU A C   1 
ATOM   644 O O   . LEU A 1 77  ? -9.786  3.034   0.081   1.00 18.14 ? 76  LEU A O   1 
ATOM   645 C CB  . LEU A 1 77  ? -7.441  3.192   2.367   1.00 19.90 ? 76  LEU A CB  1 
ATOM   646 C CG  . LEU A 1 77  ? -6.265  2.275   2.688   1.00 17.91 ? 76  LEU A CG  1 
ATOM   647 C CD1 . LEU A 1 77  ? -6.029  2.193   4.183   1.00 22.68 ? 76  LEU A CD1 1 
ATOM   648 C CD2 . LEU A 1 77  ? -6.408  0.827   2.086   1.00 20.52 ? 76  LEU A CD2 1 
ATOM   649 N N   . ARG A 1 78  ? -9.365  5.152   0.760   1.00 19.16 ? 77  ARG A N   1 
ATOM   650 C CA  . ARG A 1 78  ? -10.656 5.677   0.318   1.00 21.49 ? 77  ARG A CA  1 
ATOM   651 C C   . ARG A 1 78  ? -10.878 5.457   -1.170  1.00 22.90 ? 77  ARG A C   1 
ATOM   652 O O   . ARG A 1 78  ? -11.953 5.023   -1.597  1.00 23.27 ? 77  ARG A O   1 
ATOM   653 C CB  . ARG A 1 78  ? -10.722 7.186   0.615   1.00 25.14 ? 77  ARG A CB  1 
ATOM   654 C CG  . ARG A 1 78  ? -12.074 7.727   0.808   1.00 31.07 ? 77  ARG A CG  1 
ATOM   655 C CD  . ARG A 1 78  ? -12.040 8.977   1.703   1.00 35.03 ? 77  ARG A CD  1 
ATOM   656 N NE  . ARG A 1 78  ? -13.277 9.733   1.586   1.00 52.30 ? 77  ARG A NE  1 
ATOM   657 C CZ  . ARG A 1 78  ? -14.503 9.239   1.709   1.00 53.54 ? 77  ARG A CZ  1 
ATOM   658 N NH1 . ARG A 1 78  ? -14.715 8.009   2.150   1.00 57.96 ? 77  ARG A NH1 1 
ATOM   659 N NH2 . ARG A 1 78  ? -15.546 10.012  1.412   1.00 56.54 ? 77  ARG A NH2 1 
ATOM   660 N N   . ARG A 1 79  ? -9.892  5.872   -1.983  1.00 19.49 ? 78  ARG A N   1 
ATOM   661 C CA  . ARG A 1 79  ? -9.968  5.712   -3.430  1.00 20.96 ? 78  ARG A CA  1 
ATOM   662 C C   . ARG A 1 79  ? -10.002 4.241   -3.826  1.00 22.08 ? 78  ARG A C   1 
ATOM   663 O O   . ARG A 1 79  ? -10.787 3.840   -4.696  1.00 21.72 ? 78  ARG A O   1 
ATOM   664 C CB  . ARG A 1 79  ? -8.757  6.387   -4.071  1.00 22.04 ? 78  ARG A CB  1 
ATOM   665 C CG  . ARG A 1 79  ? -8.697  7.865   -3.839  1.00 21.53 ? 78  ARG A CG  1 
ATOM   666 C CD  . ARG A 1 79  ? -7.577  8.529   -4.638  1.00 28.50 ? 78  ARG A CD  1 
ATOM   667 N NE  . ARG A 1 79  ? -7.496  8.192   -6.051  1.00 32.13 ? 78  ARG A NE  1 
ATOM   668 C CZ  . ARG A 1 79  ? -6.375  8.295   -6.758  1.00 35.10 ? 78  ARG A CZ  1 
ATOM   669 N NH1 . ARG A 1 79  ? -5.247  8.705   -6.203  1.00 34.82 ? 78  ARG A NH1 1 
ATOM   670 N NH2 . ARG A 1 79  ? -6.388  7.983   -8.051  1.00 37.10 ? 78  ARG A NH2 1 
ATOM   671 N N   . LEU A 1 80  ? -9.155  3.425   -3.197  1.00 19.37 ? 79  LEU A N   1 
ATOM   672 C CA  . LEU A 1 80  ? -9.094  2.009   -3.539  1.00 20.83 ? 79  LEU A CA  1 
ATOM   673 C C   . LEU A 1 80  ? -10.399 1.304   -3.221  1.00 21.92 ? 79  LEU A C   1 
ATOM   674 O O   . LEU A 1 80  ? -10.887 0.488   -4.018  1.00 22.48 ? 79  LEU A O   1 
ATOM   675 C CB  . LEU A 1 80  ? -7.948  1.353   -2.781  1.00 22.56 ? 79  LEU A CB  1 
ATOM   676 C CG  . LEU A 1 80  ? -7.661  -0.111  -3.116  1.00 25.04 ? 79  LEU A CG  1 
ATOM   677 C CD1 . LEU A 1 80  ? -7.318  -0.293  -4.586  1.00 22.55 ? 79  LEU A CD1 1 
ATOM   678 C CD2 . LEU A 1 80  ? -6.516  -0.516  -2.221  1.00 24.38 ? 79  LEU A CD2 1 
ATOM   679 N N   . LEU A 1 81  ? -10.975 1.585   -2.044  1.00 21.79 ? 80  LEU A N   1 
ATOM   680 C CA  . LEU A 1 81  ? -12.252 0.966   -1.706  1.00 20.55 ? 80  LEU A CA  1 
ATOM   681 C C   . LEU A 1 81  ? -13.325 1.341   -2.725  1.00 25.36 ? 80  LEU A C   1 
ATOM   682 O O   . LEU A 1 81  ? -14.057 0.472   -3.218  1.00 28.50 ? 80  LEU A O   1 
ATOM   683 C CB  . LEU A 1 81  ? -12.671 1.360   -0.293  1.00 24.94 ? 80  LEU A CB  1 
ATOM   684 C CG  . LEU A 1 81  ? -13.962 0.723   0.202   1.00 26.01 ? 80  LEU A CG  1 
ATOM   685 C CD1 . LEU A 1 81  ? -13.746 -0.800  0.331   1.00 24.00 ? 80  LEU A CD1 1 
ATOM   686 C CD2 . LEU A 1 81  ? -14.345 1.342   1.515   1.00 28.20 ? 80  LEU A CD2 1 
ATOM   687 N N   . LYS A 1 82  ? -13.425 2.631   -3.063  1.00 22.63 ? 81  LYS A N   1 
ATOM   688 C CA  . LYS A 1 82  ? -14.310 3.073   -4.140  1.00 24.33 ? 81  LYS A CA  1 
ATOM   689 C C   . LYS A 1 82  ? -14.119 2.243   -5.409  1.00 27.39 ? 81  LYS A C   1 
ATOM   690 O O   . LYS A 1 82  ? -15.097 1.798   -6.027  1.00 26.75 ? 81  LYS A O   1 
ATOM   691 C CB  . LYS A 1 82  ? -14.063 4.553   -4.444  1.00 29.69 ? 81  LYS A CB  1 
ATOM   692 C CG  . LYS A 1 82  ? -14.982 5.154   -5.508  1.00 34.15 ? 81  LYS A CG  1 
ATOM   693 C CD  . LYS A 1 82  ? -14.911 6.686   -5.525  1.00 40.83 ? 81  LYS A CD  1 
ATOM   694 C CE  . LYS A 1 82  ? -15.670 7.275   -6.711  1.00 48.49 ? 81  LYS A CE  1 
ATOM   695 N NZ  . LYS A 1 82  ? -17.160 7.212   -6.613  1.00 51.48 ? 81  LYS A NZ  1 
ATOM   696 N N   . GLN A 1 83  ? -12.859 2.041   -5.822  1.00 29.29 ? 82  GLN A N   1 
ATOM   697 C CA  . GLN A 1 83  ? -12.592 1.415   -7.120  1.00 29.96 ? 82  GLN A CA  1 
ATOM   698 C C   . GLN A 1 83  ? -12.847 -0.092  -7.065  1.00 28.03 ? 82  GLN A C   1 
ATOM   699 O O   . GLN A 1 83  ? -13.353 -0.674  -8.031  1.00 32.13 ? 82  GLN A O   1 
ATOM   700 C CB  . GLN A 1 83  ? -11.156 1.726   -7.576  1.00 29.67 ? 82  GLN A CB  1 
ATOM   701 C CG  . GLN A 1 83  ? -10.982 3.203   -7.930  1.00 32.06 ? 82  GLN A CG  1 
ATOM   702 C CD  . GLN A 1 83  ? -9.671  3.597   -8.642  1.00 43.35 ? 82  GLN A CD  1 
ATOM   703 O OE1 . GLN A 1 83  ? -9.161  2.887   -9.531  1.00 39.68 ? 82  GLN A OE1 1 
ATOM   704 N NE2 . GLN A 1 83  ? -9.114  4.748   -8.230  1.00 38.83 ? 82  GLN A NE2 1 
ATOM   705 N N   . VAL A 1 84  ? -12.552 -0.743  -5.933  1.00 27.48 ? 83  VAL A N   1 
ATOM   706 C CA  . VAL A 1 84  ? -12.868 -2.168  -5.870  1.00 31.04 ? 83  VAL A CA  1 
ATOM   707 C C   . VAL A 1 84  ? -14.379 -2.365  -5.814  1.00 30.98 ? 83  VAL A C   1 
ATOM   708 O O   . VAL A 1 84  ? -14.908 -3.327  -6.390  1.00 32.51 ? 83  VAL A O   1 
ATOM   709 C CB  . VAL A 1 84  ? -12.152 -2.872  -4.692  1.00 28.97 ? 83  VAL A CB  1 
ATOM   710 C CG1 . VAL A 1 84  ? -10.637 -2.786  -4.877  1.00 25.22 ? 83  VAL A CG1 1 
ATOM   711 C CG2 . VAL A 1 84  ? -12.568 -2.334  -3.373  1.00 30.18 ? 83  VAL A CG2 1 
ATOM   712 N N   . LYS A 1 85  ? -15.119 -1.446  -5.172  1.00 27.56 ? 84  LYS A N   1 
ATOM   713 C CA  . LYS A 1 85  ? -16.566 -1.619  -5.131  1.00 30.46 ? 84  LYS A CA  1 
ATOM   714 C C   . LYS A 1 85  ? -17.180 -1.412  -6.511  1.00 35.11 ? 84  LYS A C   1 
ATOM   715 O O   . LYS A 1 85  ? -18.110 -2.132  -6.893  1.00 37.89 ? 84  LYS A O   1 
ATOM   716 C CB  . LYS A 1 85  ? -17.214 -0.697  -4.083  1.00 29.74 ? 84  LYS A CB  1 
ATOM   717 C CG  . LYS A 1 85  ? -16.920 -1.136  -2.638  1.00 30.49 ? 84  LYS A CG  1 
ATOM   718 C CD  . LYS A 1 85  ? -17.270 -0.088  -1.561  1.00 33.14 ? 84  LYS A CD  1 
ATOM   719 C CE  . LYS A 1 85  ? -18.623 0.503   -1.787  1.00 38.32 ? 84  LYS A CE  1 
ATOM   720 N NZ  . LYS A 1 85  ? -19.011 1.387   -0.631  1.00 41.86 ? 84  LYS A NZ  1 
ATOM   721 N N   . GLU A 1 86  ? -16.648 -0.463  -7.291  1.00 34.98 ? 85  GLU A N   1 
ATOM   722 C CA  . GLU A 1 86  ? -17.178 -0.237  -8.635  1.00 34.52 ? 85  GLU A CA  1 
ATOM   723 C C   . GLU A 1 86  ? -16.902 -1.409  -9.561  1.00 36.51 ? 85  GLU A C   1 
ATOM   724 O O   . GLU A 1 86  ? -17.667 -1.635  -10.504 1.00 41.75 ? 85  GLU A O   1 
ATOM   725 C CB  . GLU A 1 86  ? -16.599 1.051   -9.227  1.00 39.24 ? 85  GLU A CB  1 
ATOM   726 C CG  . GLU A 1 86  ? -17.149 2.325   -8.586  1.00 45.97 ? 85  GLU A CG  1 
ATOM   727 C CD  . GLU A 1 86  ? -16.580 3.602   -9.194  1.00 57.56 ? 85  GLU A CD  1 
ATOM   728 O OE1 . GLU A 1 86  ? -15.508 3.530   -9.843  1.00 56.28 ? 85  GLU A OE1 1 
ATOM   729 O OE2 . GLU A 1 86  ? -17.214 4.674   -9.034  1.00 56.22 ? 85  GLU A OE2 1 
ATOM   730 N N   . HIS A 1 87  ? -15.831 -2.165  -9.321  1.00 38.75 ? 86  HIS A N   1 
ATOM   731 C CA  . HIS A 1 87  ? -15.557 -3.364  -10.110 1.00 43.80 ? 86  HIS A CA  1 
ATOM   732 C C   . HIS A 1 87  ? -16.145 -4.633  -9.491  1.00 44.83 ? 86  HIS A C   1 
ATOM   733 O O   . HIS A 1 87  ? -15.934 -5.727  -10.037 1.00 41.64 ? 86  HIS A O   1 
ATOM   734 C CB  . HIS A 1 87  ? -14.046 -3.525  -10.337 1.00 39.30 ? 86  HIS A CB  1 
ATOM   735 C CG  . HIS A 1 87  ? -13.451 -2.457  -11.203 1.00 42.57 ? 86  HIS A CG  1 
ATOM   736 N ND1 . HIS A 1 87  ? -13.820 -1.131  -11.120 1.00 47.68 ? 86  HIS A ND1 1 
ATOM   737 C CD2 . HIS A 1 87  ? -12.551 -2.534  -12.214 1.00 44.61 ? 86  HIS A CD2 1 
ATOM   738 C CE1 . HIS A 1 87  ? -13.152 -0.432  -12.024 1.00 50.49 ? 86  HIS A CE1 1 
ATOM   739 N NE2 . HIS A 1 87  ? -12.381 -1.261  -12.705 1.00 50.75 ? 86  HIS A NE2 1 
ATOM   740 N N   . ASN A 1 88  ? -16.887 -4.501  -8.385  1.00 40.70 ? 87  ASN A N   1 
ATOM   741 C CA  . ASN A 1 88  ? -17.676 -5.593  -7.805  1.00 37.76 ? 87  ASN A CA  1 
ATOM   742 C C   . ASN A 1 88  ? -16.802 -6.792  -7.470  1.00 41.84 ? 87  ASN A C   1 
ATOM   743 O O   . ASN A 1 88  ? -17.204 -7.944  -7.654  1.00 44.50 ? 87  ASN A O   1 
ATOM   744 C CB  . ASN A 1 88  ? -18.799 -6.014  -8.746  1.00 41.88 ? 87  ASN A CB  1 
ATOM   745 C CG  . ASN A 1 88  ? -19.847 -4.963  -8.877  1.00 44.66 ? 87  ASN A CG  1 
ATOM   746 O OD1 . ASN A 1 88  ? -20.432 -4.543  -7.886  1.00 52.75 ? 87  ASN A OD1 1 
ATOM   747 N ND2 . ASN A 1 88  ? -20.072 -4.496  -10.101 1.00 47.97 ? 87  ASN A ND2 1 
ATOM   748 N N   . ASN A 1 89  ? -15.594 -6.530  -6.985  1.00 36.68 ? 88  ASN A N   1 
ATOM   749 C CA  . ASN A 1 89  ? -14.637 -7.602  -6.742  1.00 39.13 ? 88  ASN A CA  1 
ATOM   750 C C   . ASN A 1 89  ? -14.746 -7.957  -5.265  1.00 34.12 ? 88  ASN A C   1 
ATOM   751 O O   . ASN A 1 89  ? -14.136 -7.299  -4.426  1.00 33.40 ? 88  ASN A O   1 
ATOM   752 C CB  . ASN A 1 89  ? -13.228 -7.140  -7.078  1.00 40.71 ? 88  ASN A CB  1 
ATOM   753 C CG  . ASN A 1 89  ? -12.201 -8.237  -6.924  1.00 42.53 ? 88  ASN A CG  1 
ATOM   754 O OD1 . ASN A 1 89  ? -12.260 -9.089  -6.018  1.00 38.93 ? 88  ASN A OD1 1 
ATOM   755 N ND2 . ASN A 1 89  ? -11.200 -8.202  -7.817  1.00 55.72 ? 88  ASN A ND2 1 
ATOM   756 N N   . ASN A 1 90  ? -15.490 -9.018  -4.934  1.00 37.04 ? 89  ASN A N   1 
ATOM   757 C CA  . ASN A 1 90  ? -15.762 -9.255  -3.517  1.00 38.44 ? 89  ASN A CA  1 
ATOM   758 C C   . ASN A 1 90  ? -14.507 -9.668  -2.749  1.00 34.49 ? 89  ASN A C   1 
ATOM   759 O O   . ASN A 1 90  ? -14.351 -9.285  -1.581  1.00 30.37 ? 89  ASN A O   1 
ATOM   760 C CB  . ASN A 1 90  ? -16.905 -10.270 -3.348  1.00 44.30 ? 89  ASN A CB  1 
ATOM   761 C CG  . ASN A 1 90  ? -16.575 -11.648 -3.899  1.00 60.68 ? 89  ASN A CG  1 
ATOM   762 O OD1 . ASN A 1 90  ? -15.424 -12.099 -3.854  1.00 63.80 ? 89  ASN A OD1 1 
ATOM   763 N ND2 . ASN A 1 90  ? -17.607 -12.350 -4.393  1.00 61.96 ? 89  ASN A ND2 1 
ATOM   764 N N   . LYS A 1 91  ? -13.591 -10.426 -3.368  1.00 37.79 ? 90  LYS A N   1 
ATOM   765 C CA  . LYS A 1 91  ? -12.373 -10.787 -2.638  1.00 34.42 ? 90  LYS A CA  1 
ATOM   766 C C   . LYS A 1 91  ? -11.490 -9.570  -2.371  1.00 28.25 ? 90  LYS A C   1 
ATOM   767 O O   . LYS A 1 91  ? -10.921 -9.439  -1.278  1.00 24.35 ? 90  LYS A O   1 
ATOM   768 C CB  . LYS A 1 91  ? -11.582 -11.876 -3.358  1.00 40.64 ? 90  LYS A CB  1 
ATOM   769 C CG  . LYS A 1 91  ? -11.953 -13.276 -2.872  1.00 42.50 ? 90  LYS A CG  1 
ATOM   770 C CD  . LYS A 1 91  ? -11.432 -14.362 -3.776  1.00 51.84 ? 90  LYS A CD  1 
ATOM   771 C CE  . LYS A 1 91  ? -10.836 -15.486 -2.933  1.00 54.82 ? 90  LYS A CE  1 
ATOM   772 N NZ  . LYS A 1 91  ? -9.434  -15.840 -3.338  1.00 62.92 ? 90  LYS A NZ  1 
ATOM   773 N N   . LEU A 1 92  ? -11.362 -8.659  -3.346  1.00 25.39 ? 91  LEU A N   1 
ATOM   774 C CA  . LEU A 1 92  ? -10.574 -7.457  -3.097  1.00 25.72 ? 91  LEU A CA  1 
ATOM   775 C C   . LEU A 1 92  ? -11.246 -6.569  -2.062  1.00 28.13 ? 91  LEU A C   1 
ATOM   776 O O   . LEU A 1 92  ? -10.559 -5.916  -1.267  1.00 21.76 ? 91  LEU A O   1 
ATOM   777 C CB  . LEU A 1 92  ? -10.346 -6.669  -4.389  1.00 29.28 ? 91  LEU A CB  1 
ATOM   778 C CG  . LEU A 1 92  ? -9.287  -7.198  -5.345  1.00 31.78 ? 91  LEU A CG  1 
ATOM   779 C CD1 . LEU A 1 92  ? -8.851  -6.089  -6.316  1.00 29.50 ? 91  LEU A CD1 1 
ATOM   780 C CD2 . LEU A 1 92  ? -8.099  -7.760  -4.553  1.00 29.44 ? 91  LEU A CD2 1 
ATOM   781 N N   . TYR A 1 93  ? -12.582 -6.494  -2.087  1.00 23.20 ? 92  TYR A N   1 
ATOM   782 C CA  . TYR A 1 93  ? -13.303 -5.699  -1.097  1.00 25.38 ? 92  TYR A CA  1 
ATOM   783 C C   . TYR A 1 93  ? -12.915 -6.097  0.316   1.00 24.10 ? 92  TYR A C   1 
ATOM   784 O O   . TYR A 1 93  ? -12.619 -5.239  1.156   1.00 18.42 ? 92  TYR A O   1 
ATOM   785 C CB  . TYR A 1 93  ? -14.810 -5.861  -1.284  1.00 24.35 ? 92  TYR A CB  1 
ATOM   786 C CG  . TYR A 1 93  ? -15.641 -5.190  -0.199  1.00 25.41 ? 92  TYR A CG  1 
ATOM   787 C CD1 . TYR A 1 93  ? -15.860 -3.804  -0.203  1.00 22.22 ? 92  TYR A CD1 1 
ATOM   788 C CD2 . TYR A 1 93  ? -16.206 -5.947  0.836   1.00 27.75 ? 92  TYR A CD2 1 
ATOM   789 C CE1 . TYR A 1 93  ? -16.618 -3.193  0.787   1.00 24.79 ? 92  TYR A CE1 1 
ATOM   790 C CE2 . TYR A 1 93  ? -16.969 -5.328  1.856   1.00 28.49 ? 92  TYR A CE2 1 
ATOM   791 C CZ  . TYR A 1 93  ? -17.172 -3.962  1.816   1.00 27.58 ? 92  TYR A CZ  1 
ATOM   792 O OH  . TYR A 1 93  ? -17.917 -3.355  2.806   1.00 26.53 ? 92  TYR A OH  1 
ATOM   793 N N   . ILE A 1 94  ? -12.914 -7.405  0.593   1.00 20.03 ? 93  ILE A N   1 
ATOM   794 C CA  . ILE A 1 94  ? -12.656 -7.856  1.959   1.00 22.48 ? 93  ILE A CA  1 
ATOM   795 C C   . ILE A 1 94  ? -11.198 -7.599  2.318   1.00 20.81 ? 93  ILE A C   1 
ATOM   796 O O   . ILE A 1 94  ? -10.880 -7.171  3.435   1.00 23.38 ? 93  ILE A O   1 
ATOM   797 C CB  . ILE A 1 94  ? -13.030 -9.346  2.109   1.00 30.46 ? 93  ILE A CB  1 
ATOM   798 C CG1 . ILE A 1 94  ? -14.547 -9.566  2.169   1.00 31.64 ? 93  ILE A CG1 1 
ATOM   799 C CG2 . ILE A 1 94  ? -12.556 -9.859  3.457   1.00 31.39 ? 93  ILE A CG2 1 
ATOM   800 C CD1 . ILE A 1 94  ? -15.355 -8.600  3.060   1.00 25.68 ? 93  ILE A CD1 1 
ATOM   801 N N   . ALA A 1 95  ? -10.294 -7.780  1.353   1.00 21.78 ? 94  ALA A N   1 
ATOM   802 C CA  . ALA A 1 95  ? -8.887  -7.465  1.596   1.00 22.01 ? 94  ALA A CA  1 
ATOM   803 C C   . ALA A 1 95  ? -8.697  -5.990  1.951   1.00 22.12 ? 94  ALA A C   1 
ATOM   804 O O   . ALA A 1 95  ? -7.925  -5.663  2.859   1.00 21.97 ? 94  ALA A O   1 
ATOM   805 C CB  . ALA A 1 95  ? -8.045  -7.829  0.374   1.00 23.97 ? 94  ALA A CB  1 
ATOM   806 N N   . VAL A 1 96  ? -9.391  -5.086  1.248   1.00 19.21 ? 95  VAL A N   1 
ATOM   807 C CA  . VAL A 1 96  ? -9.208  -3.660  1.501   1.00 19.88 ? 95  VAL A CA  1 
ATOM   808 C C   . VAL A 1 96  ? -9.803  -3.299  2.860   1.00 21.09 ? 95  VAL A C   1 
ATOM   809 O O   . VAL A 1 96  ? -9.207  -2.541  3.638   1.00 20.58 ? 95  VAL A O   1 
ATOM   810 C CB  . VAL A 1 96  ? -9.847  -2.816  0.373   1.00 18.59 ? 95  VAL A CB  1 
ATOM   811 C CG1 . VAL A 1 96  ? -9.918  -1.325  0.789   1.00 21.91 ? 95  VAL A CG1 1 
ATOM   812 C CG2 . VAL A 1 96  ? -9.116  -3.012  -0.961  1.00 19.29 ? 95  VAL A CG2 1 
ATOM   813 N N   . MET A 1 97  ? -10.989 -3.829  3.163   1.00 21.89 ? 96  MET A N   1 
ATOM   814 C CA  . MET A 1 97  ? -11.537 -3.686  4.509   1.00 20.86 ? 96  MET A CA  1 
ATOM   815 C C   . MET A 1 97  ? -10.581 -4.125  5.594   1.00 22.54 ? 96  MET A C   1 
ATOM   816 O O   . MET A 1 97  ? -10.485 -3.460  6.628   1.00 22.51 ? 96  MET A O   1 
ATOM   817 C CB  . MET A 1 97  ? -12.872 -4.415  4.609   1.00 20.20 ? 96  MET A CB  1 
ATOM   818 C CG  . MET A 1 97  ? -14.030 -3.874  3.781   1.00 21.34 ? 96  MET A CG  1 
ATOM   819 S SD  . MET A 1 97  ? -14.221 -2.038  4.128   1.00 27.79 ? 96  MET A SD  1 
ATOM   820 C CE  . MET A 1 97  ? -14.347 -2.099  5.896   1.00 33.66 ? 96  MET A CE  1 
ATOM   821 N N   . SER A 1 98  ? -9.873  -5.235  5.396   1.00 18.67 ? 97  SER A N   1 
ATOM   822 C CA  . SER A 1 98  ? -8.959  -5.681  6.439   1.00 20.61 ? 97  SER A CA  1 
ATOM   823 C C   . SER A 1 98  ? -7.803  -4.701  6.615   1.00 23.45 ? 97  SER A C   1 
ATOM   824 O O   . SER A 1 98  ? -7.397  -4.388  7.745   1.00 23.94 ? 97  SER A O   1 
ATOM   825 C CB  . SER A 1 98  ? -8.436  -7.071  6.116   1.00 27.37 ? 97  SER A CB  1 
ATOM   826 O OG  . SER A 1 98  ? -7.295  -7.329  6.898   1.00 33.37 ? 97  SER A OG  1 
ATOM   827 N N   . VAL A 1 99  ? -7.277  -4.173  5.510   1.00 20.27 ? 98  VAL A N   1 
ATOM   828 C CA  . VAL A 1 99  ? -6.248  -3.135  5.609   1.00 20.51 ? 98  VAL A CA  1 
ATOM   829 C C   . VAL A 1 99  ? -6.790  -1.906  6.324   1.00 18.37 ? 98  VAL A C   1 
ATOM   830 O O   . VAL A 1 99  ? -6.129  -1.325  7.193   1.00 24.18 ? 98  VAL A O   1 
ATOM   831 C CB  . VAL A 1 99  ? -5.709  -2.774  4.219   1.00 20.25 ? 98  VAL A CB  1 
ATOM   832 C CG1 . VAL A 1 99  ? -4.661  -1.671  4.354   1.00 19.65 ? 98  VAL A CG1 1 
ATOM   833 C CG2 . VAL A 1 99  ? -5.069  -4.044  3.541   1.00 19.15 ? 98  VAL A CG2 1 
ATOM   834 N N   . ILE A 1 100 ? -7.986  -1.473  5.950   1.00 17.98 ? 99  ILE A N   1 
ATOM   835 C CA  . ILE A 1 100 ? -8.578  -0.322  6.628   1.00 16.62 ? 99  ILE A CA  1 
ATOM   836 C C   . ILE A 1 100 ? -8.657  -0.575  8.127   1.00 21.59 ? 99  ILE A C   1 
ATOM   837 O O   . ILE A 1 100 ? -8.360  0.312   8.945   1.00 21.39 ? 99  ILE A O   1 
ATOM   838 C CB  . ILE A 1 100 ? -9.955  0.020   6.019   1.00 17.76 ? 99  ILE A CB  1 
ATOM   839 C CG1 . ILE A 1 100 ? -9.767  0.657   4.633   1.00 20.38 ? 99  ILE A CG1 1 
ATOM   840 C CG2 . ILE A 1 100 ? -10.830 0.830   6.999   1.00 25.59 ? 99  ILE A CG2 1 
ATOM   841 C CD1 . ILE A 1 100 ? -11.092 0.747   3.831   1.00 24.21 ? 99  ILE A CD1 1 
ATOM   842 N N   . MET A 1 101 ? -9.021  -1.794  8.511   1.00 22.36 ? 100 MET A N   1 
ATOM   843 C CA  . MET A 1 101 ? -9.144  -2.098  9.929   1.00 26.81 ? 100 MET A CA  1 
ATOM   844 C C   . MET A 1 101 ? -7.775  -2.134  10.609  1.00 24.90 ? 100 MET A C   1 
ATOM   845 O O   . MET A 1 101 ? -7.658  -1.791  11.797  1.00 28.81 ? 100 MET A O   1 
ATOM   846 C CB  . MET A 1 101 ? -9.879  -3.426  10.060  1.00 24.35 ? 100 MET A CB  1 
ATOM   847 C CG  . MET A 1 101 ? -11.318 -3.254  9.706   1.00 22.90 ? 100 MET A CG  1 
ATOM   848 S SD  . MET A 1 101 ? -12.302 -4.648  10.230  1.00 28.94 ? 100 MET A SD  1 
ATOM   849 C CE  . MET A 1 101 ? -13.682 -4.501  9.082   1.00 21.22 ? 100 MET A CE  1 
ATOM   850 N N   . GLN A 1 102 ? -6.723  -2.493  9.872   1.00 25.77 ? 101 GLN A N   1 
ATOM   851 C CA  . GLN A 1 102 ? -5.392  -2.473  10.468  1.00 27.41 ? 101 GLN A CA  1 
ATOM   852 C C   . GLN A 1 102 ? -4.833  -1.072  10.588  1.00 27.33 ? 101 GLN A C   1 
ATOM   853 O O   . GLN A 1 102 ? -4.062  -0.810  11.515  1.00 27.82 ? 101 GLN A O   1 
ATOM   854 C CB  . GLN A 1 102 ? -4.400  -3.316  9.669   1.00 27.79 ? 101 GLN A CB  1 
ATOM   855 C CG  . GLN A 1 102 ? -4.730  -4.805  9.563   1.00 33.88 ? 101 GLN A CG  1 
ATOM   856 C CD  . GLN A 1 102 ? -4.039  -5.409  8.360   1.00 38.34 ? 101 GLN A CD  1 
ATOM   857 O OE1 . GLN A 1 102 ? -2.860  -5.159  8.135   1.00 41.41 ? 101 GLN A OE1 1 
ATOM   858 N NE2 . GLN A 1 102 ? -4.761  -6.205  7.581   1.00 40.60 ? 101 GLN A NE2 1 
ATOM   859 N N   . LEU A 1 103 ? -5.149  -0.173  9.656   1.00 24.98 ? 102 LEU A N   1 
ATOM   860 C CA  . LEU A 1 103 ? -4.632  1.190   9.787   1.00 27.03 ? 102 LEU A CA  1 
ATOM   861 C C   . LEU A 1 103 ? -5.279  1.907   10.960  1.00 37.74 ? 102 LEU A C   1 
ATOM   862 O O   . LEU A 1 103 ? -4.628  2.715   11.626  1.00 33.45 ? 102 LEU A O   1 
ATOM   863 C CB  . LEU A 1 103 ? -4.851  1.982   8.500   1.00 25.06 ? 102 LEU A CB  1 
ATOM   864 C CG  . LEU A 1 103 ? -4.223  3.365   8.337   1.00 27.52 ? 102 LEU A CG  1 
ATOM   865 C CD1 . LEU A 1 103 ? -2.711  3.336   8.641   1.00 29.24 ? 102 LEU A CD1 1 
ATOM   866 C CD2 . LEU A 1 103 ? -4.523  3.929   6.949   1.00 26.31 ? 102 LEU A CD2 1 
ATOM   867 N N   . GLU A 1 104 ? -6.547  1.610   11.222  1.00 33.38 ? 103 GLU A N   1 
ATOM   868 C CA  . GLU A 1 104 ? -7.321  2.197   12.299  1.00 41.88 ? 103 GLU A CA  1 
ATOM   869 C C   . GLU A 1 104 ? -7.060  1.452   13.601  1.00 38.90 ? 103 GLU A C   1 
ATOM   870 O O   . GLU A 1 104 ? -6.416  1.980   14.514  1.00 49.26 ? 103 GLU A O   1 
ATOM   871 C CB  . GLU A 1 104 ? -8.814  2.156   11.928  1.00 41.01 ? 103 GLU A CB  1 
ATOM   872 C CG  . GLU A 1 104 ? -9.088  2.783   10.529  1.00 46.41 ? 103 GLU A CG  1 
ATOM   873 C CD  . GLU A 1 104 ? -10.321 3.672   10.474  1.00 50.32 ? 103 GLU A CD  1 
ATOM   874 O OE1 . GLU A 1 104 ? -10.770 4.119   11.556  1.00 57.05 ? 103 GLU A OE1 1 
ATOM   875 O OE2 . GLU A 1 104 ? -10.830 3.931   9.348   1.00 44.25 ? 103 GLU A OE2 1 
HETATM 876 C C1  . EDO B 2 .   ? 4.217   -7.958  6.732   1.00 38.60 ? 201 EDO A C1  1 
HETATM 877 O O1  . EDO B 2 .   ? 5.001   -9.146  6.526   1.00 42.67 ? 201 EDO A O1  1 
HETATM 878 C C2  . EDO B 2 .   ? 4.118   -7.727  8.231   1.00 34.47 ? 201 EDO A C2  1 
HETATM 879 O O2  . EDO B 2 .   ? 3.336   -8.763  8.822   1.00 42.72 ? 201 EDO A O2  1 
HETATM 880 O O   . HOH C 3 .   ? 3.126   10.906  -3.940  1.00 51.60 ? 301 HOH A O   1 
HETATM 881 O O   . HOH C 3 .   ? -9.696  0.953   -11.162 1.00 42.92 ? 302 HOH A O   1 
HETATM 882 O O   . HOH C 3 .   ? 1.626   -7.830  10.041  1.00 42.51 ? 303 HOH A O   1 
HETATM 883 O O   . HOH C 3 .   ? -2.060  14.392  3.847   1.00 30.87 ? 304 HOH A O   1 
HETATM 884 O O   . HOH C 3 .   ? 0.961   11.504  -1.370  1.00 39.66 ? 305 HOH A O   1 
HETATM 885 O O   . HOH C 3 .   ? -3.429  -6.910  5.593   1.00 41.51 ? 306 HOH A O   1 
HETATM 886 O O   . HOH C 3 .   ? 8.434   -7.670  13.868  1.00 46.33 ? 307 HOH A O   1 
HETATM 887 O O   . HOH C 3 .   ? -9.788  11.426  1.520   1.00 38.97 ? 308 HOH A O   1 
HETATM 888 O O   . HOH C 3 .   ? 14.488  7.184   3.979   1.00 40.47 ? 309 HOH A O   1 
HETATM 889 O O   . HOH C 3 .   ? -14.284 5.213   -0.453  1.00 26.80 ? 310 HOH A O   1 
HETATM 890 O O   . HOH C 3 .   ? 11.234  -9.929  4.218   1.00 27.67 ? 311 HOH A O   1 
HETATM 891 O O   . HOH C 3 .   ? 0.894   -7.534  0.994   1.00 29.43 ? 312 HOH A O   1 
HETATM 892 O O   . HOH C 3 .   ? 1.024   -6.896  3.821   1.00 35.14 ? 313 HOH A O   1 
HETATM 893 O O   . HOH C 3 .   ? 17.173  -11.331 0.669   1.00 43.29 ? 314 HOH A O   1 
HETATM 894 O O   . HOH C 3 .   ? 11.147  8.482   -2.028  1.00 35.98 ? 315 HOH A O   1 
HETATM 895 O O   . HOH C 3 .   ? 1.702   4.480   14.461  1.00 37.99 ? 316 HOH A O   1 
HETATM 896 O O   . HOH C 3 .   ? -9.856  -1.486  13.355  1.00 35.51 ? 317 HOH A O   1 
HETATM 897 O O   . HOH C 3 .   ? -14.503 5.301   2.146   1.00 39.88 ? 318 HOH A O   1 
HETATM 898 O O   . HOH C 3 .   ? 14.790  3.728   1.498   1.00 35.59 ? 319 HOH A O   1 
HETATM 899 O O   . HOH C 3 .   ? 12.414  -1.253  -6.260  1.00 43.43 ? 320 HOH A O   1 
HETATM 900 O O   . HOH C 3 .   ? 15.654  -2.494  5.528   1.00 44.91 ? 321 HOH A O   1 
HETATM 901 O O   . HOH C 3 .   ? 8.370   -12.453 -4.566  1.00 31.00 ? 322 HOH A O   1 
HETATM 902 O O   . HOH C 3 .   ? 9.333   7.239   8.199   1.00 27.32 ? 323 HOH A O   1 
HETATM 903 O O   . HOH C 3 .   ? 8.853   -10.184 -2.911  1.00 25.61 ? 324 HOH A O   1 
HETATM 904 O O   . HOH C 3 .   ? 9.381   1.997   -2.057  1.00 47.53 ? 325 HOH A O   1 
HETATM 905 O O   . HOH C 3 .   ? 2.735   -2.722  11.751  1.00 30.09 ? 326 HOH A O   1 
HETATM 906 O O   . HOH C 3 .   ? -4.992  6.603   11.795  1.00 40.51 ? 327 HOH A O   1 
HETATM 907 O O   . HOH C 3 .   ? 2.743   -11.104 -3.548  1.00 28.56 ? 328 HOH A O   1 
HETATM 908 O O   . HOH C 3 .   ? 12.250  -4.415  -11.435 1.00 29.42 ? 329 HOH A O   1 
HETATM 909 O O   . HOH C 3 .   ? 2.381   8.981   -8.729  1.00 25.58 ? 330 HOH A O   1 
HETATM 910 O O   . HOH C 3 .   ? -8.422  4.037   6.492   1.00 26.21 ? 331 HOH A O   1 
HETATM 911 O O   . HOH C 3 .   ? -3.192  -5.481  -10.418 1.00 28.82 ? 332 HOH A O   1 
HETATM 912 O O   . HOH C 3 .   ? -5.642  -7.382  3.091   1.00 33.94 ? 333 HOH A O   1 
HETATM 913 O O   . HOH C 3 .   ? -4.398  -8.646  -4.155  1.00 42.80 ? 334 HOH A O   1 
HETATM 914 O O   . HOH C 3 .   ? -3.024  9.969   -0.813  1.00 25.96 ? 335 HOH A O   1 
HETATM 915 O O   . HOH C 3 .   ? 5.185   10.570  -2.109  1.00 31.92 ? 336 HOH A O   1 
HETATM 916 O O   . HOH C 3 .   ? 2.146   16.631  8.004   1.00 38.55 ? 337 HOH A O   1 
HETATM 917 O O   . HOH C 3 .   ? 10.251  -9.632  12.762  1.00 38.48 ? 338 HOH A O   1 
HETATM 918 O O   . HOH C 3 .   ? 11.064  -9.370  -8.442  1.00 32.82 ? 339 HOH A O   1 
HETATM 919 O O   . HOH C 3 .   ? 5.344   11.332  11.857  1.00 36.98 ? 340 HOH A O   1 
HETATM 920 O O   . HOH C 3 .   ? 4.861   12.712  9.806   1.00 34.07 ? 341 HOH A O   1 
HETATM 921 O O   . HOH C 3 .   ? 8.938   7.670   10.754  1.00 34.33 ? 342 HOH A O   1 
HETATM 922 O O   . HOH C 3 .   ? -17.141 -9.192  -0.396  1.00 52.06 ? 343 HOH A O   1 
HETATM 923 O O   . HOH C 3 .   ? 16.438  -10.367 3.952   1.00 41.95 ? 344 HOH A O   1 
HETATM 924 O O   . HOH C 3 .   ? -6.571  -6.081  -10.635 1.00 38.02 ? 345 HOH A O   1 
HETATM 925 O O   . HOH C 3 .   ? 0.104   -2.859  11.334  1.00 37.18 ? 346 HOH A O   1 
HETATM 926 O O   . HOH C 3 .   ? 14.551  -2.357  2.635   1.00 46.93 ? 347 HOH A O   1 
HETATM 927 O O   . HOH C 3 .   ? -0.737  13.884  -2.370  1.00 50.87 ? 348 HOH A O   1 
HETATM 928 O O   . HOH C 3 .   ? -11.280 -5.813  -9.783  1.00 45.62 ? 349 HOH A O   1 
HETATM 929 O O   . HOH C 3 .   ? -6.306  -1.710  14.636  1.00 51.71 ? 350 HOH A O   1 
HETATM 930 O O   . HOH C 3 .   ? -16.659 3.481   -1.348  1.00 35.26 ? 351 HOH A O   1 
HETATM 931 O O   . HOH C 3 .   ? 3.957   -2.247  14.601  1.00 38.21 ? 352 HOH A O   1 
HETATM 932 O O   . HOH C 3 .   ? 9.494   8.991   -4.200  1.00 50.73 ? 353 HOH A O   1 
HETATM 933 O O   . HOH C 3 .   ? 4.315   15.670  9.547   1.00 48.47 ? 354 HOH A O   1 
HETATM 934 O O   . HOH C 3 .   ? -8.372  11.414  3.530   1.00 39.69 ? 355 HOH A O   1 
HETATM 935 O O   . HOH C 3 .   ? 16.650  5.850   1.632   1.00 51.50 ? 356 HOH A O   1 
HETATM 936 O O   . HOH C 3 .   ? -7.620  6.141   12.567  1.00 48.46 ? 357 HOH A O   1 
HETATM 937 O O   . HOH C 3 .   ? 11.826  -9.776  -5.852  1.00 36.57 ? 358 HOH A O   1 
HETATM 938 O O   . HOH C 3 .   ? 7.773   10.526  10.675  1.00 43.44 ? 359 HOH A O   1 
HETATM 939 O O   . HOH C 3 .   ? -6.003  -4.183  14.540  1.00 55.38 ? 360 HOH A O   1 
HETATM 940 O O   . HOH C 3 .   ? -21.509 -13.706 -3.224  1.00 50.83 ? 361 HOH A O   1 
HETATM 941 O O   . HOH C 3 .   ? 9.415   -11.561 -9.017  1.00 36.46 ? 362 HOH A O   1 
HETATM 942 O O   . HOH C 3 .   ? 7.980   -9.830  14.530  1.00 51.16 ? 363 HOH A O   1 
# 
loop_
_atom_site_anisotrop.id 
_atom_site_anisotrop.type_symbol 
_atom_site_anisotrop.pdbx_label_atom_id 
_atom_site_anisotrop.pdbx_label_alt_id 
_atom_site_anisotrop.pdbx_label_comp_id 
_atom_site_anisotrop.pdbx_label_asym_id 
_atom_site_anisotrop.pdbx_label_seq_id 
_atom_site_anisotrop.pdbx_PDB_ins_code 
_atom_site_anisotrop.U[1][1] 
_atom_site_anisotrop.U[2][2] 
_atom_site_anisotrop.U[3][3] 
_atom_site_anisotrop.U[1][2] 
_atom_site_anisotrop.U[1][3] 
_atom_site_anisotrop.U[2][3] 
_atom_site_anisotrop.pdbx_auth_seq_id 
_atom_site_anisotrop.pdbx_auth_comp_id 
_atom_site_anisotrop.pdbx_auth_asym_id 
_atom_site_anisotrop.pdbx_auth_atom_id 
1   N N   . ASN A 2   ? 0.9782 0.6874 0.4705 0.1219  0.0811  -0.0970 1   ASN A N   
2   C CA  . ASN A 2   ? 0.8178 0.5456 0.3296 0.0853  0.0650  -0.0734 1   ASN A CA  
3   C C   . ASN A 2   ? 0.7377 0.5326 0.3309 0.0732  0.0802  -0.0479 1   ASN A C   
4   O O   . ASN A 2   ? 0.6461 0.4512 0.2932 0.0717  0.0745  -0.0451 1   ASN A O   
5   C CB  . ASN A 2   ? 0.8345 0.5140 0.3437 0.0601  0.0236  -0.0743 1   ASN A CB  
6   C CG  . ASN A 2   ? 0.8964 0.5978 0.4236 0.0293  0.0073  -0.0495 1   ASN A CG  
7   O OD1 . ASN A 2   ? 0.8059 0.5296 0.3932 0.0116  -0.0032 -0.0314 1   ASN A OD1 
8   N ND2 . ASN A 2   ? 0.9797 0.6720 0.4496 0.0254  0.0045  -0.0486 1   ASN A ND2 
9   N N   . ASN A 3   ? 0.6695 0.5047 0.2665 0.0627  0.0975  -0.0288 2   ASN A N   
10  C CA  . ASN A 3   ? 0.6034 0.4966 0.2681 0.0518  0.1149  -0.0077 2   ASN A CA  
11  C C   . ASN A 3   ? 0.5404 0.4288 0.2559 0.0297  0.0918  0.0044  2   ASN A C   
12  O O   . ASN A 3   ? 0.4901 0.4095 0.2612 0.0273  0.0983  0.0101  2   ASN A O   
13  C CB  . ASN A 3   ? 0.6165 0.5412 0.2681 0.0398  0.1351  0.0131  2   ASN A CB  
14  C CG  . ASN A 3   ? 0.6686 0.6213 0.2868 0.0632  0.1687  0.0064  2   ASN A CG  
15  O OD1 . ASN A 3   ? 0.6627 0.6466 0.3076 0.0850  0.1871  -0.0036 2   ASN A OD1 
16  N ND2 . ASN A 3   ? 0.7230 0.6700 0.2838 0.0607  0.1783  0.0139  2   ASN A ND2 
17  N N   . LEU A 4   ? 0.5457 0.4004 0.2431 0.0138  0.0652  0.0095  3   LEU A N   
18  C CA  . LEU A 4   ? 0.4896 0.3465 0.2356 -0.0036 0.0482  0.0233  3   LEU A CA  
19  C C   . LEU A 4   ? 0.5043 0.3489 0.2785 0.0027  0.0371  0.0112  3   LEU A C   
20  O O   . LEU A 4   ? 0.4156 0.2815 0.2387 -0.0014 0.0401  0.0187  3   LEU A O   
21  C CB  . LEU A 4   ? 0.5015 0.3371 0.2287 -0.0191 0.0233  0.0350  3   LEU A CB  
22  C CG  . LEU A 4   ? 0.4840 0.3276 0.2608 -0.0323 0.0098  0.0519  3   LEU A CG  
23  C CD1 . LEU A 4   ? 0.4646 0.3347 0.2818 -0.0360 0.0289  0.0657  3   LEU A CD1 
24  C CD2 . LEU A 4   ? 0.5836 0.4183 0.3435 -0.0429 -0.0121 0.0668  3   LEU A CD2 
25  N N   . GLU A 5   ? 0.5077 0.3123 0.2468 0.0117  0.0229  -0.0071 4   GLU A N   
26  C CA  . GLU A 5   ? 0.5782 0.3664 0.3420 0.0171  0.0129  -0.0150 4   GLU A CA  
27  C C   . GLU A 5   ? 0.4858 0.3068 0.2816 0.0363  0.0354  -0.0187 4   GLU A C   
28  O O   . GLU A 5   ? 0.4859 0.3211 0.3252 0.0337  0.0321  -0.0125 4   GLU A O   
29  C CB  . GLU A 5   ? 0.6766 0.4050 0.3930 0.0227  -0.0064 -0.0343 4   GLU A CB  
30  C CG  . GLU A 5   ? 0.8402 0.5325 0.5165 0.0023  -0.0339 -0.0349 4   GLU A CG  
31  C CD  . GLU A 5   ? 0.9892 0.6271 0.5889 0.0154  -0.0389 -0.0604 4   GLU A CD  
32  O OE1 . GLU A 5   ? 1.0052 0.6138 0.5875 0.0396  -0.0296 -0.0790 4   GLU A OE1 
33  O OE2 . GLU A 5   ? 1.0129 0.6341 0.5661 0.0037  -0.0528 -0.0622 4   GLU A OE2 
34  N N   . GLU A 6   ? 0.4982 0.3374 0.2738 0.0565  0.0584  -0.0276 5   GLU A N   
35  C CA  . GLU A 6   ? 0.4809 0.3638 0.2937 0.0757  0.0788  -0.0287 5   GLU A CA  
36  C C   . GLU A 6   ? 0.4272 0.3590 0.2983 0.0559  0.0833  -0.0097 5   GLU A C   
37  O O   . GLU A 6   ? 0.3815 0.3346 0.2925 0.0609  0.0820  -0.0083 5   GLU A O   
38  C CB  . GLU A 6   ? 0.5860 0.4950 0.3733 0.0996  0.1069  -0.0367 5   GLU A CB  
39  C CG  . GLU A 6   ? 0.6535 0.5163 0.3904 0.1329  0.1075  -0.0609 5   GLU A CG  
40  C CD  . GLU A 6   ? 0.8697 0.7559 0.5708 0.1601  0.1383  -0.0694 5   GLU A CD  
41  O OE1 . GLU A 6   ? 0.9856 0.8180 0.6218 0.1850  0.1381  -0.0918 5   GLU A OE1 
42  O OE2 . GLU A 6   ? 0.8390 0.7958 0.5742 0.1559  0.1632  -0.0536 5   GLU A OE2 
43  N N   . GLU A 7   ? 0.3998 0.3439 0.2717 0.0335  0.0865  0.0052  6   GLU A N   
44  C CA  . GLU A 7   ? 0.3534 0.3314 0.2715 0.0140  0.0901  0.0211  6   GLU A CA  
45  C C   . GLU A 7   ? 0.3639 0.3200 0.3043 0.0039  0.0692  0.0242  6   GLU A C   
46  O O   . GLU A 7   ? 0.3503 0.3285 0.3275 -0.0004 0.0690  0.0275  6   GLU A O   
47  C CB  . GLU A 7   ? 0.3920 0.3770 0.2980 -0.0055 0.0992  0.0373  6   GLU A CB  
48  C CG  . GLU A 7   ? 0.3985 0.4053 0.3444 -0.0277 0.1021  0.0525  6   GLU A CG  
49  C CD  . GLU A 7   ? 0.4412 0.5022 0.4270 -0.0291 0.1172  0.0534  6   GLU A CD  
50  O OE1 . GLU A 7   ? 0.4084 0.5028 0.3954 -0.0096 0.1320  0.0458  6   GLU A OE1 
51  O OE2 . GLU A 7   ? 0.4085 0.4786 0.4249 -0.0488 0.1128  0.0614  6   GLU A OE2 
52  N N   . VAL A 8   ? 0.3279 0.2445 0.2462 -0.0003 0.0512  0.0240  7   VAL A N   
53  C CA  . VAL A 8   ? 0.3301 0.2329 0.2707 -0.0080 0.0348  0.0291  7   VAL A CA  
54  C C   . VAL A 8   ? 0.3521 0.2561 0.3093 0.0057  0.0320  0.0199  7   VAL A C   
55  O O   . VAL A 8   ? 0.3075 0.2245 0.2937 0.0022  0.0296  0.0249  7   VAL A O   
56  C CB  . VAL A 8   ? 0.3569 0.2270 0.2750 -0.0154 0.0159  0.0322  7   VAL A CB  
57  C CG1 . VAL A 8   ? 0.4168 0.2743 0.3545 -0.0188 0.0008  0.0353  7   VAL A CG1 
58  C CG2 . VAL A 8   ? 0.3664 0.2407 0.2774 -0.0277 0.0159  0.0471  7   VAL A CG2 
59  N N   . GLN A 9   ? 0.3453 0.2344 0.2795 0.0244  0.0332  0.0062  8   GLN A N   
60  C CA  . GLN A 9   ? 0.3393 0.2249 0.2859 0.0421  0.0300  -0.0007 8   GLN A CA  
61  C C   . GLN A 9   ? 0.3598 0.2984 0.3456 0.0478  0.0425  0.0030  8   GLN A C   
62  O O   . GLN A 9   ? 0.2827 0.2283 0.2909 0.0520  0.0351  0.0055  8   GLN A O   
63  C CB  . GLN A 9   ? 0.3997 0.2501 0.3077 0.0655  0.0300  -0.0172 8   GLN A CB  
64  C CG  . GLN A 9   ? 0.5022 0.2938 0.3739 0.0528  0.0092  -0.0204 8   GLN A CG  
65  C CD  . GLN A 9   ? 0.4741 0.2483 0.3668 0.0387  -0.0088 -0.0096 8   GLN A CD  
66  O OE1 . GLN A 9   ? 0.5667 0.3293 0.4594 0.0161  -0.0227 0.0001  8   GLN A OE1 
67  N NE2 . GLN A 9   ? 0.4561 0.2314 0.3659 0.0536  -0.0085 -0.0093 8   GLN A NE2 
68  N N   . LYS A 10  ? 0.2959 0.2744 0.2900 0.0452  0.0601  0.0053  9   LYS A N   
69  C CA  . LYS A 10  ? 0.2706 0.3056 0.3067 0.0431  0.0689  0.0111  9   LYS A CA  
70  C C   . LYS A 10  ? 0.2608 0.2974 0.3184 0.0177  0.0587  0.0210  9   LYS A C   
71  O O   . LYS A 10  ? 0.2204 0.2839 0.3064 0.0162  0.0537  0.0228  9   LYS A O   
72  C CB  . LYS A 10  ? 0.2809 0.3601 0.3222 0.0401  0.0908  0.0150  9   LYS A CB  
73  C CG  . LYS A 10  ? 0.3209 0.4097 0.3417 0.0718  0.1066  0.0042  9   LYS A CG  
74  C CD  . LYS A 10  ? 0.3440 0.4823 0.3693 0.0661  0.1318  0.0121  9   LYS A CD  
75  C CE  . LYS A 10  ? 0.3793 0.5294 0.3802 0.1027  0.1515  0.0006  9   LYS A CE  
76  N NZ  . LYS A 10  ? 0.4507 0.6539 0.4548 0.0954  0.1791  0.0116  9   LYS A NZ  
77  N N   . LEU A 11  ? 0.2475 0.2561 0.2890 -0.0006 0.0558  0.0273  10  LEU A N   
78  C CA  . LEU A 11  ? 0.2624 0.2642 0.3169 -0.0192 0.0484  0.0349  10  LEU A CA  
79  C C   . LEU A 11  ? 0.2764 0.2601 0.3345 -0.0118 0.0341  0.0329  10  LEU A C   
80  O O   . LEU A 11  ? 0.2258 0.2179 0.2982 -0.0187 0.0290  0.0346  10  LEU A O   
81  C CB  . LEU A 11  ? 0.2835 0.2568 0.3184 -0.0323 0.0486  0.0433  10  LEU A CB  
82  C CG  . LEU A 11  ? 0.3236 0.3108 0.3538 -0.0454 0.0624  0.0507  10  LEU A CG  
83  C CD1 . LEU A 11  ? 0.3519 0.3063 0.3556 -0.0502 0.0597  0.0600  10  LEU A CD1 
84  C CD2 . LEU A 11  ? 0.3221 0.3270 0.3743 -0.0647 0.0659  0.0559  10  LEU A CD2 
85  N N   . LEU A 12  ? 0.2388 0.1943 0.2796 -0.0002 0.0268  0.0300  11  LEU A N   
86  C CA  . LEU A 12  ? 0.2724 0.2102 0.3152 0.0050  0.0147  0.0318  11  LEU A CA  
87  C C   . LEU A 12  ? 0.2568 0.2176 0.3156 0.0186  0.0127  0.0280  11  LEU A C   
88  O O   . LEU A 12  ? 0.2846 0.2483 0.3514 0.0169  0.0054  0.0320  11  LEU A O   
89  C CB  . LEU A 12  ? 0.2607 0.1614 0.2816 0.0105  0.0058  0.0305  11  LEU A CB  
90  C CG  . LEU A 12  ? 0.3175 0.2005 0.3265 -0.0039 0.0015  0.0374  11  LEU A CG  
91  C CD1 . LEU A 12  ? 0.3902 0.2374 0.3742 -0.0019 -0.0102 0.0329  11  LEU A CD1 
92  C CD2 . LEU A 12  ? 0.3461 0.2321 0.3696 -0.0140 -0.0014 0.0503  11  LEU A CD2 
93  N N   . TYR A 13  ? 0.2240 0.2041 0.2860 0.0347  0.0195  0.0209  12  TYR A N   
94  C CA  . TYR A 13  ? 0.2333 0.2456 0.3161 0.0514  0.0172  0.0197  12  TYR A CA  
95  C C   . TYR A 13  ? 0.2324 0.2883 0.3432 0.0347  0.0161  0.0241  12  TYR A C   
96  O O   . TYR A 13  ? 0.2102 0.2788 0.3319 0.0379  0.0048  0.0267  12  TYR A O   
97  C CB  . TYR A 13  ? 0.2482 0.2807 0.3320 0.0756  0.0287  0.0123  12  TYR A CB  
98  C CG  . TYR A 13  ? 0.3061 0.3905 0.4219 0.0937  0.0282  0.0141  12  TYR A CG  
99  C CD1 . TYR A 13  ? 0.3483 0.5005 0.4994 0.0850  0.0377  0.0178  12  TYR A CD1 
100 C CD2 . TYR A 13  ? 0.3638 0.4321 0.4772 0.1159  0.0157  0.0154  12  TYR A CD2 
101 C CE1 . TYR A 13  ? 0.3869 0.5981 0.5745 0.1003  0.0342  0.0217  12  TYR A CE1 
102 C CE2 . TYR A 13  ? 0.4480 0.5691 0.5928 0.1352  0.0122  0.0195  12  TYR A CE2 
103 C CZ  . TYR A 13  ? 0.4490 0.6455 0.6333 0.1273  0.0208  0.0223  12  TYR A CZ  
104 O OH  . TYR A 13  ? 0.4775 0.7367 0.6992 0.1454  0.0148  0.0286  12  TYR A OH  
105 N N   . GLU A 14  ? 0.1930 0.2677 0.3111 0.0147  0.0258  0.0257  13  GLU A N   
106 C CA  . GLU A 14  ? 0.1833 0.2917 0.3242 -0.0065 0.0224  0.0289  13  GLU A CA  
107 C C   . GLU A 14  ? 0.1805 0.2578 0.3080 -0.0165 0.0089  0.0295  13  GLU A C   
108 O O   . GLU A 14  ? 0.1836 0.2815 0.3219 -0.0215 -0.0026 0.0291  13  GLU A O   
109 C CB  . GLU A 14  ? 0.2383 0.3532 0.3801 -0.0304 0.0344  0.0327  13  GLU A CB  
110 C CG  . GLU A 14  ? 0.2098 0.3445 0.3682 -0.0587 0.0282  0.0356  13  GLU A CG  
111 C CD  . GLU A 14  ? 0.3123 0.4580 0.4752 -0.0825 0.0413  0.0427  13  GLU A CD  
112 O OE1 . GLU A 14  ? 0.3377 0.5160 0.5231 -0.1076 0.0381  0.0467  13  GLU A OE1 
113 O OE2 . GLU A 14  ? 0.3386 0.4572 0.4795 -0.0786 0.0530  0.0457  13  GLU A OE2 
114 N N   . LEU A 15  ? 0.1805 0.2116 0.2833 -0.0192 0.0105  0.0313  14  LEU A N   
115 C CA  . LEU A 15  ? 0.2526 0.2560 0.3402 -0.0256 0.0030  0.0327  14  LEU A CA  
116 C C   . LEU A 15  ? 0.2234 0.2244 0.3070 -0.0100 -0.0075 0.0342  14  LEU A C   
117 O O   . LEU A 15  ? 0.2635 0.2604 0.3380 -0.0138 -0.0153 0.0341  14  LEU A O   
118 C CB  . LEU A 15  ? 0.2207 0.1869 0.2898 -0.0281 0.0090  0.0376  14  LEU A CB  
119 C CG  . LEU A 15  ? 0.2708 0.2274 0.3353 -0.0439 0.0175  0.0394  14  LEU A CG  
120 C CD1 . LEU A 15  ? 0.3448 0.2726 0.3952 -0.0399 0.0211  0.0468  14  LEU A CD1 
121 C CD2 . LEU A 15  ? 0.2970 0.2454 0.3558 -0.0584 0.0140  0.0357  14  LEU A CD2 
122 N N   . SER A 16  ? 0.2019 0.1981 0.2858 0.0077  -0.0080 0.0357  15  SER A N   
123 C CA  . SER A 16  ? 0.2273 0.2156 0.3055 0.0235  -0.0181 0.0400  15  SER A CA  
124 C C   . SER A 16  ? 0.2189 0.2457 0.3124 0.0288  -0.0279 0.0388  15  SER A C   
125 O O   . SER A 16  ? 0.2948 0.3173 0.3776 0.0324  -0.0386 0.0434  15  SER A O   
126 C CB  . SER A 16  ? 0.2852 0.2535 0.3576 0.0414  -0.0175 0.0400  15  SER A CB  
127 O OG  . SER A 16  ? 0.3607 0.3177 0.4267 0.0587  -0.0277 0.0456  15  SER A OG  
128 N N   . GLU A 17  ? 0.2405 0.3103 0.3597 0.0294  -0.0247 0.0343  16  GLU A N   
129 C CA  . GLU A 17  ? 0.2020 0.3216 0.3444 0.0330  -0.0363 0.0352  16  GLU A CA  
130 C C   . GLU A 17  ? 0.2267 0.3523 0.3641 0.0063  -0.0461 0.0328  16  GLU A C   
131 O O   . GLU A 17  ? 0.2178 0.3611 0.3542 0.0074  -0.0629 0.0344  16  GLU A O   
132 C CB  . GLU A 17  ? 0.3017 0.4748 0.4784 0.0406  -0.0271 0.0338  16  GLU A CB  
133 C CG  . GLU A 17  ? 0.3560 0.5983 0.5693 0.0288  -0.0365 0.0361  16  GLU A CG  
134 C CD  . GLU A 17  ? 0.5033 0.8107 0.7566 0.0436  -0.0239 0.0388  16  GLU A CD  
135 O OE1 . GLU A 17  ? 0.4721 0.8498 0.7645 0.0428  -0.0334 0.0445  16  GLU A OE1 
136 O OE2 . GLU A 17  ? 0.5313 0.8233 0.7764 0.0565  -0.0045 0.0358  16  GLU A OE2 
137 N N   . ILE A 18  ? 0.2280 0.3324 0.3559 -0.0167 -0.0373 0.0288  17  ILE A N   
138 C CA  . ILE A 18  ? 0.2383 0.3285 0.3489 -0.0400 -0.0462 0.0238  17  ILE A CA  
139 C C   . ILE A 18  ? 0.2333 0.2867 0.3087 -0.0302 -0.0530 0.0246  17  ILE A C   
140 O O   . ILE A 18  ? 0.2699 0.3256 0.3292 -0.0375 -0.0678 0.0207  17  ILE A O   
141 C CB  . ILE A 18  ? 0.2197 0.2814 0.3211 -0.0606 -0.0335 0.0211  17  ILE A CB  
142 C CG1 . ILE A 18  ? 0.2142 0.3190 0.3487 -0.0766 -0.0283 0.0228  17  ILE A CG1 
143 C CG2 . ILE A 18  ? 0.3029 0.3289 0.3739 -0.0790 -0.0409 0.0140  17  ILE A CG2 
144 C CD1 . ILE A 18  ? 0.3015 0.3743 0.4240 -0.0970 -0.0160 0.0234  17  ILE A CD1 
145 N N   . TRP A 19  ? 0.2306 0.2520 0.2920 -0.0153 -0.0428 0.0304  18  TRP A N   
146 C CA  . TRP A 19  ? 0.2720 0.2655 0.3028 -0.0062 -0.0456 0.0354  18  TRP A CA  
147 C C   . TRP A 19  ? 0.3286 0.3430 0.3584 0.0074  -0.0617 0.0407  18  TRP A C   
148 O O   . TRP A 19  ? 0.3218 0.3320 0.3257 0.0053  -0.0722 0.0396  18  TRP A O   
149 C CB  . TRP A 19  ? 0.3042 0.2694 0.3297 0.0029  -0.0326 0.0444  18  TRP A CB  
150 C CG  . TRP A 19  ? 0.3674 0.3093 0.3651 0.0090  -0.0300 0.0531  18  TRP A CG  
151 C CD1 . TRP A 19  ? 0.3616 0.2835 0.3364 0.0052  -0.0204 0.0521  18  TRP A CD1 
152 C CD2 . TRP A 19  ? 0.3754 0.3122 0.3635 0.0217  -0.0351 0.0661  18  TRP A CD2 
153 N NE1 . TRP A 19  ? 0.3538 0.2663 0.3077 0.0150  -0.0171 0.0640  18  TRP A NE1 
154 C CE2 . TRP A 19  ? 0.4380 0.3581 0.3996 0.0226  -0.0267 0.0740  18  TRP A CE2 
155 C CE3 . TRP A 19  ? 0.3960 0.3379 0.3933 0.0344  -0.0449 0.0731  18  TRP A CE3 
156 C CZ2 . TRP A 19  ? 0.4836 0.3955 0.4289 0.0312  -0.0276 0.0908  18  TRP A CZ2 
157 C CZ3 . TRP A 19  ? 0.4358 0.3607 0.4144 0.0435  -0.0481 0.0889  18  TRP A CZ3 
158 C CH2 . TRP A 19  ? 0.5494 0.4611 0.5029 0.0395  -0.0394 0.0987  18  TRP A CH2 
159 N N   . HIS A 20  ? 0.3168 0.3512 0.3699 0.0241  -0.0644 0.0462  19  HIS A N   
160 C CA  . HIS A 20  ? 0.2669 0.3173 0.3178 0.0421  -0.0801 0.0544  19  HIS A CA  
161 C C   . HIS A 20  ? 0.3243 0.4181 0.3836 0.0330  -0.0987 0.0494  19  HIS A C   
162 O O   . HIS A 20  ? 0.3830 0.4808 0.4226 0.0405  -0.1148 0.0553  19  HIS A O   
163 C CB  . HIS A 20  ? 0.3055 0.3640 0.3774 0.0666  -0.0791 0.0601  19  HIS A CB  
164 C CG  . HIS A 20  ? 0.3142 0.3214 0.3673 0.0758  -0.0701 0.0676  19  HIS A CG  
165 N ND1 . HIS A 20  ? 0.4242 0.4013 0.4525 0.0867  -0.0768 0.0818  19  HIS A ND1 
166 C CD2 . HIS A 20  ? 0.3101 0.2917 0.3652 0.0739  -0.0574 0.0645  19  HIS A CD2 
167 C CE1 . HIS A 20  ? 0.4292 0.3635 0.4474 0.0872  -0.0687 0.0873  19  HIS A CE1 
168 N NE2 . HIS A 20  ? 0.3319 0.2683 0.3652 0.0796  -0.0582 0.0759  19  HIS A NE2 
169 N N   . GLN A 21  ? 0.2657 0.3933 0.3527 0.0148  -0.0983 0.0403  20  GLN A N   
170 C CA  . GLN A 21  ? 0.2800 0.4571 0.3831 0.0010  -0.1193 0.0372  20  GLN A CA  
171 C C   . GLN A 21  ? 0.3071 0.4590 0.3760 -0.0283 -0.1284 0.0258  20  GLN A C   
172 O O   . GLN A 21  ? 0.3326 0.5188 0.4071 -0.0455 -0.1506 0.0217  20  GLN A O   
173 C CB  . GLN A 21  ? 0.2933 0.5283 0.4485 -0.0061 -0.1150 0.0366  20  GLN A CB  
174 C CG  . GLN A 21  ? 0.2428 0.4973 0.4248 0.0271  -0.1033 0.0444  20  GLN A CG  
175 C CD  . GLN A 21  ? 0.3528 0.6709 0.5849 0.0237  -0.0941 0.0449  20  GLN A CD  
176 O OE1 . GLN A 21  ? 0.4291 0.7804 0.6809 -0.0084 -0.0974 0.0420  20  GLN A OE1 
177 N NE2 . GLN A 21  ? 0.4340 0.7636 0.6825 0.0560  -0.0804 0.0488  20  GLN A NE2 
178 N N   . HIS A 22  ? 0.3031 0.4294 0.3370 0.1062  -0.1374 0.0231  21  HIS A N   
179 C CA  . HIS A 22  ? 0.3868 0.5181 0.4035 0.0845  -0.1418 0.0085  21  HIS A CA  
180 C C   . HIS A 22  ? 0.3711 0.5425 0.4351 0.0669  -0.1459 -0.0107 21  HIS A C   
181 O O   . HIS A 22  ? 0.3318 0.5294 0.3971 0.0561  -0.1653 -0.0238 21  HIS A O   
182 C CB  . HIS A 22  ? 0.4171 0.5512 0.3912 0.0913  -0.1652 0.0116  21  HIS A CB  
183 C CG  . HIS A 22  ? 0.4883 0.5812 0.4087 0.1045  -0.1602 0.0326  21  HIS A CG  
184 N ND1 . HIS A 22  ? 0.4994 0.5633 0.3724 0.0935  -0.1475 0.0328  21  HIS A ND1 
185 C CD2 . HIS A 22  ? 0.5630 0.6386 0.4674 0.1268  -0.1657 0.0547  21  HIS A CD2 
186 C CE1 . HIS A 22  ? 0.5066 0.5401 0.3382 0.1047  -0.1439 0.0548  21  HIS A CE1 
187 N NE2 . HIS A 22  ? 0.5770 0.6112 0.4248 0.1237  -0.1546 0.0689  21  HIS A NE2 
188 N N   . ASP A 23  ? 0.2938 0.4694 0.3945 0.0619  -0.1269 -0.0125 22  ASP A N   
189 C CA  . ASP A 23  ? 0.3258 0.5433 0.4761 0.0450  -0.1274 -0.0266 22  ASP A CA  
190 C C   . ASP A 23  ? 0.2835 0.4755 0.4198 0.0168  -0.1168 -0.0393 22  ASP A C   
191 O O   . ASP A 23  ? 0.2843 0.4548 0.4258 0.0075  -0.0947 -0.0389 22  ASP A O   
192 C CB  . ASP A 23  ? 0.2749 0.5082 0.4652 0.0546  -0.1102 -0.0218 22  ASP A CB  
193 C CG  . ASP A 23  ? 0.3443 0.6302 0.5895 0.0369  -0.1080 -0.0341 22  ASP A CG  
194 O OD1 . ASP A 23  ? 0.3146 0.6220 0.5690 0.0134  -0.1206 -0.0468 22  ASP A OD1 
195 O OD2 . ASP A 23  ? 0.3446 0.6530 0.6244 0.0465  -0.0936 -0.0318 22  ASP A OD2 
196 N N   . HIS A 24  ? 0.3186 0.5095 0.4321 0.0047  -0.1341 -0.0512 23  HIS A N   
197 C CA  . HIS A 24  ? 0.3268 0.4825 0.4194 -0.0180 -0.1251 -0.0646 23  HIS A CA  
198 C C   . HIS A 24  ? 0.3145 0.4828 0.4474 -0.0428 -0.1149 -0.0730 23  HIS A C   
199 O O   . HIS A 24  ? 0.3392 0.4680 0.4598 -0.0544 -0.0964 -0.0744 23  HIS A O   
200 C CB  . HIS A 24  ? 0.4052 0.5555 0.4636 -0.0265 -0.1462 -0.0799 23  HIS A CB  
201 C CG  . HIS A 24  ? 0.4825 0.6064 0.4863 -0.0075 -0.1486 -0.0730 23  HIS A CG  
202 N ND1 . HIS A 24  ? 0.5033 0.6358 0.4973 0.0163  -0.1521 -0.0539 23  HIS A ND1 
203 C CD2 . HIS A 24  ? 0.5223 0.6097 0.4760 -0.0091 -0.1458 -0.0826 23  HIS A CD2 
204 C CE1 . HIS A 24  ? 0.4476 0.5526 0.3883 0.0248  -0.1507 -0.0503 23  HIS A CE1 
205 N NE2 . HIS A 24  ? 0.4614 0.5428 0.3784 0.0111  -0.1461 -0.0685 23  HIS A NE2 
206 N N   . GLU A 25  ? 0.3088 0.5342 0.4904 -0.0505 -0.1260 -0.0770 24  GLU A N   
207 C CA  . GLU A 25  ? 0.2940 0.5373 0.5153 -0.0792 -0.1145 -0.0843 24  GLU A CA  
208 C C   . GLU A 25  ? 0.3361 0.5591 0.5646 -0.0743 -0.0846 -0.0716 24  GLU A C   
209 O O   . GLU A 25  ? 0.3694 0.5596 0.5907 -0.0953 -0.0677 -0.0731 24  GLU A O   
210 C CB  . GLU A 25  ? 0.3231 0.6465 0.6020 -0.0858 -0.1314 -0.0905 24  GLU A CB  
211 C CG  . GLU A 25  ? 0.4149 0.7556 0.7282 -0.1210 -0.1194 -0.0949 24  GLU A CG  
212 C CD  . GLU A 25  ? 0.5827 0.9701 0.9211 -0.1344 -0.1418 -0.0998 24  GLU A CD  
213 O OE1 . GLU A 25  ? 0.6133 1.0482 0.9719 -0.1094 -0.1573 -0.0932 24  GLU A OE1 
214 O OE2 . GLU A 25  ? 0.6241 0.9974 0.9623 -0.1690 -0.1444 -0.1098 24  GLU A OE2 
215 N N   . ALA A 26  ? 0.2479 0.4829 0.4834 -0.0459 -0.0783 -0.0587 25  ALA A N   
216 C CA  . ALA A 26  ? 0.2293 0.4491 0.4697 -0.0409 -0.0520 -0.0492 25  ALA A CA  
217 C C   . ALA A 26  ? 0.2741 0.4307 0.4672 -0.0393 -0.0391 -0.0437 25  ALA A C   
218 O O   . ALA A 26  ? 0.1970 0.3362 0.3879 -0.0427 -0.0188 -0.0381 25  ALA A O   
219 C CB  . ALA A 26  ? 0.2085 0.4513 0.4645 -0.0104 -0.0501 -0.0401 25  ALA A CB  
220 N N   . SER A 27  ? 0.2292 0.3562 0.3842 -0.0324 -0.0505 -0.0453 26  SER A N   
221 C CA  . SER A 27  ? 0.2544 0.3359 0.3708 -0.0228 -0.0390 -0.0387 26  SER A CA  
222 C C   . SER A 27  ? 0.2626 0.3083 0.3650 -0.0380 -0.0258 -0.0414 26  SER A C   
223 O O   . SER A 27  ? 0.2583 0.2811 0.3458 -0.0304 -0.0119 -0.0335 26  SER A O   
224 C CB  . SER A 27  ? 0.2290 0.2958 0.3101 -0.0119 -0.0521 -0.0402 26  SER A CB  
225 O OG  . SER A 27  ? 0.2689 0.3259 0.3356 -0.0259 -0.0636 -0.0546 26  SER A OG  
226 N N   . ARG A 28  ? 0.3155 0.3527 0.4196 -0.0594 -0.0312 -0.0525 27  ARG A N   
227 C CA  . ARG A 28  ? 0.3343 0.3218 0.4135 -0.0694 -0.0200 -0.0535 27  ARG A CA  
228 C C   . ARG A 28  ? 0.3136 0.2982 0.4054 -0.0754 -0.0005 -0.0418 27  ARG A C   
229 O O   . ARG A 28  ? 0.3188 0.2715 0.3864 -0.0648 0.0106  -0.0332 27  ARG A O   
230 C CB  . ARG A 28  ? 0.4048 0.3735 0.4783 -0.0940 -0.0300 -0.0690 27  ARG A CB  
231 C CG  . ARG A 28  ? 0.5116 0.4166 0.5542 -0.1021 -0.0188 -0.0693 27  ARG A CG  
232 C CD  . ARG A 28  ? 0.5789 0.4506 0.6044 -0.1241 -0.0302 -0.0881 27  ARG A CD  
233 N NE  . ARG A 28  ? 0.7537 0.5509 0.7394 -0.1231 -0.0203 -0.0884 27  ARG A NE  
234 C CZ  . ARG A 28  ? 0.8223 0.5833 0.8056 -0.1411 -0.0065 -0.0794 27  ARG A CZ  
235 N NH1 . ARG A 28  ? 0.7822 0.5797 0.8018 -0.1626 0.0026  -0.0693 27  ARG A NH1 
236 N NH2 . ARG A 28  ? 0.9521 0.6387 0.8940 -0.1354 -0.0007 -0.0796 27  ARG A NH2 
237 N N   . GLU A 29  ? 0.3011 0.3262 0.4313 -0.0896 0.0037  -0.0411 28  GLU A N   
238 C CA  . GLU A 29  ? 0.3019 0.3301 0.4414 -0.0944 0.0243  -0.0303 28  GLU A CA  
239 C C   . GLU A 29  ? 0.2922 0.3213 0.4204 -0.0685 0.0317  -0.0210 28  GLU A C   
240 O O   . GLU A 29  ? 0.3252 0.3275 0.4313 -0.0659 0.0449  -0.0120 28  GLU A O   
241 C CB  . GLU A 29  ? 0.3551 0.4387 0.5429 -0.1129 0.0284  -0.0338 28  GLU A CB  
242 C CG  . GLU A 29  ? 0.4440 0.5315 0.6402 -0.1271 0.0523  -0.0249 28  GLU A CG  
243 C CD  . GLU A 29  ? 0.5009 0.6091 0.7004 -0.1023 0.0638  -0.0182 28  GLU A CD  
244 O OE1 . GLU A 29  ? 0.4706 0.5970 0.6768 -0.0781 0.0518  -0.0215 28  GLU A OE1 
245 O OE2 . GLU A 29  ? 0.5411 0.6453 0.7338 -0.1074 0.0849  -0.0099 28  GLU A OE2 
246 N N   . ALA A 30  ? 0.2411 0.2974 0.3805 -0.0499 0.0222  -0.0226 29  ALA A N   
247 C CA  . ALA A 30  ? 0.2294 0.2813 0.3565 -0.0299 0.0285  -0.0158 29  ALA A CA  
248 C C   . ALA A 30  ? 0.2823 0.2959 0.3720 -0.0219 0.0285  -0.0117 29  ALA A C   
249 O O   . ALA A 30  ? 0.2207 0.2241 0.2967 -0.0155 0.0380  -0.0056 29  ALA A O   
250 C CB  . ALA A 30  ? 0.2595 0.3360 0.4001 -0.0128 0.0177  -0.0170 29  ALA A CB  
251 N N   . LEU A 31  ? 0.2317 0.2285 0.3047 -0.0209 0.0175  -0.0163 30  LEU A N   
252 C CA  . LEU A 31  ? 0.2311 0.2024 0.2747 -0.0094 0.0188  -0.0134 30  LEU A CA  
253 C C   . LEU A 31  ? 0.2878 0.2296 0.3151 -0.0128 0.0283  -0.0086 30  LEU A C   
254 O O   . LEU A 31  ? 0.2830 0.2177 0.2951 -0.0014 0.0328  -0.0021 30  LEU A O   
255 C CB  . LEU A 31  ? 0.2697 0.2311 0.2969 -0.0050 0.0078  -0.0212 30  LEU A CB  
256 C CG  . LEU A 31  ? 0.2679 0.2514 0.2970 0.0031  -0.0010 -0.0211 30  LEU A CG  
257 C CD1 . LEU A 31  ? 0.2940 0.2689 0.3037 0.0036  -0.0117 -0.0308 30  LEU A CD1 
258 C CD2 . LEU A 31  ? 0.3111 0.2973 0.3306 0.0143  0.0052  -0.0132 30  LEU A CD2 
259 N N   . HIS A 32  ? 0.2964 0.2208 0.3255 -0.0295 0.0306  -0.0107 31  HIS A N   
260 C CA  . HIS A 32  ? 0.3572 0.2440 0.3639 -0.0320 0.0400  -0.0025 31  HIS A CA  
261 C C   . HIS A 32  ? 0.3573 0.2575 0.3652 -0.0303 0.0518  0.0086  31  HIS A C   
262 O O   . HIS A 32  ? 0.3535 0.2323 0.3362 -0.0199 0.0557  0.0178  31  HIS A O   
263 C CB  . HIS A 32  ? 0.4226 0.2813 0.4283 -0.0558 0.0418  -0.0060 31  HIS A CB  
264 C CG  . HIS A 32  ? 0.4949 0.3165 0.4795 -0.0537 0.0316  -0.0170 31  HIS A CG  
265 N ND1 . HIS A 32  ? 0.5129 0.3535 0.5059 -0.0532 0.0183  -0.0314 31  HIS A ND1 
266 C CD2 . HIS A 32  ? 0.6465 0.4087 0.5974 -0.0502 0.0330  -0.0168 31  HIS A CD2 
267 C CE1 . HIS A 32  ? 0.4998 0.2966 0.4648 -0.0510 0.0129  -0.0417 31  HIS A CE1 
268 N NE2 . HIS A 32  ? 0.6831 0.4299 0.6234 -0.0481 0.0219  -0.0336 31  HIS A NE2 
269 N N   A ARG A 33  ? 0.3210 0.2578 0.3563 -0.0380 0.0570  0.0070  32  ARG A N   
270 N N   B ARG A 33  ? 0.3250 0.2621 0.3603 -0.0376 0.0569  0.0069  32  ARG A N   
271 C CA  A ARG A 33  ? 0.3158 0.2643 0.3477 -0.0353 0.0693  0.0140  32  ARG A CA  
272 C CA  B ARG A 33  ? 0.3222 0.2709 0.3543 -0.0353 0.0694  0.0140  32  ARG A CA  
273 C C   A ARG A 33  ? 0.3113 0.2620 0.3277 -0.0161 0.0641  0.0151  32  ARG A C   
274 C C   B ARG A 33  ? 0.2964 0.2490 0.3143 -0.0165 0.0646  0.0148  32  ARG A C   
275 O O   A ARG A 33  ? 0.3027 0.2426 0.2961 -0.0108 0.0685  0.0222  32  ARG A O   
276 O O   B ARG A 33  ? 0.2994 0.2443 0.2960 -0.0118 0.0701  0.0215  32  ARG A O   
277 C CB  A ARG A 33  ? 0.3250 0.3147 0.3907 -0.0411 0.0764  0.0088  32  ARG A CB  
278 C CB  B ARG A 33  ? 0.3276 0.3166 0.3937 -0.0430 0.0770  0.0090  32  ARG A CB  
279 C CG  A ARG A 33  ? 0.3596 0.3568 0.4175 -0.0427 0.0940  0.0141  32  ARG A CG  
280 C CG  B ARG A 33  ? 0.3484 0.3509 0.4094 -0.0378 0.0914  0.0119  32  ARG A CG  
281 C CD  A ARG A 33  ? 0.3421 0.3806 0.4356 -0.0517 0.1070  0.0091  32  ARG A CD  
282 C CD  B ARG A 33  ? 0.3474 0.3900 0.4439 -0.0461 0.1037  0.0068  32  ARG A CD  
283 N NE  A ARG A 33  ? 0.4035 0.4720 0.5257 -0.0372 0.0970  -0.0007 32  ARG A NE  
284 N NE  B ARG A 33  ? 0.3758 0.4243 0.4908 -0.0692 0.1069  0.0078  32  ARG A NE  
285 C CZ  A ARG A 33  ? 0.3568 0.4487 0.5100 -0.0405 0.0854  -0.0066 32  ARG A CZ  
286 C CZ  B ARG A 33  ? 0.3768 0.4337 0.4967 -0.0892 0.1259  0.0131  32  ARG A CZ  
287 N NH1 A ARG A 33  ? 0.3657 0.4588 0.5300 -0.0618 0.0834  -0.0067 32  ARG A NH1 
288 N NH1 B ARG A 33  ? 0.3825 0.4537 0.4947 -0.0853 0.1441  0.0162  32  ARG A NH1 
289 N NH2 A ARG A 33  ? 0.2452 0.3564 0.4152 -0.0228 0.0744  -0.0122 32  ARG A NH2 
290 N NH2 B ARG A 33  ? 0.4484 0.4993 0.5792 -0.1152 0.1266  0.0145  32  ARG A NH2 
291 N N   . VAL A 34  ? 0.2795 0.2453 0.3070 -0.0077 0.0540  0.0085  33  VAL A N   
292 C CA  . VAL A 34  ? 0.2522 0.2234 0.2689 0.0042  0.0503  0.0089  33  VAL A CA  
293 C C   . VAL A 34  ? 0.2924 0.2483 0.2867 0.0130  0.0464  0.0136  33  VAL A C   
294 O O   . VAL A 34  ? 0.2681 0.2312 0.2510 0.0193  0.0456  0.0163  33  VAL A O   
295 C CB  . VAL A 34  ? 0.3069 0.2917 0.3363 0.0084  0.0421  0.0037  33  VAL A CB  
296 C CG1 . VAL A 34  ? 0.3574 0.3460 0.3756 0.0145  0.0393  0.0046  33  VAL A CG1 
297 C CG2 . VAL A 34  ? 0.3418 0.3418 0.3914 0.0068  0.0453  0.0005  33  VAL A CG2 
298 N N   . LEU A 35  ? 0.2746 0.2093 0.2614 0.0147  0.0433  0.0137  34  LEU A N   
299 C CA  . LEU A 35  ? 0.2952 0.2139 0.2609 0.0295  0.0399  0.0180  34  LEU A CA  
300 C C   . LEU A 35  ? 0.3563 0.2609 0.3020 0.0318  0.0446  0.0290  34  LEU A C   
301 O O   . LEU A 35  ? 0.3476 0.2589 0.2802 0.0469  0.0397  0.0338  34  LEU A O   
302 C CB  . LEU A 35  ? 0.3536 0.2409 0.3095 0.0326  0.0369  0.0138  34  LEU A CB  
303 C CG  . LEU A 35  ? 0.3343 0.2328 0.2976 0.0362  0.0307  0.0027  34  LEU A CG  
304 C CD1 . LEU A 35  ? 0.3626 0.2217 0.3104 0.0358  0.0285  -0.0044 34  LEU A CD1 
305 C CD2 . LEU A 35  ? 0.2807 0.2047 0.2423 0.0539  0.0284  0.0021  34  LEU A CD2 
306 N N   . GLU A 36  ? 0.3456 0.2342 0.2882 0.0169  0.0539  0.0338  35  GLU A N   
307 C CA  . GLU A 36  ? 0.3468 0.2206 0.2637 0.0175  0.0603  0.0462  35  GLU A CA  
308 C C   . GLU A 36  ? 0.3062 0.2118 0.2225 0.0198  0.0609  0.0447  35  GLU A C   
309 O O   . GLU A 36  ? 0.3410 0.2442 0.2317 0.0292  0.0579  0.0526  35  GLU A O   
310 C CB  . GLU A 36  ? 0.4032 0.2557 0.3180 -0.0035 0.0738  0.0517  35  GLU A CB  
311 C CG  . GLU A 36  ? 0.4428 0.2506 0.3469 -0.0086 0.0728  0.0543  35  GLU A CG  
312 C CD  . GLU A 36  ? 0.6669 0.4282 0.5280 0.0034  0.0735  0.0711  35  GLU A CD  
313 O OE1 . GLU A 36  ? 0.7469 0.4865 0.5872 -0.0107 0.0861  0.0846  35  GLU A OE1 
314 O OE2 . GLU A 36  ? 0.6659 0.4159 0.5138 0.0284  0.0620  0.0716  35  GLU A OE2 
315 N N   . VAL A 37  ? 0.3201 0.2528 0.2613 0.0122  0.0632  0.0339  36  VAL A N   
316 C CA  . VAL A 37  ? 0.3300 0.2837 0.2665 0.0134  0.0636  0.0292  36  VAL A CA  
317 C C   . VAL A 37  ? 0.2822 0.2508 0.2144 0.0241  0.0499  0.0271  36  VAL A C   
318 O O   . VAL A 37  ? 0.3036 0.2824 0.2180 0.0268  0.0458  0.0275  36  VAL A O   
319 C CB  . VAL A 37  ? 0.2420 0.2121 0.2033 0.0064  0.0694  0.0183  36  VAL A CB  
320 C CG1 . VAL A 37  ? 0.3008 0.2815 0.2523 0.0077  0.0687  0.0104  36  VAL A CG1 
321 C CG2 . VAL A 37  ? 0.2790 0.2494 0.2496 -0.0036 0.0847  0.0194  36  VAL A CG2 
322 N N   . LEU A 38  ? 0.2719 0.2462 0.2201 0.0293  0.0428  0.0242  37  LEU A N   
323 C CA  . LEU A 38  ? 0.3052 0.3033 0.2550 0.0377  0.0326  0.0223  37  LEU A CA  
324 C C   . LEU A 38  ? 0.2645 0.2626 0.1933 0.0525  0.0258  0.0311  37  LEU A C   
325 O O   . LEU A 38  ? 0.2894 0.3160 0.2153 0.0559  0.0170  0.0297  37  LEU A O   
326 C CB  . LEU A 38  ? 0.2346 0.2387 0.2011 0.0419  0.0299  0.0186  37  LEU A CB  
327 C CG  . LEU A 38  ? 0.2630 0.2724 0.2459 0.0299  0.0326  0.0119  37  LEU A CG  
328 C CD1 . LEU A 38  ? 0.2823 0.2914 0.2725 0.0347  0.0309  0.0100  37  LEU A CD1 
329 C CD2 . LEU A 38  ? 0.3049 0.3353 0.2911 0.0215  0.0303  0.0076  37  LEU A CD2 
330 N N   . LYS A 39  ? 0.3071 0.2724 0.2195 0.0610  0.0285  0.0408  38  LYS A N   
331 C CA  . LYS A 39  ? 0.3063 0.2652 0.1943 0.0803  0.0206  0.0519  38  LYS A CA  
332 C C   . LYS A 39  ? 0.3477 0.3136 0.2115 0.0763  0.0191  0.0572  38  LYS A C   
333 O O   . LYS A 39  ? 0.3620 0.3491 0.2128 0.0906  0.0063  0.0615  38  LYS A O   
334 C CB  . LYS A 39  ? 0.3735 0.2804 0.2415 0.0882  0.0253  0.0624  38  LYS A CB  
335 C CG  . LYS A 39  ? 0.3936 0.2906 0.2757 0.0980  0.0238  0.0555  38  LYS A CG  
336 C CD  . LYS A 39  ? 0.5467 0.3844 0.4013 0.1076  0.0263  0.0653  38  LYS A CD  
337 C CE  . LYS A 39  ? 0.6000 0.4072 0.4619 0.0843  0.0360  0.0589  38  LYS A CE  
338 N NZ  . LYS A 39  ? 0.6896 0.4654 0.5494 0.0931  0.0341  0.0502  38  LYS A NZ  
339 N N   . GLN A 40  ? 0.3679 0.3185 0.2239 0.0583  0.0320  0.0565  39  GLN A N   
340 C CA  . GLN A 40  ? 0.3836 0.3416 0.2131 0.0532  0.0332  0.0579  39  GLN A CA  
341 C C   . GLN A 40  ? 0.3681 0.3662 0.2086 0.0491  0.0226  0.0434  39  GLN A C   
342 O O   . GLN A 40  ? 0.3640 0.3790 0.1811 0.0535  0.0118  0.0442  39  GLN A O   
343 C CB  . GLN A 40  ? 0.4109 0.3521 0.2360 0.0354  0.0529  0.0564  39  GLN A CB  
344 C CG  . GLN A 40  ? 0.4085 0.3105 0.2195 0.0324  0.0646  0.0718  39  GLN A CG  
345 C CD  . GLN A 40  ? 0.5669 0.4442 0.3303 0.0435  0.0614  0.0908  39  GLN A CD  
346 O OE1 . GLN A 40  ? 0.6078 0.4995 0.3426 0.0475  0.0567  0.0920  39  GLN A OE1 
347 N NE2 . GLN A 40  ? 0.6971 0.5326 0.4465 0.0498  0.0620  0.1057  39  GLN A NE2 
348 N N   . LEU A 41  ? 0.3040 0.3149 0.1766 0.0385  0.0253  0.0302  40  LEU A N   
349 C CA  . LEU A 41  ? 0.3354 0.3756 0.2166 0.0292  0.0169  0.0166  40  LEU A CA  
350 C C   . LEU A 41  ? 0.3198 0.3958 0.2047 0.0394  -0.0009 0.0187  40  LEU A C   
351 O O   . LEU A 41  ? 0.3252 0.4284 0.2024 0.0325  -0.0120 0.0108  40  LEU A O   
352 C CB  . LEU A 41  ? 0.3173 0.3579 0.2288 0.0181  0.0223  0.0066  40  LEU A CB  
353 C CG  . LEU A 41  ? 0.2612 0.2783 0.1751 0.0097  0.0367  0.0006  40  LEU A CG  
354 C CD1 . LEU A 41  ? 0.2434 0.2584 0.1852 0.0050  0.0386  -0.0040 40  LEU A CD1 
355 C CD2 . LEU A 41  ? 0.3447 0.3580 0.2365 0.0013  0.0399  -0.0110 40  LEU A CD2 
356 N N   . LEU A 42  ? 0.3509 0.4305 0.2493 0.0562  -0.0042 0.0272  41  LEU A N   
357 C CA  . LEU A 42  ? 0.2869 0.4093 0.1947 0.0714  -0.0201 0.0291  41  LEU A CA  
358 C C   . LEU A 42  ? 0.3726 0.4984 0.2474 0.0865  -0.0325 0.0391  41  LEU A C   
359 O O   . LEU A 42  ? 0.3857 0.5582 0.2629 0.0890  -0.0493 0.0352  41  LEU A O   
360 C CB  . LEU A 42  ? 0.2882 0.4081 0.2131 0.0914  -0.0183 0.0347  41  LEU A CB  
361 C CG  . LEU A 42  ? 0.2902 0.4245 0.2469 0.0799  -0.0107 0.0250  41  LEU A CG  
362 C CD1 . LEU A 42  ? 0.2659 0.3882 0.2289 0.1014  -0.0071 0.0288  41  LEU A CD1 
363 C CD2 . LEU A 42  ? 0.3393 0.5308 0.3196 0.0676  -0.0184 0.0158  41  LEU A CD2 
364 N N   . GLU A 43  ? 0.3286 0.4065 0.1710 0.0954  -0.0249 0.0529  42  GLU A N   
365 C CA  . GLU A 43  ? 0.3911 0.4636 0.1923 0.1104  -0.0357 0.0664  42  GLU A CA  
366 C C   . GLU A 43  ? 0.4259 0.5253 0.2094 0.0941  -0.0434 0.0556  42  GLU A C   
367 O O   . GLU A 43  ? 0.4213 0.5512 0.1914 0.1039  -0.0625 0.0576  42  GLU A O   
368 C CB  . GLU A 43  ? 0.5306 0.5403 0.2958 0.1131  -0.0210 0.0832  42  GLU A CB  
369 C CG  . GLU A 43  ? 0.6173 0.5905 0.3866 0.1316  -0.0174 0.0949  42  GLU A CG  
370 C CD  . GLU A 43  ? 0.7813 0.6917 0.5157 0.1272  -0.0039 0.1109  42  GLU A CD  
371 O OE1 . GLU A 43  ? 0.8452 0.7495 0.5491 0.1187  -0.0024 0.1171  42  GLU A OE1 
372 O OE2 . GLU A 43  ? 0.8531 0.7225 0.5932 0.1276  0.0056  0.1146  42  GLU A OE2 
373 N N   . HIS A 44  ? 0.4161 0.5032 0.2026 0.0687  -0.0292 0.0416  43  HIS A N   
374 C CA  . HIS A 44  ? 0.3993 0.5005 0.1614 0.0532  -0.0344 0.0284  43  HIS A CA  
375 C C   . HIS A 44  ? 0.4314 0.5746 0.2245 0.0356  -0.0457 0.0077  43  HIS A C   
376 O O   . HIS A 44  ? 0.4716 0.6161 0.2479 0.0168  -0.0469 -0.0091 43  HIS A O   
377 C CB  . HIS A 44  ? 0.4488 0.5110 0.1895 0.0386  -0.0116 0.0231  43  HIS A CB  
378 C CG  . HIS A 44  ? 0.4555 0.4797 0.1626 0.0482  0.0021  0.0433  43  HIS A CG  
379 N ND1 . HIS A 44  ? 0.5241 0.5214 0.2466 0.0558  0.0120  0.0581  43  HIS A ND1 
380 C CD2 . HIS A 44  ? 0.5243 0.5332 0.1814 0.0504  0.0048  0.0527  43  HIS A CD2 
381 C CE1 . HIS A 44  ? 0.5435 0.5068 0.2270 0.0591  0.0231  0.0758  43  HIS A CE1 
382 N NE2 . HIS A 44  ? 0.5723 0.5440 0.2222 0.0545  0.0189  0.0727  43  HIS A NE2 
383 N N   . ASN A 45  ? 0.3930 0.5672 0.2281 0.0399  -0.0521 0.0079  44  ASN A N   
384 C CA  . ASN A 45  ? 0.4149 0.6341 0.2814 0.0204  -0.0621 -0.0086 44  ASN A CA  
385 C C   . ASN A 45  ? 0.4102 0.6009 0.2792 -0.0079 -0.0488 -0.0253 44  ASN A C   
386 O O   . ASN A 45  ? 0.4293 0.6370 0.2981 -0.0310 -0.0569 -0.0421 44  ASN A O   
387 C CB  . ASN A 45  ? 0.4659 0.7358 0.3202 0.0196  -0.0870 -0.0142 44  ASN A CB  
388 C CG  . ASN A 45  ? 0.5574 0.8370 0.4035 0.0529  -0.0980 0.0051  44  ASN A CG  
389 O OD1 . ASN A 45  ? 0.6603 0.9054 0.4643 0.0641  -0.0978 0.0156  44  ASN A OD1 
390 N ND2 . ASN A 45  ? 0.5694 0.8864 0.4554 0.0692  -0.1031 0.0105  44  ASN A ND2 
391 N N   . ASN A 46  ? 0.3106 0.4562 0.1811 -0.0056 -0.0290 -0.0210 45  ASN A N   
392 C CA  . ASN A 46  ? 0.3465 0.4628 0.2230 -0.0251 -0.0163 -0.0343 45  ASN A CA  
393 C C   . ASN A 46  ? 0.3248 0.4502 0.2393 -0.0308 -0.0130 -0.0324 45  ASN A C   
394 O O   . ASN A 46  ? 0.2892 0.3895 0.2156 -0.0247 -0.0006 -0.0262 45  ASN A O   
395 C CB  . ASN A 46  ? 0.3759 0.4477 0.2348 -0.0182 0.0019  -0.0316 45  ASN A CB  
396 C CG  . ASN A 46  ? 0.4328 0.4949 0.2489 -0.0166 0.0027  -0.0357 45  ASN A CG  
397 O OD1 . ASN A 46  ? 0.5028 0.5540 0.2987 -0.0033 0.0092  -0.0223 45  ASN A OD1 
398 N ND2 . ASN A 46  ? 0.4466 0.5116 0.2442 -0.0321 -0.0045 -0.0540 45  ASN A ND2 
399 N N   . LEU A 47  ? 0.2599 0.4266 0.1930 -0.0447 -0.0246 -0.0382 46  LEU A N   
400 C CA  . LEU A 47  ? 0.2673 0.4537 0.2345 -0.0465 -0.0204 -0.0327 46  LEU A CA  
401 C C   . LEU A 47  ? 0.2917 0.4420 0.2632 -0.0661 -0.0084 -0.0377 46  LEU A C   
402 O O   . LEU A 47  ? 0.2426 0.3849 0.2292 -0.0608 0.0005  -0.0294 46  LEU A O   
403 C CB  . LEU A 47  ? 0.2498 0.5032 0.2403 -0.0534 -0.0345 -0.0354 46  LEU A CB  
404 C CG  . LEU A 47  ? 0.2596 0.5526 0.2467 -0.0272 -0.0496 -0.0281 46  LEU A CG  
405 C CD1 . LEU A 47  ? 0.2336 0.6064 0.2552 -0.0300 -0.0631 -0.0309 46  LEU A CD1 
406 C CD2 . LEU A 47  ? 0.3068 0.5736 0.2878 0.0055  -0.0420 -0.0125 46  LEU A CD2 
407 N N   . GLU A 48  ? 0.3123 0.4364 0.2665 -0.0872 -0.0087 -0.0512 47  GLU A N   
408 C CA  . GLU A 48  ? 0.3380 0.4155 0.2895 -0.1013 0.0023  -0.0546 47  GLU A CA  
409 C C   . GLU A 48  ? 0.3106 0.3519 0.2608 -0.0795 0.0143  -0.0454 47  GLU A C   
410 O O   . GLU A 48  ? 0.2939 0.3206 0.2553 -0.0792 0.0209  -0.0374 47  GLU A O   
411 C CB  . GLU A 48  ? 0.4706 0.5124 0.3948 -0.1200 0.0008  -0.0727 47  GLU A CB  
412 C CG  . GLU A 48  ? 0.5314 0.5179 0.4494 -0.1323 0.0109  -0.0752 47  GLU A CG  
413 C CD  . GLU A 48  ? 0.7547 0.7296 0.6635 -0.1686 0.0055  -0.0893 47  GLU A CD  
414 O OE1 . GLU A 48  ? 0.8328 0.8556 0.7467 -0.1851 -0.0076 -0.0977 47  GLU A OE1 
415 O OE2 . GLU A 48  ? 0.8445 0.7631 0.7412 -0.1812 0.0133  -0.0911 47  GLU A OE2 
416 N N   . GLN A 49  ? 0.2963 0.3256 0.2319 -0.0628 0.0170  -0.0460 48  GLN A N   
417 C CA  . GLN A 49  ? 0.3182 0.3218 0.2570 -0.0450 0.0279  -0.0392 48  GLN A CA  
418 C C   . GLN A 49  ? 0.2827 0.3059 0.2414 -0.0322 0.0277  -0.0251 48  GLN A C   
419 O O   . GLN A 49  ? 0.2563 0.2640 0.2255 -0.0257 0.0332  -0.0197 48  GLN A O   
420 C CB  . GLN A 49  ? 0.3234 0.3166 0.2424 -0.0347 0.0336  -0.0434 48  GLN A CB  
421 C CG  . GLN A 49  ? 0.3873 0.3459 0.2858 -0.0398 0.0407  -0.0595 48  GLN A CG  
422 C CD  . GLN A 49  ? 0.4672 0.4269 0.3353 -0.0373 0.0430  -0.0683 48  GLN A CD  
423 O OE1 . GLN A 49  ? 0.5051 0.4911 0.3611 -0.0387 0.0335  -0.0647 48  GLN A OE1 
424 N NE2 . GLN A 49  ? 0.4895 0.4205 0.3422 -0.0313 0.0560  -0.0801 48  GLN A NE2 
425 N N   . ALA A 50  ? 0.2559 0.3126 0.2184 -0.0265 0.0201  -0.0199 49  ALA A N   
426 C CA  . ALA A 50  ? 0.2074 0.2772 0.1846 -0.0127 0.0202  -0.0096 49  ALA A CA  
427 C C   . ALA A 50  ? 0.2366 0.3124 0.2295 -0.0204 0.0226  -0.0081 49  ALA A C   
428 O O   . ALA A 50  ? 0.2344 0.3001 0.2329 -0.0116 0.0267  -0.0027 49  ALA A O   
429 C CB  . ALA A 50  ? 0.2501 0.3534 0.2271 -0.0013 0.0110  -0.0053 49  ALA A CB  
430 N N   . VAL A 51  ? 0.2397 0.3303 0.2364 -0.0396 0.0204  -0.0129 50  VAL A N   
431 C CA  . VAL A 51  ? 0.2471 0.3410 0.2535 -0.0509 0.0253  -0.0090 50  VAL A CA  
432 C C   . VAL A 51  ? 0.2458 0.2925 0.2425 -0.0500 0.0316  -0.0058 50  VAL A C   
433 O O   . VAL A 51  ? 0.2586 0.3017 0.2577 -0.0442 0.0351  0.0017  50  VAL A O   
434 C CB  . VAL A 51  ? 0.2785 0.3955 0.2904 -0.0781 0.0230  -0.0145 50  VAL A CB  
435 C CG1 . VAL A 51  ? 0.2643 0.3756 0.2796 -0.0940 0.0317  -0.0080 50  VAL A CG1 
436 C CG2 . VAL A 51  ? 0.1806 0.3596 0.2103 -0.0753 0.0151  -0.0167 50  VAL A CG2 
437 N N   . GLU A 52  ? 0.2250 0.2364 0.2090 -0.0529 0.0326  -0.0120 51  GLU A N   
438 C CA  . GLU A 52  ? 0.2883 0.2599 0.2662 -0.0471 0.0369  -0.0082 51  GLU A CA  
439 C C   . GLU A 52  ? 0.2844 0.2595 0.2710 -0.0261 0.0372  -0.0029 51  GLU A C   
440 O O   . GLU A 52  ? 0.3140 0.2786 0.3018 -0.0199 0.0370  0.0041  51  GLU A O   
441 C CB  . GLU A 52  ? 0.3787 0.3101 0.3415 -0.0500 0.0394  -0.0177 51  GLU A CB  
442 C CG  . GLU A 52  ? 0.5330 0.4692 0.4877 -0.0488 0.0391  -0.0299 51  GLU A CG  
443 C CD  . GLU A 52  ? 0.5488 0.4396 0.4835 -0.0514 0.0435  -0.0426 51  GLU A CD  
444 O OE1 . GLU A 52  ? 0.6605 0.5125 0.5887 -0.0533 0.0457  -0.0403 51  GLU A OE1 
445 O OE2 . GLU A 52  ? 0.6176 0.5074 0.5389 -0.0492 0.0454  -0.0548 51  GLU A OE2 
446 N N   . LEU A 53  ? 0.2412 0.2311 0.2317 -0.0169 0.0367  -0.0055 52  LEU A N   
447 C CA  . LEU A 53  ? 0.2140 0.2050 0.2130 -0.0031 0.0374  -0.0017 52  LEU A CA  
448 C C   . LEU A 53  ? 0.2611 0.2675 0.2646 0.0011  0.0342  0.0037  52  LEU A C   
449 O O   . LEU A 53  ? 0.2317 0.2324 0.2392 0.0074  0.0326  0.0060  52  LEU A O   
450 C CB  . LEU A 53  ? 0.2405 0.2359 0.2368 0.0014  0.0402  -0.0043 52  LEU A CB  
451 C CG  . LEU A 53  ? 0.3240 0.3168 0.3294 0.0089  0.0435  -0.0019 52  LEU A CG  
452 C CD1 . LEU A 53  ? 0.2964 0.2807 0.3125 0.0123  0.0472  -0.0052 52  LEU A CD1 
453 C CD2 . LEU A 53  ? 0.3291 0.3228 0.3240 0.0093  0.0487  -0.0011 52  LEU A CD2 
454 N N   . ILE A 54  ? 0.2166 0.2458 0.2197 -0.0011 0.0328  0.0042  53  ILE A N   
455 C CA  . ILE A 54  ? 0.1872 0.2302 0.1924 0.0073  0.0322  0.0068  53  ILE A CA  
456 C C   . ILE A 54  ? 0.2267 0.2664 0.2284 0.0019  0.0341  0.0104  53  ILE A C   
457 O O   . ILE A 54  ? 0.2083 0.2477 0.2057 0.0098  0.0335  0.0112  53  ILE A O   
458 C CB  . ILE A 54  ? 0.2100 0.2845 0.2191 0.0121  0.0308  0.0061  53  ILE A CB  
459 C CG1 . ILE A 54  ? 0.2119 0.2897 0.2192 0.0300  0.0310  0.0061  53  ILE A CG1 
460 C CG2 . ILE A 54  ? 0.1861 0.2888 0.2021 -0.0016 0.0331  0.0061  53  ILE A CG2 
461 C CD1 . ILE A 54  ? 0.1836 0.2849 0.1935 0.0451  0.0281  0.0061  53  ILE A CD1 
462 N N   . SER A 55  ? 0.2050 0.2355 0.2028 -0.0121 0.0361  0.0128  54  SER A N   
463 C CA  . SER A 55  ? 0.2373 0.2580 0.2245 -0.0176 0.0385  0.0201  54  SER A CA  
464 C C   . SER A 55  ? 0.2861 0.2840 0.2673 -0.0056 0.0332  0.0229  54  SER A C   
465 O O   . SER A 55  ? 0.2725 0.2729 0.2436 -0.0006 0.0319  0.0265  54  SER A O   
466 C CB  . SER A 55  ? 0.3024 0.3054 0.2819 -0.0369 0.0420  0.0235  54  SER A CB  
467 O OG  . SER A 55  ? 0.3408 0.3217 0.3027 -0.0405 0.0443  0.0344  54  SER A OG  
468 N N   . ILE A 56  ? 0.2456 0.2248 0.2326 -0.0005 0.0302  0.0202  55  ILE A N   
469 C CA  . ILE A 56  ? 0.2491 0.2188 0.2383 0.0116  0.0233  0.0219  55  ILE A CA  
470 C C   . ILE A 56  ? 0.2315 0.2183 0.2290 0.0181  0.0194  0.0164  55  ILE A C   
471 O O   . ILE A 56  ? 0.2860 0.2739 0.2805 0.0239  0.0119  0.0170  55  ILE A O   
472 C CB  . ILE A 56  ? 0.2680 0.2211 0.2659 0.0178  0.0230  0.0194  55  ILE A CB  
473 C CG1 . ILE A 56  ? 0.3293 0.2810 0.3331 0.0320  0.0140  0.0227  55  ILE A CG1 
474 C CG2 . ILE A 56  ? 0.2810 0.2457 0.2928 0.0177  0.0278  0.0105  55  ILE A CG2 
475 C CD1 . ILE A 56  ? 0.3786 0.3160 0.3613 0.0345  0.0078  0.0338  55  ILE A CD1 
476 N N   . ALA A 57  ? 0.2307 0.2276 0.2346 0.0168  0.0234  0.0111  56  ALA A N   
477 C CA  . ALA A 57  ? 0.1969 0.1979 0.2023 0.0215  0.0206  0.0062  56  ALA A CA  
478 C C   . ALA A 57  ? 0.2605 0.2661 0.2507 0.0249  0.0188  0.0056  56  ALA A C   
479 O O   . ALA A 57  ? 0.2729 0.2740 0.2578 0.0281  0.0127  0.0006  56  ALA A O   
480 C CB  . ALA A 57  ? 0.2302 0.2326 0.2375 0.0223  0.0253  0.0040  56  ALA A CB  
481 N N   . VAL A 58  ? 0.2257 0.2425 0.2082 0.0227  0.0248  0.0093  57  VAL A N   
482 C CA  . VAL A 58  ? 0.2422 0.2681 0.2081 0.0266  0.0271  0.0085  57  VAL A CA  
483 C C   . VAL A 58  ? 0.2850 0.2998 0.2349 0.0258  0.0206  0.0129  57  VAL A C   
484 O O   . VAL A 58  ? 0.2644 0.2783 0.1979 0.0317  0.0166  0.0076  57  VAL A O   
485 C CB  . VAL A 58  ? 0.2035 0.2536 0.1702 0.0210  0.0374  0.0124  57  VAL A CB  
486 C CG1 . VAL A 58  ? 0.2431 0.3039 0.1904 0.0202  0.0437  0.0155  57  VAL A CG1 
487 C CG2 . VAL A 58  ? 0.1971 0.2667 0.1759 0.0303  0.0402  0.0062  57  VAL A CG2 
488 N N   . HIS A 59  ? 0.2879 0.2911 0.2374 0.0202  0.0189  0.0226  58  HIS A N   
489 C CA  . HIS A 59  ? 0.2951 0.2858 0.2274 0.0239  0.0099  0.0295  58  HIS A CA  
490 C C   . HIS A 59  ? 0.3108 0.3043 0.2494 0.0320  -0.0037 0.0209  58  HIS A C   
491 O O   . HIS A 59  ? 0.2909 0.2852 0.2088 0.0360  -0.0124 0.0203  58  HIS A O   
492 C CB  . HIS A 59  ? 0.3274 0.2968 0.2606 0.0219  0.0087  0.0404  58  HIS A CB  
493 C CG  . HIS A 59  ? 0.4176 0.3768 0.3375 0.0084  0.0205  0.0499  58  HIS A CG  
494 N ND1 . HIS A 59  ? 0.5443 0.5145 0.4438 0.0003  0.0292  0.0555  58  HIS A ND1 
495 C CD2 . HIS A 59  ? 0.4567 0.3970 0.3806 -0.0016 0.0259  0.0535  58  HIS A CD2 
496 C CE1 . HIS A 59  ? 0.5324 0.4923 0.4260 -0.0166 0.0394  0.0641  58  HIS A CE1 
497 N NE2 . HIS A 59  ? 0.5501 0.4896 0.4576 -0.0188 0.0366  0.0618  58  HIS A NE2 
498 N N   . VAL A 60  ? 0.2527 0.2490 0.2182 0.0321  -0.0059 0.0144  59  VAL A N   
499 C CA  . VAL A 60  ? 0.2838 0.2878 0.2612 0.0338  -0.0182 0.0058  59  VAL A CA  
500 C C   . VAL A 60  ? 0.2600 0.2627 0.2232 0.0315  -0.0195 -0.0060 59  VAL A C   
501 O O   . VAL A 60  ? 0.3123 0.3179 0.2637 0.0318  -0.0320 -0.0125 59  VAL A O   
502 C CB  . VAL A 60  ? 0.2198 0.2296 0.2291 0.0311  -0.0153 0.0023  59  VAL A CB  
503 C CG1 . VAL A 60  ? 0.2472 0.2701 0.2732 0.0256  -0.0250 -0.0081 59  VAL A CG1 
504 C CG2 . VAL A 60  ? 0.2650 0.2739 0.2859 0.0381  -0.0155 0.0104  59  VAL A CG2 
505 N N   . ALA A 61  ? 0.2450 0.2420 0.2069 0.0308  -0.0081 -0.0097 60  ALA A N   
506 C CA  . ALA A 61  ? 0.2676 0.2542 0.2141 0.0329  -0.0082 -0.0223 60  ALA A CA  
507 C C   . ALA A 61  ? 0.2817 0.2701 0.1965 0.0382  -0.0109 -0.0258 60  ALA A C   
508 O O   . ALA A 61  ? 0.2884 0.2666 0.1856 0.0384  -0.0185 -0.0392 60  ALA A O   
509 C CB  . ALA A 61  ? 0.2960 0.2773 0.2445 0.0382  0.0042  -0.0227 60  ALA A CB  
510 N N   . VAL A 62  ? 0.2756 0.2747 0.1787 0.0405  -0.0039 -0.0144 61  VAL A N   
511 C CA  . VAL A 62  ? 0.3041 0.3061 0.1717 0.0447  -0.0032 -0.0158 61  VAL A CA  
512 C C   . VAL A 62  ? 0.3948 0.3940 0.2475 0.0436  -0.0217 -0.0147 61  VAL A C   
513 O O   . VAL A 62  ? 0.3692 0.3654 0.1923 0.0463  -0.0295 -0.0257 61  VAL A O   
514 C CB  . VAL A 62  ? 0.3289 0.3440 0.1878 0.0429  0.0121  -0.0017 61  VAL A CB  
515 C CG1 . VAL A 62  ? 0.3839 0.4018 0.2016 0.0450  0.0141  0.0011  61  VAL A CG1 
516 C CG2 . VAL A 62  ? 0.2959 0.3258 0.1695 0.0465  0.0274  -0.0066 61  VAL A CG2 
517 N N   . ARG A 63  ? 0.3165 0.3176 0.1882 0.0418  -0.0302 -0.0028 62  ARG A N   
518 C CA  . ARG A 63  ? 0.3433 0.3488 0.2059 0.0453  -0.0505 0.0001  62  ARG A CA  
519 C C   . ARG A 63  ? 0.3576 0.3703 0.2279 0.0409  -0.0668 -0.0190 62  ARG A C   
520 O O   . ARG A 63  ? 0.3707 0.3882 0.2145 0.0425  -0.0828 -0.0249 62  ARG A O   
521 C CB  . ARG A 63  ? 0.3584 0.3651 0.2465 0.0492  -0.0555 0.0141  62  ARG A CB  
522 C CG  . ARG A 63  ? 0.3285 0.3472 0.2136 0.0580  -0.0795 0.0172  62  ARG A CG  
523 C CD  . ARG A 63  ? 0.3964 0.4054 0.2855 0.0701  -0.0822 0.0367  62  ARG A CD  
524 N NE  . ARG A 63  ? 0.4696 0.4538 0.3121 0.0732  -0.0771 0.0547  62  ARG A NE  
525 C CZ  . ARG A 63  ? 0.4448 0.4066 0.2728 0.0843  -0.0810 0.0747  62  ARG A CZ  
526 N NH1 . ARG A 63  ? 0.4520 0.4147 0.3108 0.0979  -0.0894 0.0779  62  ARG A NH1 
527 N NH2 . ARG A 63  ? 0.5161 0.4517 0.2960 0.0825  -0.0744 0.0924  62  ARG A NH2 
528 N N   . VAL A 64  ? 0.3243 0.3491 0.2780 0.0367  -0.0989 -0.0027 63  VAL A N   
529 C CA  . VAL A 64  ? 0.3192 0.3545 0.2852 0.0322  -0.1091 -0.0196 63  VAL A CA  
530 C C   . VAL A 64  ? 0.3828 0.4102 0.3077 0.0251  -0.0970 -0.0316 63  VAL A C   
531 O O   . VAL A 64  ? 0.3806 0.4128 0.3149 0.0198  -0.1046 -0.0472 63  VAL A O   
532 C CB  . VAL A 64  ? 0.2896 0.3431 0.3168 0.0311  -0.0991 -0.0332 63  VAL A CB  
533 C CG1 . VAL A 64  ? 0.2857 0.3516 0.3666 0.0390  -0.1099 -0.0298 63  VAL A CG1 
534 C CG2 . VAL A 64  ? 0.2741 0.3248 0.2970 0.0271  -0.0678 -0.0364 63  VAL A CG2 
535 N N   . ASN A 65  ? 0.3485 0.3646 0.2351 0.0248  -0.0784 -0.0270 64  ASN A N   
536 C CA  . ASN A 65  ? 0.3803 0.3899 0.2382 0.0205  -0.0649 -0.0422 64  ASN A CA  
537 C C   . ASN A 65  ? 0.3462 0.3563 0.2376 0.0181  -0.0567 -0.0573 64  ASN A C   
538 O O   . ASN A 65  ? 0.3724 0.3785 0.2583 0.0134  -0.0614 -0.0745 64  ASN A O   
539 C CB  . ASN A 65  ? 0.4222 0.4294 0.2345 0.0145  -0.0806 -0.0502 64  ASN A CB  
540 C CG  . ASN A 65  ? 0.4915 0.4930 0.2717 0.0109  -0.0610 -0.0681 64  ASN A CG  
541 O OD1 . ASN A 65  ? 0.5232 0.5221 0.2980 0.0135  -0.0385 -0.0644 64  ASN A OD1 
542 N ND2 . ASN A 65  ? 0.5714 0.5725 0.3361 0.0049  -0.0694 -0.0912 64  ASN A ND2 
543 N N   . ASN A 66  ? 0.2893 0.3026 0.2130 0.0192  -0.0441 -0.0509 65  ASN A N   
544 C CA  . ASN A 66  ? 0.3016 0.3116 0.2501 0.0137  -0.0354 -0.0583 65  ASN A CA  
545 C C   . ASN A 66  ? 0.2851 0.2821 0.2193 0.0166  -0.0202 -0.0588 65  ASN A C   
546 O O   . ASN A 66  ? 0.2693 0.2673 0.2057 0.0195  -0.0087 -0.0480 65  ASN A O   
547 C CB  . ASN A 66  ? 0.2642 0.2868 0.2489 0.0092  -0.0302 -0.0522 65  ASN A CB  
548 C CG  . ASN A 66  ? 0.2707 0.2884 0.2743 -0.0017 -0.0217 -0.0545 65  ASN A CG  
549 O OD1 . ASN A 66  ? 0.2892 0.2893 0.2824 -0.0024 -0.0179 -0.0552 65  ASN A OD1 
550 N ND2 . ASN A 66  ? 0.3133 0.3462 0.3490 -0.0116 -0.0201 -0.0565 65  ASN A ND2 
551 N N   . GLU A 67  ? 0.3095 0.2957 0.2341 0.0161  -0.0218 -0.0744 66  GLU A N   
552 C CA  . GLU A 67  ? 0.3163 0.2924 0.2347 0.0213  -0.0090 -0.0809 66  GLU A CA  
553 C C   . GLU A 67  ? 0.3311 0.2971 0.2786 0.0209  -0.0038 -0.0719 66  GLU A C   
554 O O   . GLU A 67  ? 0.3182 0.2818 0.2689 0.0271  0.0051  -0.0676 66  GLU A O   
555 C CB  . GLU A 67  ? 0.3736 0.3422 0.2811 0.0203  -0.0119 -0.1060 66  GLU A CB  
556 C CG  . GLU A 67  ? 0.4193 0.3985 0.2837 0.0179  -0.0178 -0.1120 66  GLU A CG  
557 C CD  . GLU A 67  ? 0.5266 0.5017 0.3748 0.0130  -0.0234 -0.1408 66  GLU A CD  
558 O OE1 . GLU A 67  ? 0.5436 0.5095 0.4211 0.0096  -0.0325 -0.1529 66  GLU A OE1 
559 O OE2 . GLU A 67  ? 0.4903 0.4719 0.2950 0.0103  -0.0179 -0.1523 66  GLU A OE2 
560 N N   . HIS A 68  ? 0.2577 0.2186 0.2266 0.0119  -0.0105 -0.0678 67  HIS A N   
561 C CA  . HIS A 68  ? 0.2842 0.2346 0.2711 0.0072  -0.0078 -0.0527 67  HIS A CA  
562 C C   . HIS A 68  ? 0.2598 0.2235 0.2384 0.0079  0.0001  -0.0359 67  HIS A C   
563 O O   . HIS A 68  ? 0.2350 0.1925 0.2156 0.0105  0.0023  -0.0259 67  HIS A O   
564 C CB  . HIS A 68  ? 0.3284 0.2737 0.3343 -0.0077 -0.0130 -0.0485 67  HIS A CB  
565 C CG  . HIS A 68  ? 0.3555 0.2898 0.3686 -0.0173 -0.0107 -0.0276 67  HIS A CG  
566 N ND1 . HIS A 68  ? 0.3903 0.2994 0.4136 -0.0142 -0.0165 -0.0207 67  HIS A ND1 
567 C CD2 . HIS A 68  ? 0.3842 0.3302 0.3930 -0.0304 -0.0039 -0.0118 67  HIS A CD2 
568 C CE1 . HIS A 68  ? 0.4571 0.3602 0.4773 -0.0262 -0.0171 0.0030  67  HIS A CE1 
569 N NE2 . HIS A 68  ? 0.4445 0.3710 0.4522 -0.0377 -0.0073 0.0074  67  HIS A NE2 
570 N N   . VAL A 69  ? 0.2306 0.2126 0.2045 0.0055  0.0020  -0.0341 68  VAL A N   
571 C CA  . VAL A 69  ? 0.2008 0.1954 0.1713 0.0049  0.0102  -0.0233 68  VAL A CA  
572 C C   . VAL A 69  ? 0.2535 0.2481 0.2112 0.0162  0.0146  -0.0222 68  VAL A C   
573 O O   . VAL A 69  ? 0.2549 0.2522 0.2123 0.0162  0.0193  -0.0140 68  VAL A O   
574 C CB  . VAL A 69  ? 0.2379 0.2516 0.2185 0.0014  0.0110  -0.0263 68  VAL A CB  
575 C CG1 . VAL A 69  ? 0.2182 0.2447 0.1985 0.0025  0.0202  -0.0215 68  VAL A CG1 
576 C CG2 . VAL A 69  ? 0.2778 0.2972 0.2777 -0.0130 0.0118  -0.0284 68  VAL A CG2 
577 N N   . ILE A 70  ? 0.2517 0.2448 0.1972 0.0233  0.0133  -0.0311 69  ILE A N   
578 C CA  . ILE A 70  ? 0.2615 0.2568 0.1961 0.0306  0.0216  -0.0311 69  ILE A CA  
579 C C   . ILE A 70  ? 0.2570 0.2456 0.2063 0.0341  0.0246  -0.0316 69  ILE A C   
580 O O   . ILE A 70  ? 0.2465 0.2414 0.2013 0.0365  0.0296  -0.0252 69  ILE A O   
581 C CB  . ILE A 70  ? 0.2723 0.2672 0.1840 0.0329  0.0220  -0.0415 69  ILE A CB  
582 C CG1 . ILE A 70  ? 0.2626 0.2637 0.1609 0.0309  0.0143  -0.0335 69  ILE A CG1 
583 C CG2 . ILE A 70  ? 0.2823 0.2806 0.1874 0.0373  0.0359  -0.0459 69  ILE A CG2 
584 C CD1 . ILE A 70  ? 0.3078 0.3069 0.1750 0.0290  0.0073  -0.0414 69  ILE A CD1 
585 N N   . ARG A 71  ? 0.2500 0.2247 0.2119 0.0345  0.0189  -0.0392 70  ARG A N   
586 C CA  . ARG A 71  ? 0.2349 0.1996 0.2207 0.0395  0.0162  -0.0379 70  ARG A CA  
587 C C   . ARG A 71  ? 0.2847 0.2497 0.2746 0.0336  0.0102  -0.0170 70  ARG A C   
588 O O   . ARG A 71  ? 0.2783 0.2464 0.2808 0.0385  0.0082  -0.0115 70  ARG A O   
589 C CB  . ARG A 71  ? 0.2440 0.1888 0.2479 0.0400  0.0084  -0.0490 70  ARG A CB  
590 C CG  . ARG A 71  ? 0.2612 0.2074 0.2645 0.0471  0.0162  -0.0762 70  ARG A CG  
591 C CD  . ARG A 71  ? 0.2973 0.2213 0.3292 0.0490  0.0081  -0.0920 70  ARG A CD  
592 N NE  . ARG A 71  ? 0.2984 0.2128 0.3228 0.0377  -0.0014 -0.0903 70  ARG A NE  
593 C CZ  . ARG A 71  ? 0.3715 0.2924 0.3750 0.0337  -0.0007 -0.1081 70  ARG A CZ  
594 N NH1 . ARG A 71  ? 0.3373 0.2728 0.3157 0.0378  0.0095  -0.1258 70  ARG A NH1 
595 N NH2 . ARG A 71  ? 0.3389 0.2526 0.3462 0.0232  -0.0113 -0.1079 70  ARG A NH2 
596 N N   . GLU A 72  ? 0.2609 0.2258 0.2408 0.0214  0.0072  -0.0068 71  GLU A N   
597 C CA  . GLU A 72  ? 0.2187 0.1873 0.1923 0.0117  0.0043  0.0105  71  GLU A CA  
598 C C   . GLU A 72  ? 0.2461 0.2341 0.2118 0.0145  0.0118  0.0103  71  GLU A C   
599 O O   . GLU A 72  ? 0.2475 0.2386 0.2120 0.0117  0.0068  0.0200  71  GLU A O   
600 C CB  . GLU A 72  ? 0.2502 0.2210 0.2149 -0.0048 0.0063  0.0160  71  GLU A CB  
601 C CG  . GLU A 72  ? 0.2933 0.2419 0.2693 -0.0113 -0.0024 0.0201  71  GLU A CG  
602 C CD  . GLU A 72  ? 0.4428 0.3706 0.4245 -0.0129 -0.0161 0.0383  71  GLU A CD  
603 O OE1 . GLU A 72  ? 0.4116 0.3425 0.3747 -0.0268 -0.0184 0.0568  71  GLU A OE1 
604 O OE2 . GLU A 72  ? 0.4699 0.3792 0.4752 -0.0008 -0.0254 0.0334  71  GLU A OE2 
605 N N   . LEU A 73  ? 0.2348 0.2338 0.1954 0.0188  0.0209  0.0004  72  LEU A N   
606 C CA  . LEU A 73  ? 0.2303 0.2434 0.1884 0.0205  0.0278  0.0002  72  LEU A CA  
607 C C   . LEU A 73  ? 0.2509 0.2657 0.2201 0.0291  0.0287  -0.0012 72  LEU A C   
608 O O   . LEU A 73  ? 0.2355 0.2600 0.2094 0.0276  0.0291  0.0019  72  LEU A O   
609 C CB  . LEU A 73  ? 0.1811 0.1998 0.1349 0.0229  0.0333  -0.0059 72  LEU A CB  
610 C CG  . LEU A 73  ? 0.2071 0.2324 0.1643 0.0151  0.0331  -0.0077 72  LEU A CG  
611 C CD1 . LEU A 73  ? 0.2708 0.2978 0.2305 0.0205  0.0312  -0.0116 72  LEU A CD1 
612 C CD2 . LEU A 73  ? 0.2664 0.3038 0.2264 0.0077  0.0389  -0.0078 72  LEU A CD2 
613 N N   . HIS A 74  ? 0.2140 0.2220 0.1914 0.0372  0.0298  -0.0091 73  HIS A N   
614 C CA  . HIS A 74  ? 0.2058 0.2198 0.2052 0.0450  0.0322  -0.0139 73  HIS A CA  
615 C C   . HIS A 74  ? 0.2231 0.2356 0.2400 0.0444  0.0174  -0.0032 73  HIS A C   
616 O O   . HIS A 74  ? 0.2238 0.2492 0.2560 0.0461  0.0165  -0.0023 73  HIS A O   
617 C CB  . HIS A 74  ? 0.2618 0.2707 0.2738 0.0533  0.0374  -0.0300 73  HIS A CB  
618 C CG  . HIS A 74  ? 0.3226 0.3368 0.3109 0.0520  0.0521  -0.0409 73  HIS A CG  
619 N ND1 . HIS A 74  ? 0.3871 0.4156 0.3691 0.0502  0.0664  -0.0419 73  HIS A ND1 
620 C CD2 . HIS A 74  ? 0.3635 0.3707 0.3325 0.0508  0.0536  -0.0514 73  HIS A CD2 
621 C CE1 . HIS A 74  ? 0.4470 0.4754 0.4000 0.0465  0.0754  -0.0483 73  HIS A CE1 
622 N NE2 . HIS A 74  ? 0.4171 0.4341 0.3611 0.0474  0.0669  -0.0555 73  HIS A NE2 
623 N N   . HIS A 75  ? 0.2110 0.2072 0.2259 0.0401  0.0036  0.0069  74  HIS A N   
624 C CA  . HIS A 75  ? 0.2364 0.2282 0.2609 0.0371  -0.0151 0.0227  74  HIS A CA  
625 C C   . HIS A 75  ? 0.2728 0.2793 0.2733 0.0250  -0.0155 0.0311  74  HIS A C   
626 O O   . HIS A 75  ? 0.2434 0.2571 0.2523 0.0243  -0.0280 0.0378  74  HIS A O   
627 C CB  . HIS A 75  ? 0.2642 0.2315 0.2870 0.0310  -0.0306 0.0369  74  HIS A CB  
628 C CG  . HIS A 75  ? 0.3350 0.2932 0.3638 0.0268  -0.0552 0.0588  74  HIS A CG  
629 N ND1 . HIS A 75  ? 0.4310 0.3927 0.4979 0.0398  -0.0695 0.0585  74  HIS A ND1 
630 C CD2 . HIS A 75  ? 0.4410 0.3893 0.4402 0.0090  -0.0688 0.0826  74  HIS A CD2 
631 C CE1 . HIS A 75  ? 0.4363 0.3875 0.4975 0.0319  -0.0960 0.0834  74  HIS A CE1 
632 N NE2 . HIS A 75  ? 0.4909 0.4329 0.5059 0.0117  -0.0952 0.0995  74  HIS A NE2 
633 N N   . LEU A 76  ? 0.2260 0.2373 0.1998 0.0147  -0.0037 0.0288  75  LEU A N   
634 C CA  . LEU A 76  ? 0.2282 0.2543 0.1827 0.0024  -0.0019 0.0306  75  LEU A CA  
635 C C   . LEU A 76  ? 0.2375 0.2794 0.2066 0.0085  0.0042  0.0203  75  LEU A C   
636 O O   . LEU A 76  ? 0.2278 0.2810 0.1918 0.0011  -0.0020 0.0213  75  LEU A O   
637 C CB  . LEU A 76  ? 0.2517 0.2832 0.1873 -0.0084 0.0114  0.0249  75  LEU A CB  
638 C CG  . LEU A 76  ? 0.2374 0.2593 0.1547 -0.0231 0.0074  0.0365  75  LEU A CG  
639 C CD1 . LEU A 76  ? 0.2957 0.3273 0.2094 -0.0311 0.0235  0.0253  75  LEU A CD1 
640 C CD2 . LEU A 76  ? 0.3126 0.3379 0.2035 -0.0401 -0.0027 0.0503  75  LEU A CD2 
641 N N   . LEU A 77  ? 0.2042 0.2469 0.1887 0.0194  0.0161  0.0107  76  LEU A N   
642 C CA  . LEU A 77  ? 0.2553 0.3109 0.2564 0.0229  0.0239  0.0032  76  LEU A CA  
643 C C   . LEU A 77  ? 0.2471 0.3107 0.2754 0.0276  0.0128  0.0043  76  LEU A C   
644 O O   . LEU A 77  ? 0.1901 0.2679 0.2312 0.0242  0.0116  0.0008  76  LEU A O   
645 C CB  . LEU A 77  ? 0.2332 0.2858 0.2368 0.0296  0.0389  -0.0031 76  LEU A CB  
646 C CG  . LEU A 77  ? 0.2147 0.2638 0.2018 0.0254  0.0463  -0.0038 76  LEU A CG  
647 C CD1 . LEU A 77  ? 0.2800 0.3226 0.2593 0.0302  0.0548  -0.0050 76  LEU A CD1 
648 C CD2 . LEU A 77  ? 0.2426 0.2998 0.2370 0.0193  0.0501  -0.0069 76  LEU A CD2 
649 N N   . ARG A 78  ? 0.2095 0.2643 0.2542 0.0360  0.0031  0.0075  77  ARG A N   
650 C CA  . ARG A 78  ? 0.2246 0.2864 0.3054 0.0425  -0.0135 0.0095  77  ARG A CA  
651 C C   . ARG A 78  ? 0.2451 0.3118 0.3132 0.0320  -0.0350 0.0220  77  ARG A C   
652 O O   . ARG A 78  ? 0.2358 0.3193 0.3290 0.0326  -0.0448 0.0193  77  ARG A O   
653 C CB  . ARG A 78  ? 0.2697 0.3143 0.3712 0.0527  -0.0250 0.0123  77  ARG A CB  
654 C CG  . ARG A 78  ? 0.3231 0.3767 0.4806 0.0661  -0.0341 0.0048  77  ARG A CG  
655 C CD  . ARG A 78  ? 0.3690 0.4076 0.5543 0.0787  -0.0315 -0.0058 77  ARG A CD  
656 N NE  . ARG A 78  ? 0.5645 0.6081 0.8147 0.0930  -0.0481 -0.0114 77  ARG A NE  
657 C CZ  . ARG A 78  ? 0.5557 0.6272 0.8512 0.0992  -0.0441 -0.0244 77  ARG A CZ  
658 N NH1 . ARG A 78  ? 0.6084 0.7033 0.8906 0.0917  -0.0193 -0.0348 77  ARG A NH1 
659 N NH2 . ARG A 78  ? 0.5763 0.6487 0.9234 0.1082  -0.0633 -0.0261 77  ARG A NH2 
660 N N   . ARG A 79  ? 0.2191 0.2724 0.2489 0.0206  -0.0439 0.0356  78  ARG A N   
661 C CA  . ARG A 79  ? 0.2451 0.3032 0.2482 0.0056  -0.0628 0.0478  78  ARG A CA  
662 C C   . ARG A 79  ? 0.2566 0.3353 0.2473 -0.0039 -0.0512 0.0335  78  ARG A C   
663 O O   . ARG A 79  ? 0.2470 0.3393 0.2389 -0.0106 -0.0672 0.0338  78  ARG A O   
664 C CB  . ARG A 79  ? 0.2787 0.3203 0.2384 -0.0089 -0.0657 0.0630  78  ARG A CB  
665 C CG  . ARG A 79  ? 0.2763 0.2925 0.2491 -0.0026 -0.0808 0.0794  78  ARG A CG  
666 C CD  . ARG A 79  ? 0.3846 0.3846 0.3135 -0.0224 -0.0847 0.0984  78  ARG A CD  
667 N NE  . ARG A 79  ? 0.4431 0.4518 0.3259 -0.0449 -0.0953 0.1112  78  ARG A NE  
668 C CZ  . ARG A 79  ? 0.4968 0.5038 0.3329 -0.0680 -0.0856 0.1189  78  ARG A CZ  
669 N NH1 . ARG A 79  ? 0.4966 0.4939 0.3327 -0.0704 -0.0673 0.1157  78  ARG A NH1 
670 N NH2 . ARG A 79  ? 0.5314 0.5486 0.3296 -0.0877 -0.0898 0.1225  78  ARG A NH2 
671 N N   . LEU A 80  ? 0.2244 0.3045 0.2071 -0.0047 -0.0260 0.0202  79  LEU A N   
672 C CA  . LEU A 80  ? 0.2394 0.3344 0.2177 -0.0130 -0.0148 0.0048  79  LEU A CA  
673 C C   . LEU A 80  ? 0.2362 0.3444 0.2523 -0.0069 -0.0161 -0.0037 79  LEU A C   
674 O O   . LEU A 80  ? 0.2381 0.3606 0.2555 -0.0163 -0.0221 -0.0124 79  LEU A O   
675 C CB  . LEU A 80  ? 0.2646 0.3543 0.2385 -0.0115 0.0082  -0.0051 79  LEU A CB  
676 C CG  . LEU A 80  ? 0.2916 0.3915 0.2682 -0.0189 0.0200  -0.0225 79  LEU A CG  
677 C CD1 . LEU A 80  ? 0.2658 0.3775 0.2136 -0.0366 0.0152  -0.0299 79  LEU A CD1 
678 C CD2 . LEU A 80  ? 0.2849 0.3757 0.2656 -0.0136 0.0361  -0.0271 79  LEU A CD2 
679 N N   . LEU A 81  ? 0.2245 0.3308 0.2726 0.0067  -0.0085 -0.0040 80  LEU A N   
680 C CA  . LEU A 81  ? 0.1899 0.3122 0.2786 0.0098  -0.0061 -0.0126 80  LEU A CA  
681 C C   . LEU A 81  ? 0.2396 0.3761 0.3478 0.0081  -0.0334 -0.0094 80  LEU A C   
682 O O   . LEU A 81  ? 0.2677 0.4214 0.3937 0.0011  -0.0383 -0.0187 80  LEU A O   
683 C CB  . LEU A 81  ? 0.2370 0.3580 0.3525 0.0219  0.0097  -0.0153 80  LEU A CB  
684 C CG  . LEU A 81  ? 0.2288 0.3698 0.3896 0.0225  0.0192  -0.0255 80  LEU A CG  
685 C CD1 . LEU A 81  ? 0.2056 0.3469 0.3595 0.0112  0.0347  -0.0304 80  LEU A CD1 
686 C CD2 . LEU A 81  ? 0.2491 0.3919 0.4307 0.0321  0.0366  -0.0307 80  LEU A CD2 
687 N N   . LYS A 82  ? 0.2081 0.3362 0.3158 0.0141  -0.0545 0.0045  81  LYS A N   
688 C CA  . LYS A 82  ? 0.2220 0.3595 0.3428 0.0117  -0.0886 0.0135  81  LYS A CA  
689 C C   . LYS A 82  ? 0.2706 0.4175 0.3525 -0.0076 -0.0996 0.0116  81  LYS A C   
690 O O   . LYS A 82  ? 0.2489 0.4153 0.3522 -0.0121 -0.1182 0.0061  81  LYS A O   
691 C CB  . LYS A 82  ? 0.2998 0.4166 0.4118 0.0169  -0.1115 0.0348  81  LYS A CB  
692 C CG  . LYS A 82  ? 0.3499 0.4710 0.4768 0.0158  -0.1541 0.0509  81  LYS A CG  
693 C CD  . LYS A 82  ? 0.4393 0.5346 0.5773 0.0255  -0.1772 0.0730  81  LYS A CD  
694 C CE  . LYS A 82  ? 0.5365 0.6288 0.6769 0.0214  -0.2217 0.0946  81  LYS A CE  
695 N NZ  . LYS A 82  ? 0.5455 0.6574 0.7533 0.0349  -0.2330 0.0818  81  LYS A NZ  
696 N N   . GLN A 83  ? 0.3164 0.4527 0.3438 -0.0202 -0.0880 0.0128  82  GLN A N   
697 C CA  . GLN A 83  ? 0.3357 0.4824 0.3200 -0.0410 -0.0970 0.0076  82  GLN A CA  
698 C C   . GLN A 83  ? 0.2999 0.4631 0.3021 -0.0462 -0.0807 -0.0189 82  GLN A C   
699 O O   . GLN A 83  ? 0.3492 0.5289 0.3428 -0.0596 -0.0957 -0.0290 82  GLN A O   
700 C CB  . GLN A 83  ? 0.3555 0.4895 0.2823 -0.0542 -0.0856 0.0134  82  GLN A CB  
701 C CG  . GLN A 83  ? 0.3995 0.5153 0.3035 -0.0557 -0.1074 0.0431  82  GLN A CG  
702 C CD  . GLN A 83  ? 0.5657 0.6727 0.4088 -0.0758 -0.0990 0.0521  82  GLN A CD  
703 O OE1 . GLN A 83  ? 0.5280 0.6497 0.3298 -0.0964 -0.0898 0.0388  82  GLN A OE1 
704 N NE2 . GLN A 83  ? 0.5168 0.6009 0.3577 -0.0710 -0.1001 0.0719  82  GLN A NE2 
705 N N   . VAL A 84  ? 0.2859 0.4437 0.3143 -0.0369 -0.0525 -0.0297 83  VAL A N   
706 C CA  . VAL A 84  ? 0.3196 0.4880 0.3717 -0.0425 -0.0399 -0.0514 83  VAL A CA  
707 C C   . VAL A 84  ? 0.2965 0.4830 0.3975 -0.0398 -0.0541 -0.0549 83  VAL A C   
708 O O   . VAL A 84  ? 0.3065 0.5074 0.4212 -0.0508 -0.0590 -0.0719 83  VAL A O   
709 C CB  . VAL A 84  ? 0.2934 0.4479 0.3592 -0.0354 -0.0100 -0.0570 83  VAL A CB  
710 C CG1 . VAL A 84  ? 0.2627 0.4053 0.2903 -0.0388 0.0015  -0.0582 83  VAL A CG1 
711 C CG2 . VAL A 84  ? 0.3021 0.4498 0.3948 -0.0206 -0.0014 -0.0452 83  VAL A CG2 
712 N N   . LYS A 85  ? 0.2419 0.4300 0.3754 -0.0258 -0.0616 -0.0421 84  LYS A N   
713 C CA  . LYS A 85  ? 0.2521 0.4627 0.4426 -0.0233 -0.0741 -0.0485 84  LYS A CA  
714 C C   . LYS A 85  ? 0.3083 0.5347 0.4911 -0.0327 -0.1125 -0.0469 84  LYS A C   
715 O O   . LYS A 85  ? 0.3247 0.5731 0.5418 -0.0399 -0.1234 -0.0610 84  LYS A O   
716 C CB  . LYS A 85  ? 0.2272 0.4399 0.4631 -0.0056 -0.0695 -0.0414 84  LYS A CB  
717 C CG  . LYS A 85  ? 0.2358 0.4404 0.4824 -0.0009 -0.0312 -0.0466 84  LYS A CG  
718 C CD  . LYS A 85  ? 0.2596 0.4642 0.5352 0.0148  -0.0214 -0.0434 84  LYS A CD  
719 C CE  . LYS A 85  ? 0.2958 0.5252 0.6350 0.0228  -0.0411 -0.0483 84  LYS A CE  
720 N NZ  . LYS A 85  ? 0.3267 0.5598 0.7038 0.0376  -0.0242 -0.0541 84  LYS A NZ  
721 N N   . GLU A 86  ? 0.3262 0.5412 0.4614 -0.0354 -0.1345 -0.0289 85  GLU A N   
722 C CA  . GLU A 86  ? 0.3229 0.5506 0.4381 -0.0476 -0.1750 -0.0225 85  GLU A CA  
723 C C   . GLU A 86  ? 0.3567 0.5962 0.4345 -0.0698 -0.1727 -0.0439 85  GLU A C   
724 O O   . GLU A 86  ? 0.4167 0.6755 0.4941 -0.0814 -0.2036 -0.0489 85  GLU A O   
725 C CB  . GLU A 86  ? 0.4058 0.6138 0.4714 -0.0492 -0.1978 0.0065  85  GLU A CB  
726 C CG  . GLU A 86  ? 0.4785 0.6761 0.5922 -0.0276 -0.2135 0.0264  85  GLU A CG  
727 C CD  . GLU A 86  ? 0.6498 0.8206 0.7168 -0.0302 -0.2359 0.0574  85  GLU A CD  
728 O OE1 . GLU A 86  ? 0.6619 0.8207 0.6559 -0.0484 -0.2268 0.0630  85  GLU A OE1 
729 O OE2 . GLU A 86  ? 0.6245 0.7826 0.7289 -0.0135 -0.2520 0.0717  85  GLU A OE2 
730 N N   . HIS A 87  ? 0.5525 0.6687 0.2512 -0.0527 -0.1010 0.0960  86  HIS A N   
731 C CA  . HIS A 87  ? 0.6474 0.7435 0.2734 -0.0726 -0.1025 0.0568  86  HIS A CA  
732 C C   . HIS A 87  ? 0.6505 0.7427 0.3103 -0.0910 -0.1176 0.0215  86  HIS A C   
733 O O   . HIS A 87  ? 0.6376 0.7010 0.2437 -0.1083 -0.1179 -0.0177 86  HIS A O   
734 C CB  . HIS A 87  ? 0.6169 0.6735 0.2028 -0.0647 -0.0550 0.0410  86  HIS A CB  
735 C CG  . HIS A 87  ? 0.6716 0.7292 0.2167 -0.0514 -0.0380 0.0742  86  HIS A CG  
736 N ND1 . HIS A 87  ? 0.7177 0.7929 0.3011 -0.0381 -0.0476 0.1198  86  HIS A ND1 
737 C CD2 . HIS A 87  ? 0.7254 0.7618 0.2078 -0.0445 -0.0093 0.0676  86  HIS A CD2 
738 C CE1 . HIS A 87  ? 0.7714 0.8316 0.3153 -0.0287 -0.0270 0.1405  86  HIS A CE1 
739 N NE2 . HIS A 87  ? 0.8025 0.8427 0.2829 -0.0318 -0.0032 0.1113  86  HIS A NE2 
740 N N   . ASN A 88  ? 0.5609 0.6783 0.3071 -0.0873 -0.1275 0.0350  87  ASN A N   
741 C CA  . ASN A 88  ? 0.5067 0.6317 0.2963 -0.1071 -0.1455 0.0142  87  ASN A CA  
742 C C   . ASN A 88  ? 0.5798 0.6532 0.3567 -0.1146 -0.1181 -0.0250 87  ASN A C   
743 O O   . ASN A 88  ? 0.6216 0.6784 0.3908 -0.1391 -0.1337 -0.0542 87  ASN A O   
744 C CB  . ASN A 88  ? 0.5578 0.7124 0.3211 -0.1341 -0.1947 0.0096  87  ASN A CB  
745 C CG  . ASN A 88  ? 0.5596 0.7672 0.3701 -0.1188 -0.2170 0.0517  87  ASN A CG  
746 O OD1 . ASN A 88  ? 0.6240 0.8643 0.5160 -0.1071 -0.2151 0.0755  87  ASN A OD1 
747 N ND2 . ASN A 88  ? 0.6162 0.8304 0.3760 -0.1146 -0.2338 0.0612  87  ASN A ND2 
748 N N   . ASN A 89  ? 0.5221 0.5691 0.3024 -0.0942 -0.0784 -0.0248 88  ASN A N   
749 C CA  . ASN A 89  ? 0.5714 0.5722 0.3432 -0.0949 -0.0497 -0.0563 88  ASN A CA  
750 C C   . ASN A 89  ? 0.4804 0.4856 0.3305 -0.0903 -0.0414 -0.0487 88  ASN A C   
751 O O   . ASN A 89  ? 0.4579 0.4704 0.3408 -0.0710 -0.0217 -0.0309 88  ASN A O   
752 C CB  . ASN A 89  ? 0.6090 0.5898 0.3480 -0.0756 -0.0125 -0.0551 88  ASN A CB  
753 C CG  . ASN A 89  ? 0.6475 0.5854 0.3832 -0.0710 0.0194  -0.0846 88  ASN A CG  
754 O OD1 . ASN A 89  ? 0.5904 0.5141 0.3747 -0.0733 0.0217  -0.0934 88  ASN A OD1 
755 N ND2 . ASN A 89  ? 0.8391 0.7579 0.5202 -0.0613 0.0482  -0.0954 88  ASN A ND2 
756 N N   . ASN A 90  ? 0.5101 0.5092 0.3879 -0.1098 -0.0565 -0.0619 89  ASN A N   
757 C CA  . ASN A 90  ? 0.4993 0.5123 0.4490 -0.1052 -0.0492 -0.0453 89  ASN A CA  
758 C C   . ASN A 90  ? 0.4556 0.4370 0.4177 -0.0881 -0.0156 -0.0494 89  ASN A C   
759 O O   . ASN A 90  ? 0.3836 0.3838 0.3866 -0.0739 -0.0051 -0.0285 89  ASN A O   
760 C CB  . ASN A 90  ? 0.5596 0.5783 0.5454 -0.1331 -0.0724 -0.0507 89  ASN A CB  
761 C CG  . ASN A 90  ? 0.7961 0.7556 0.7540 -0.1527 -0.0708 -0.0875 89  ASN A CG  
762 O OD1 . ASN A 90  ? 0.8573 0.7711 0.7956 -0.1383 -0.0415 -0.1032 89  ASN A OD1 
763 N ND2 . ASN A 90  ? 0.8105 0.7699 0.7737 -0.1864 -0.1028 -0.1017 89  ASN A ND2 
764 N N   . LYS A 91  ? 0.5244 0.4600 0.4516 -0.0872 0.0017  -0.0755 90  LYS A N   
765 C CA  . LYS A 91  ? 0.4805 0.3956 0.4316 -0.0675 0.0321  -0.0730 90  LYS A CA  
766 C C   . LYS A 91  ? 0.3927 0.3338 0.3467 -0.0468 0.0461  -0.0536 90  LYS A C   
767 O O   . LYS A 91  ? 0.3263 0.2787 0.3201 -0.0339 0.0559  -0.0373 90  LYS A O   
768 C CB  . LYS A 91  ? 0.5871 0.4478 0.5095 -0.0659 0.0526  -0.1045 90  LYS A CB  
769 C CG  . LYS A 91  ? 0.6124 0.4343 0.5680 -0.0778 0.0509  -0.1151 90  LYS A CG  
770 C CD  . LYS A 91  ? 0.7650 0.5209 0.6839 -0.0788 0.0681  -0.1550 90  LYS A CD  
771 C CE  . LYS A 91  ? 0.7979 0.5141 0.7709 -0.0660 0.0896  -0.1501 90  LYS A CE  
772 N NZ  . LYS A 91  ? 0.9150 0.5980 0.8776 -0.0363 0.1288  -0.1651 90  LYS A NZ  
773 N N   . LEU A 92  ? 0.3674 0.3180 0.2793 -0.0454 0.0453  -0.0533 91  LEU A N   
774 C CA  . LEU A 92  ? 0.3612 0.3323 0.2840 -0.0308 0.0572  -0.0329 91  LEU A CA  
775 C C   . LEU A 92  ? 0.3697 0.3699 0.3293 -0.0281 0.0413  -0.0112 91  LEU A C   
776 O O   . LEU A 92  ? 0.2772 0.2864 0.2632 -0.0178 0.0496  0.0005  91  LEU A O   
777 C CB  . LEU A 92  ? 0.4228 0.3956 0.2938 -0.0308 0.0619  -0.0304 91  LEU A CB  
778 C CG  . LEU A 92  ? 0.4757 0.4246 0.3073 -0.0253 0.0917  -0.0479 91  LEU A CG  
779 C CD1 . LEU A 92  ? 0.4554 0.4173 0.2481 -0.0218 0.1031  -0.0305 91  LEU A CD1 
780 C CD2 . LEU A 92  ? 0.4316 0.3739 0.3132 -0.0111 0.1181  -0.0491 91  LEU A CD2 
781 N N   . TYR A 93  ? 0.3009 0.3177 0.2631 -0.0371 0.0186  -0.0067 92  TYR A N   
782 C CA  . TYR A 93  ? 0.3075 0.3514 0.3053 -0.0299 0.0098  0.0119  92  TYR A CA  
783 C C   . TYR A 93  ? 0.2799 0.3245 0.3113 -0.0229 0.0208  0.0143  92  TYR A C   
784 O O   . TYR A 93  ? 0.2009 0.2539 0.2450 -0.0112 0.0252  0.0226  92  TYR A O   
785 C CB  . TYR A 93  ? 0.2817 0.3511 0.2922 -0.0403 -0.0129 0.0180  92  TYR A CB  
786 C CG  . TYR A 93  ? 0.2707 0.3712 0.3237 -0.0286 -0.0144 0.0364  92  TYR A CG  
787 C CD1 . TYR A 93  ? 0.2251 0.3369 0.2821 -0.0123 -0.0153 0.0509  92  TYR A CD1 
788 C CD2 . TYR A 93  ? 0.2835 0.3985 0.3723 -0.0319 -0.0108 0.0402  92  TYR A CD2 
789 C CE1 . TYR A 93  ? 0.2382 0.3728 0.3308 0.0029  -0.0109 0.0629  92  TYR A CE1 
790 C CE2 . TYR A 93  ? 0.2717 0.4171 0.3935 -0.0176 -0.0048 0.0561  92  TYR A CE2 
791 C CZ  . TYR A 93  ? 0.2574 0.4112 0.3794 0.0009  -0.0041 0.0643  92  TYR A CZ  
792 O OH  . TYR A 93  ? 0.2263 0.4045 0.3774 0.0191  0.0071  0.0751  92  TYR A OH  
793 N N   . ILE A 94  ? 0.2285 0.2608 0.2714 -0.0305 0.0239  0.0072  93  ILE A N   
794 C CA  . ILE A 94  ? 0.2485 0.2855 0.3203 -0.0236 0.0319  0.0172  93  ILE A CA  
795 C C   . ILE A 94  ? 0.2298 0.2591 0.3019 -0.0113 0.0439  0.0175  93  ILE A C   
796 O O   . ILE A 94  ? 0.2535 0.2976 0.3371 -0.0028 0.0439  0.0273  93  ILE A O   
797 C CB  . ILE A 94  ? 0.3488 0.3696 0.4389 -0.0355 0.0327  0.0156  93  ILE A CB  
798 C CG1 . ILE A 94  ? 0.3498 0.3925 0.4599 -0.0508 0.0189  0.0233  93  ILE A CG1 
799 C CG2 . ILE A 94  ? 0.3513 0.3753 0.4662 -0.0259 0.0426  0.0326  93  ILE A CG2 
800 C CD1 . ILE A 94  ? 0.2538 0.3396 0.3821 -0.0405 0.0183  0.0427  93  ILE A CD1 
801 N N   . ALA A 95  ? 0.2530 0.2633 0.3112 -0.0107 0.0539  0.0064  94  ALA A N   
802 C CA  . ALA A 95  ? 0.2503 0.2640 0.3219 -0.0003 0.0655  0.0107  94  ALA A CA  
803 C C   . ALA A 95  ? 0.2457 0.2772 0.3176 0.0014  0.0584  0.0182  94  ALA A C   
804 O O   . ALA A 95  ? 0.2327 0.2768 0.3251 0.0055  0.0558  0.0248  94  ALA A O   
805 C CB  . ALA A 95  ? 0.2859 0.2813 0.3435 0.0019  0.0842  -0.0010 94  ALA A CB  
806 N N   . VAL A 96  ? 0.2163 0.2469 0.2666 -0.0025 0.0528  0.0176  95  VAL A N   
807 C CA  . VAL A 96  ? 0.2223 0.2570 0.2761 -0.0005 0.0483  0.0241  95  VAL A CA  
808 C C   . VAL A 96  ? 0.2316 0.2752 0.2946 0.0047  0.0384  0.0244  95  VAL A C   
809 O O   . VAL A 96  ? 0.2229 0.2658 0.2932 0.0060  0.0346  0.0226  95  VAL A O   
810 C CB  . VAL A 96  ? 0.2155 0.2445 0.2464 -0.0024 0.0455  0.0297  95  VAL A CB  
811 C CG1 . VAL A 96  ? 0.2560 0.2795 0.2972 0.0019  0.0405  0.0375  95  VAL A CG1 
812 C CG2 . VAL A 96  ? 0.2342 0.2555 0.2430 -0.0066 0.0594  0.0304  95  VAL A CG2 
813 N N   . MET A 97  ? 0.2393 0.2919 0.3006 0.0065  0.0347  0.0258  96  MET A N   
814 C CA  . MET A 97  ? 0.2206 0.2857 0.2862 0.0140  0.0330  0.0274  96  MET A CA  
815 C C   . MET A 97  ? 0.2397 0.3089 0.3078 0.0152  0.0325  0.0278  96  MET A C   
816 O O   . MET A 97  ? 0.2417 0.3143 0.2990 0.0205  0.0287  0.0234  96  MET A O   
817 C CB  . MET A 97  ? 0.2035 0.2856 0.2783 0.0133  0.0335  0.0349  96  MET A CB  
818 C CG  . MET A 97  ? 0.2128 0.3049 0.2929 0.0138  0.0278  0.0393  96  MET A CG  
819 S SD  . MET A 97  ? 0.2980 0.3831 0.3746 0.0323  0.0305  0.0379  96  MET A SD  
820 C CE  . MET A 97  ? 0.3709 0.4652 0.4428 0.0437  0.0419  0.0326  96  MET A CE  
821 N N   . SER A 98  ? 0.1867 0.2550 0.2675 0.0117  0.0356  0.0327  97  SER A N   
822 C CA  . SER A 98  ? 0.2047 0.2841 0.2943 0.0152  0.0314  0.0404  97  SER A CA  
823 C C   . SER A 98  ? 0.2380 0.3209 0.3321 0.0125  0.0223  0.0345  97  SER A C   
824 O O   . SER A 98  ? 0.2424 0.3381 0.3292 0.0131  0.0094  0.0347  97  SER A O   
825 C CB  . SER A 98  ? 0.2846 0.3585 0.3967 0.0163  0.0390  0.0497  97  SER A CB  
826 O OG  . SER A 98  ? 0.3493 0.4389 0.4796 0.0218  0.0326  0.0615  97  SER A OG  
827 N N   . VAL A 99  ? 0.1975 0.2706 0.3020 0.0073  0.0279  0.0301  98  VAL A N   
828 C CA  . VAL A 99  ? 0.1947 0.2710 0.3134 -0.0004 0.0197  0.0270  98  VAL A CA  
829 C C   . VAL A 99  ? 0.1797 0.2428 0.2753 -0.0026 0.0081  0.0139  98  VAL A C   
830 O O   . VAL A 99  ? 0.2518 0.3186 0.3484 -0.0098 -0.0081 0.0064  98  VAL A O   
831 C CB  . VAL A 99  ? 0.1893 0.2579 0.3222 -0.0056 0.0338  0.0302  98  VAL A CB  
832 C CG1 . VAL A 99  ? 0.1714 0.2448 0.3306 -0.0182 0.0258  0.0314  98  VAL A CG1 
833 C CG2 . VAL A 99  ? 0.1661 0.2435 0.3181 0.0007  0.0511  0.0375  98  VAL A CG2 
834 N N   . ILE A 100 ? 0.1870 0.2336 0.2627 0.0036  0.0152  0.0097  99  ILE A N   
835 C CA  . ILE A 100 ? 0.1824 0.2106 0.2385 0.0078  0.0103  -0.0044 99  ILE A CA  
836 C C   . ILE A 100 ? 0.2496 0.2893 0.2814 0.0125  0.0023  -0.0134 99  ILE A C   
837 O O   . ILE A 100 ? 0.2586 0.2830 0.2713 0.0093  -0.0087 -0.0320 99  ILE A O   
838 C CB  . ILE A 100 ? 0.2023 0.2211 0.2515 0.0195  0.0210  -0.0011 99  ILE A CB  
839 C CG1 . ILE A 100 ? 0.2364 0.2395 0.2984 0.0143  0.0242  0.0086  99  ILE A CG1 
840 C CG2 . ILE A 100 ? 0.3120 0.3183 0.3420 0.0336  0.0238  -0.0151 99  ILE A CG2 
841 C CD1 . ILE A 100 ? 0.2847 0.2910 0.3441 0.0249  0.0286  0.0199  99  ILE A CD1 
842 N N   . MET A 101 ? 0.2527 0.3162 0.2809 0.0185  0.0070  -0.0003 100 MET A N   
843 C CA  . MET A 101 ? 0.3141 0.3927 0.3118 0.0243  0.0020  -0.0017 100 MET A CA  
844 C C   . MET A 101 ? 0.2857 0.3768 0.2835 0.0138  -0.0208 -0.0027 100 MET A C   
845 O O   . MET A 101 ? 0.3469 0.4419 0.3056 0.0140  -0.0336 -0.0142 100 MET A O   
846 C CB  . MET A 101 ? 0.2741 0.3738 0.2774 0.0310  0.0144  0.0204  100 MET A CB  
847 C CG  . MET A 101 ? 0.2558 0.3541 0.2604 0.0394  0.0315  0.0209  100 MET A CG  
848 S SD  . MET A 101 ? 0.3204 0.4463 0.3331 0.0430  0.0458  0.0472  100 MET A SD  
849 C CE  . MET A 101 ? 0.2110 0.3400 0.2554 0.0428  0.0559  0.0493  100 MET A CE  
850 N N   . GLN A 102 ? 0.2795 0.3797 0.3201 0.0048  -0.0263 0.0086  101 GLN A N   
851 C CA  . GLN A 102 ? 0.2875 0.4101 0.3439 -0.0058 -0.0507 0.0119  101 GLN A CA  
852 C C   . GLN A 102 ? 0.2932 0.3982 0.3472 -0.0227 -0.0683 -0.0119 101 GLN A C   
853 O O   . GLN A 102 ? 0.2968 0.4177 0.3425 -0.0343 -0.0964 -0.0188 101 GLN A O   
854 C CB  . GLN A 102 ? 0.2660 0.4098 0.3801 -0.0067 -0.0464 0.0340  101 GLN A CB  
855 C CG  . GLN A 102 ? 0.3367 0.4893 0.4612 0.0083  -0.0311 0.0564  101 GLN A CG  
856 C CD  . GLN A 102 ? 0.3766 0.5297 0.5504 0.0112  -0.0140 0.0664  101 GLN A CD  
857 O OE1 . GLN A 102 ? 0.3949 0.5687 0.6099 0.0060  -0.0200 0.0719  101 GLN A OE1 
858 N NE2 . GLN A 102 ? 0.4135 0.5451 0.5840 0.0188  0.0081  0.0674  101 GLN A NE2 
859 N N   . LEU A 103 ? 0.2708 0.3433 0.3350 -0.0266 -0.0553 -0.0223 102 LEU A N   
860 C CA  . LEU A 103 ? 0.3046 0.3505 0.3720 -0.0448 -0.0712 -0.0439 102 LEU A CA  
861 C C   . LEU A 103 ? 0.4697 0.4876 0.4765 -0.0412 -0.0808 -0.0750 102 LEU A C   
862 O O   . LEU A 103 ? 0.4241 0.4271 0.4200 -0.0597 -0.1061 -0.0983 102 LEU A O   
863 C CB  . LEU A 103 ? 0.2818 0.2959 0.3745 -0.0476 -0.0527 -0.0407 102 LEU A CB  
864 C CG  . LEU A 103 ? 0.3170 0.2974 0.4314 -0.0695 -0.0641 -0.0538 102 LEU A CG  
865 C CD1 . LEU A 103 ? 0.3124 0.3263 0.4725 -0.0959 -0.0894 -0.0485 102 LEU A CD1 
866 C CD2 . LEU A 103 ? 0.3023 0.2574 0.4402 -0.0676 -0.0410 -0.0374 102 LEU A CD2 
867 N N   . GLU A 104 ? 0.4297 0.4408 0.3977 -0.0184 -0.0602 -0.0770 103 GLU A N   
868 C CA  . GLU A 104 ? 0.5661 0.5528 0.4724 -0.0071 -0.0577 -0.1055 103 GLU A CA  
869 C C   . GLU A 104 ? 0.5322 0.5531 0.3925 -0.0062 -0.0736 -0.1045 103 GLU A C   
870 O O   . GLU A 104 ? 0.6782 0.6919 0.5017 -0.0201 -0.1007 -0.1291 103 GLU A O   
871 C CB  . GLU A 104 ? 0.5606 0.5378 0.4598 0.0188  -0.0243 -0.0999 103 GLU A CB  
872 C CG  . GLU A 104 ? 0.6222 0.5739 0.5671 0.0193  -0.0122 -0.0914 103 GLU A CG  
873 C CD  . GLU A 104 ? 0.6867 0.6050 0.6203 0.0416  0.0092  -0.1037 103 GLU A CD  
874 O OE1 . GLU A 104 ? 0.7929 0.6935 0.6814 0.0545  0.0156  -0.1303 103 GLU A OE1 
875 O OE2 . GLU A 104 ? 0.6006 0.5117 0.5691 0.0482  0.0201  -0.0860 103 GLU A OE2 
# 
